data_9PGV
#
_entry.id   9PGV
#
_cell.length_a   94.740
_cell.length_b   156.550
_cell.length_c   119.230
_cell.angle_alpha   90.000
_cell.angle_beta   97.052
_cell.angle_gamma   90.000
#
_symmetry.space_group_name_H-M   'P 1 21 1'
#
loop_
_entity.id
_entity.type
_entity.pdbx_description
1 polymer 'HIV-1 capsid'
2 non-polymer N-methyl-N-phenyl-3-(pyridin-3-yl)-N~2~-{[3-(trifluoromethyl)-4,5,6,7-tetrahydro-1H-indazol-1-yl]acetyl}-L-alaninamide
3 water water
#
_entity_poly.entity_id   1
_entity_poly.type   'polypeptide(L)'
_entity_poly.pdbx_seq_one_letter_code
;MPIVQNLQGQMVHQCISPRTLNAWVKVVEEKAFSPEVIPMFSALSCGATPQDLNTMLNTVGGHQAAMQMLKETINEEAAE
WDRLHPVHAGPIAPGQMREPRGSDIAGTTSTLQEQIGWMTHNPPIPVGEIYKRWIILGLNKIVRMYSPTSILDIRQGPKE
PFRDYVDRFYKTLRAEQASQEVKNAATETLLVQNANPDCKTILKALGPGATLEEMMTACQGVGGPGHKARVL
;
_entity_poly.pdbx_strand_id   A,B,C,D,E,F,G,H,I,J,K,L
#
# COMPACT_ATOMS: atom_id res chain seq x y z
N PRO A 2 14.18 -0.52 -18.19
CA PRO A 2 12.93 -1.09 -18.71
C PRO A 2 11.68 -0.51 -18.05
N ILE A 3 10.54 -0.60 -18.73
CA ILE A 3 9.28 -0.07 -18.22
C ILE A 3 8.46 -1.25 -17.68
N VAL A 4 8.37 -1.33 -16.35
CA VAL A 4 7.62 -2.37 -15.66
C VAL A 4 6.42 -1.70 -15.02
N GLN A 5 5.77 -2.39 -14.08
CA GLN A 5 4.60 -1.82 -13.42
C GLN A 5 4.76 -1.92 -11.92
N ASN A 6 4.48 -0.82 -11.23
CA ASN A 6 4.48 -0.85 -9.79
C ASN A 6 3.18 -1.46 -9.28
N LEU A 7 3.13 -1.69 -7.97
CA LEU A 7 1.95 -2.27 -7.34
C LEU A 7 0.73 -1.38 -7.53
N GLN A 8 0.92 -0.09 -7.81
CA GLN A 8 -0.20 0.82 -8.03
C GLN A 8 -0.67 0.78 -9.48
N GLY A 9 -0.48 -0.35 -10.15
CA GLY A 9 -0.95 -0.53 -11.52
C GLY A 9 -0.47 0.49 -12.51
N GLN A 10 0.64 1.17 -12.24
CA GLN A 10 1.18 2.18 -13.14
C GLN A 10 2.49 1.69 -13.75
N MET A 11 2.73 2.07 -15.00
CA MET A 11 3.95 1.68 -15.71
C MET A 11 5.08 2.62 -15.30
N VAL A 12 6.05 2.09 -14.57
CA VAL A 12 7.17 2.87 -14.05
C VAL A 12 8.46 2.43 -14.76
N HIS A 13 9.42 3.35 -14.85
CA HIS A 13 10.72 3.06 -15.44
C HIS A 13 11.67 2.55 -14.37
N GLN A 14 12.47 1.54 -14.73
CA GLN A 14 13.40 0.89 -13.82
C GLN A 14 14.77 0.83 -14.49
N CYS A 15 15.82 0.83 -13.67
CA CYS A 15 17.17 0.70 -14.18
C CYS A 15 17.43 -0.74 -14.63
N ILE A 16 18.21 -0.90 -15.70
CA ILE A 16 18.64 -2.23 -16.13
C ILE A 16 19.44 -2.88 -15.00
N SER A 17 19.16 -4.15 -14.73
CA SER A 17 19.86 -4.82 -13.65
C SER A 17 21.29 -5.16 -14.07
N PRO A 18 22.25 -5.16 -13.13
CA PRO A 18 23.59 -5.68 -13.47
C PRO A 18 23.56 -7.11 -13.91
N ARG A 19 22.55 -7.87 -13.46
CA ARG A 19 22.41 -9.26 -13.87
C ARG A 19 22.11 -9.37 -15.36
N THR A 20 21.12 -8.59 -15.83
CA THR A 20 20.78 -8.62 -17.25
C THR A 20 21.92 -8.11 -18.11
N LEU A 21 22.61 -7.06 -17.65
CA LEU A 21 23.76 -6.52 -18.38
C LEU A 21 24.84 -7.58 -18.55
N ASN A 22 25.31 -8.15 -17.43
CA ASN A 22 26.33 -9.19 -17.48
C ASN A 22 25.86 -10.40 -18.28
N ALA A 23 24.56 -10.70 -18.23
CA ALA A 23 24.05 -11.87 -18.96
C ALA A 23 24.20 -11.69 -20.46
N TRP A 24 23.71 -10.56 -20.99
CA TRP A 24 23.78 -10.33 -22.43
C TRP A 24 25.23 -10.27 -22.92
N VAL A 25 26.11 -9.69 -22.10
CA VAL A 25 27.53 -9.63 -22.47
C VAL A 25 28.11 -11.03 -22.57
N LYS A 26 27.84 -11.87 -21.57
CA LYS A 26 28.36 -13.24 -21.57
C LYS A 26 27.75 -14.07 -22.69
N VAL A 27 26.49 -13.80 -23.05
CA VAL A 27 25.85 -14.54 -24.14
C VAL A 27 26.62 -14.34 -25.44
N VAL A 28 26.96 -13.08 -25.75
CA VAL A 28 27.66 -12.79 -27.00
C VAL A 28 29.09 -13.31 -26.94
N GLU A 29 29.72 -13.23 -25.76
CA GLU A 29 31.12 -13.65 -25.64
C GLU A 29 31.27 -15.16 -25.78
N GLU A 30 30.29 -15.93 -25.32
CA GLU A 30 30.40 -17.39 -25.31
C GLU A 30 29.71 -18.06 -26.48
N LYS A 31 28.62 -17.48 -27.00
CA LYS A 31 27.87 -18.10 -28.09
C LYS A 31 28.03 -17.37 -29.41
N ALA A 32 28.82 -16.29 -29.46
CA ALA A 32 28.99 -15.48 -30.66
C ALA A 32 27.64 -15.09 -31.26
N PHE A 33 27.38 -15.53 -32.48
CA PHE A 33 26.11 -15.25 -33.16
C PHE A 33 25.48 -16.54 -33.64
N SER A 34 25.45 -17.54 -32.77
CA SER A 34 24.64 -18.72 -33.01
C SER A 34 23.16 -18.33 -32.93
N PRO A 35 22.27 -19.07 -33.62
CA PRO A 35 20.86 -18.63 -33.73
C PRO A 35 20.15 -18.39 -32.41
N GLU A 36 20.60 -19.03 -31.33
CA GLU A 36 19.94 -18.92 -30.04
C GLU A 36 20.24 -17.60 -29.32
N VAL A 37 21.13 -16.78 -29.88
CA VAL A 37 21.41 -15.50 -29.25
C VAL A 37 20.26 -14.50 -29.47
N ILE A 38 19.56 -14.57 -30.60
CA ILE A 38 18.43 -13.68 -30.90
C ILE A 38 17.32 -13.85 -29.87
N PRO A 39 16.78 -15.05 -29.62
CA PRO A 39 15.73 -15.17 -28.59
C PRO A 39 16.23 -14.81 -27.20
N MET A 40 17.52 -14.97 -26.94
CA MET A 40 18.08 -14.56 -25.66
C MET A 40 18.10 -13.04 -25.53
N PHE A 41 18.33 -12.34 -26.64
CA PHE A 41 18.31 -10.88 -26.62
C PHE A 41 16.89 -10.36 -26.40
N SER A 42 15.92 -10.92 -27.12
CA SER A 42 14.55 -10.46 -27.00
C SER A 42 14.01 -10.67 -25.59
N ALA A 43 14.42 -11.77 -24.95
CA ALA A 43 13.96 -12.05 -23.59
C ALA A 43 14.67 -11.15 -22.57
N LEU A 44 15.96 -10.91 -22.76
CA LEU A 44 16.70 -10.03 -21.86
C LEU A 44 16.34 -8.56 -22.07
N SER A 45 15.72 -8.23 -23.21
CA SER A 45 15.27 -6.88 -23.50
C SER A 45 13.77 -6.71 -23.31
N CYS A 46 13.15 -7.56 -22.50
CA CYS A 46 11.71 -7.52 -22.29
C CYS A 46 11.31 -6.21 -21.62
N GLY A 47 10.45 -5.45 -22.28
CA GLY A 47 9.99 -4.18 -21.74
C GLY A 47 11.02 -3.08 -21.77
N ALA A 48 11.98 -3.14 -22.69
CA ALA A 48 13.08 -2.19 -22.72
C ALA A 48 12.71 -0.95 -23.52
N THR A 49 13.21 0.20 -23.06
CA THR A 49 13.10 1.42 -23.84
C THR A 49 14.18 1.44 -24.91
N PRO A 50 14.04 2.30 -25.94
CA PRO A 50 15.14 2.44 -26.91
C PRO A 50 16.50 2.68 -26.28
N GLN A 51 16.54 3.43 -25.17
CA GLN A 51 17.81 3.68 -24.48
C GLN A 51 18.37 2.39 -23.90
N ASP A 52 17.52 1.54 -23.33
CA ASP A 52 17.97 0.26 -22.80
C ASP A 52 18.55 -0.62 -23.91
N LEU A 53 17.93 -0.60 -25.09
CA LEU A 53 18.42 -1.40 -26.21
C LEU A 53 19.79 -0.91 -26.67
N ASN A 54 19.99 0.41 -26.76
CA ASN A 54 21.30 0.95 -27.13
C ASN A 54 22.34 0.61 -26.08
N THR A 55 21.95 0.60 -24.81
CA THR A 55 22.89 0.25 -23.74
C THR A 55 23.36 -1.20 -23.88
N MET A 56 22.42 -2.12 -24.14
CA MET A 56 22.78 -3.52 -24.30
C MET A 56 23.68 -3.73 -25.52
N LEU A 57 23.36 -3.09 -26.64
CA LEU A 57 24.20 -3.22 -27.82
C LEU A 57 25.57 -2.61 -27.59
N ASN A 58 25.64 -1.53 -26.81
CA ASN A 58 26.92 -0.85 -26.58
C ASN A 58 27.81 -1.61 -25.59
N THR A 59 27.23 -2.43 -24.71
CA THR A 59 28.07 -3.22 -23.82
C THR A 59 28.79 -4.35 -24.55
N VAL A 60 28.42 -4.64 -25.79
CA VAL A 60 29.15 -5.60 -26.61
C VAL A 60 30.42 -4.93 -27.12
N GLY A 61 31.58 -5.48 -26.76
CA GLY A 61 32.84 -4.89 -27.13
C GLY A 61 33.53 -5.58 -28.29
N GLY A 62 33.25 -6.87 -28.46
CA GLY A 62 33.77 -7.60 -29.60
C GLY A 62 32.80 -7.60 -30.77
N HIS A 63 33.20 -8.29 -31.83
CA HIS A 63 32.36 -8.45 -33.02
C HIS A 63 31.88 -7.11 -33.55
N GLN A 64 32.76 -6.10 -33.49
CA GLN A 64 32.36 -4.76 -33.90
C GLN A 64 32.03 -4.67 -35.38
N ALA A 65 32.46 -5.65 -36.19
CA ALA A 65 32.04 -5.69 -37.58
C ALA A 65 30.56 -6.00 -37.70
N ALA A 66 30.07 -6.98 -36.94
CA ALA A 66 28.66 -7.32 -36.96
C ALA A 66 27.81 -6.19 -36.37
N MET A 67 28.31 -5.55 -35.31
CA MET A 67 27.58 -4.45 -34.69
C MET A 67 27.44 -3.29 -35.66
N GLN A 68 28.47 -3.00 -36.45
CA GLN A 68 28.37 -1.95 -37.45
C GLN A 68 27.33 -2.30 -38.52
N MET A 69 27.33 -3.56 -38.97
CA MET A 69 26.27 -4.04 -39.86
C MET A 69 24.89 -3.82 -39.24
N LEU A 70 24.76 -4.11 -37.94
CA LEU A 70 23.49 -3.89 -37.24
C LEU A 70 23.10 -2.42 -37.29
N LYS A 71 24.06 -1.52 -37.08
CA LYS A 71 23.78 -0.09 -37.22
C LYS A 71 23.27 0.25 -38.60
N GLU A 72 23.86 -0.36 -39.63
CA GLU A 72 23.46 -0.06 -41.00
C GLU A 72 22.03 -0.55 -41.28
N THR A 73 21.67 -1.71 -40.73
CA THR A 73 20.29 -2.18 -40.87
C THR A 73 19.33 -1.27 -40.10
N ILE A 74 19.74 -0.82 -38.91
CA ILE A 74 18.89 0.07 -38.11
C ILE A 74 18.60 1.36 -38.86
N ASN A 75 19.60 1.90 -39.57
CA ASN A 75 19.39 3.13 -40.33
C ASN A 75 18.44 2.93 -41.50
N GLU A 76 18.47 1.75 -42.13
CA GLU A 76 17.56 1.48 -43.24
C GLU A 76 16.12 1.42 -42.75
N GLU A 77 15.87 0.71 -41.64
CA GLU A 77 14.53 0.61 -41.09
C GLU A 77 14.03 1.95 -40.57
N ALA A 78 14.94 2.81 -40.13
CA ALA A 78 14.54 4.14 -39.67
C ALA A 78 14.06 5.00 -40.84
N ALA A 79 14.78 4.97 -41.95
CA ALA A 79 14.35 5.71 -43.14
C ALA A 79 13.01 5.18 -43.65
N GLU A 80 12.79 3.87 -43.55
CA GLU A 80 11.52 3.29 -43.94
C GLU A 80 10.38 3.82 -43.10
N TRP A 81 10.58 3.88 -41.77
CA TRP A 81 9.55 4.39 -40.87
C TRP A 81 9.23 5.85 -41.18
N ASP A 82 10.26 6.64 -41.49
CA ASP A 82 10.03 8.04 -41.83
C ASP A 82 9.13 8.19 -43.05
N ARG A 83 8.98 7.14 -43.85
CA ARG A 83 8.10 7.13 -45.01
C ARG A 83 6.68 6.64 -44.68
N LEU A 84 6.57 5.45 -44.09
CA LEU A 84 5.22 5.01 -43.75
C LEU A 84 4.63 5.77 -42.57
N HIS A 85 5.40 6.60 -41.87
CA HIS A 85 4.86 7.50 -40.86
C HIS A 85 5.62 8.82 -40.91
N PRO A 86 5.26 9.70 -41.87
CA PRO A 86 5.94 11.01 -41.95
C PRO A 86 5.65 11.89 -40.74
N GLY A 90 5.52 21.13 -34.88
CA GLY A 90 4.08 21.11 -34.80
C GLY A 90 3.58 21.21 -33.37
N PRO A 91 2.57 22.05 -33.14
CA PRO A 91 2.05 22.25 -31.78
C PRO A 91 1.42 20.97 -31.23
N ILE A 92 1.92 20.53 -30.08
CA ILE A 92 1.49 19.28 -29.46
C ILE A 92 0.39 19.59 -28.47
N ALA A 93 -0.77 18.93 -28.62
CA ALA A 93 -1.90 19.15 -27.74
C ALA A 93 -1.52 18.79 -26.30
N PRO A 94 -2.11 19.45 -25.31
CA PRO A 94 -1.80 19.12 -23.91
C PRO A 94 -2.20 17.69 -23.58
N GLY A 95 -1.34 17.03 -22.80
CA GLY A 95 -1.54 15.64 -22.46
C GLY A 95 -1.09 14.65 -23.50
N GLN A 96 -0.71 15.09 -24.69
CA GLN A 96 -0.30 14.23 -25.79
C GLN A 96 1.20 14.35 -26.01
N MET A 97 1.70 13.66 -27.05
CA MET A 97 3.13 13.59 -27.31
C MET A 97 3.40 13.76 -28.80
N ARG A 98 4.65 14.12 -29.11
CA ARG A 98 5.11 14.29 -30.48
C ARG A 98 5.07 12.97 -31.24
N GLU A 99 4.95 13.05 -32.56
CA GLU A 99 5.00 11.85 -33.38
C GLU A 99 6.43 11.37 -33.51
N PRO A 100 6.71 10.07 -33.30
CA PRO A 100 8.10 9.59 -33.30
C PRO A 100 8.60 9.37 -34.72
N ARG A 101 9.78 9.90 -35.00
CA ARG A 101 10.47 9.62 -36.25
C ARG A 101 11.44 8.45 -36.05
N GLY A 102 12.02 7.98 -37.16
CA GLY A 102 12.89 6.82 -37.10
C GLY A 102 14.08 7.04 -36.19
N SER A 103 14.66 8.24 -36.22
CA SER A 103 15.76 8.56 -35.33
C SER A 103 15.32 8.57 -33.87
N ASP A 104 14.04 8.89 -33.62
CA ASP A 104 13.52 8.87 -32.26
C ASP A 104 13.39 7.43 -31.75
N ILE A 105 12.92 6.52 -32.61
CA ILE A 105 12.76 5.12 -32.19
C ILE A 105 14.11 4.49 -31.88
N ALA A 106 15.13 4.82 -32.67
CA ALA A 106 16.46 4.28 -32.45
C ALA A 106 17.18 4.91 -31.27
N GLY A 107 16.64 5.98 -30.70
CA GLY A 107 17.25 6.63 -29.56
C GLY A 107 18.36 7.60 -29.87
N THR A 108 18.53 7.96 -31.14
CA THR A 108 19.59 8.90 -31.51
C THR A 108 19.16 10.34 -31.25
N THR A 109 17.92 10.69 -31.59
CA THR A 109 17.42 12.04 -31.43
C THR A 109 16.29 12.13 -30.41
N SER A 110 16.06 11.08 -29.63
CA SER A 110 14.98 11.06 -28.65
C SER A 110 15.57 11.10 -27.24
N THR A 111 14.67 11.30 -26.26
CA THR A 111 15.05 11.37 -24.86
C THR A 111 14.32 10.27 -24.09
N LEU A 112 14.92 9.85 -22.97
CA LEU A 112 14.29 8.82 -22.15
C LEU A 112 12.91 9.25 -21.68
N GLN A 113 12.75 10.53 -21.34
CA GLN A 113 11.46 11.03 -20.89
C GLN A 113 10.42 10.95 -22.00
N GLU A 114 10.82 11.29 -23.23
CA GLU A 114 9.93 11.09 -24.37
C GLU A 114 9.63 9.61 -24.59
N GLN A 115 10.66 8.76 -24.46
CA GLN A 115 10.47 7.33 -24.66
C GLN A 115 9.50 6.76 -23.63
N ILE A 116 9.71 7.09 -22.35
CA ILE A 116 8.80 6.66 -21.29
C ILE A 116 7.39 7.11 -21.61
N GLY A 117 7.24 8.35 -22.08
CA GLY A 117 5.92 8.88 -22.38
C GLY A 117 5.21 8.10 -23.47
N TRP A 118 5.90 7.82 -24.58
CA TRP A 118 5.29 7.06 -25.67
C TRP A 118 4.86 5.68 -25.21
N MET A 119 5.69 5.00 -24.41
CA MET A 119 5.40 3.65 -23.97
C MET A 119 4.38 3.60 -22.84
N THR A 120 4.10 4.73 -22.19
CA THR A 120 3.08 4.79 -21.15
C THR A 120 1.82 5.55 -21.57
N HIS A 121 1.81 6.14 -22.76
CA HIS A 121 0.65 6.90 -23.22
C HIS A 121 -0.61 6.05 -23.20
N ASN A 122 -1.73 6.68 -22.81
CA ASN A 122 -3.01 5.96 -22.86
C ASN A 122 -3.30 5.44 -24.26
N PRO A 123 -3.04 6.16 -25.34
CA PRO A 123 -2.86 5.49 -26.64
C PRO A 123 -1.41 5.10 -26.80
N PRO A 124 -1.06 3.84 -26.56
CA PRO A 124 0.35 3.46 -26.45
C PRO A 124 1.08 3.50 -27.78
N ILE A 125 2.35 3.89 -27.73
CA ILE A 125 3.26 3.85 -28.87
C ILE A 125 4.50 3.08 -28.45
N PRO A 126 4.60 1.77 -28.78
CA PRO A 126 5.74 0.95 -28.29
C PRO A 126 7.02 1.15 -29.10
N VAL A 127 7.69 2.28 -28.85
CA VAL A 127 8.93 2.59 -29.57
C VAL A 127 9.98 1.52 -29.31
N GLY A 128 10.01 0.99 -28.09
CA GLY A 128 10.99 -0.05 -27.78
C GLY A 128 10.76 -1.32 -28.56
N GLU A 129 9.50 -1.74 -28.69
CA GLU A 129 9.19 -2.95 -29.44
C GLU A 129 9.42 -2.76 -30.94
N ILE A 130 9.28 -1.53 -31.43
CA ILE A 130 9.57 -1.25 -32.83
C ILE A 130 11.08 -1.27 -33.08
N TYR A 131 11.85 -0.69 -32.17
CA TYR A 131 13.31 -0.73 -32.27
C TYR A 131 13.83 -2.15 -32.17
N LYS A 132 13.31 -2.92 -31.21
CA LYS A 132 13.72 -4.31 -31.05
C LYS A 132 13.48 -5.10 -32.34
N ARG A 133 12.36 -4.81 -33.02
CA ARG A 133 12.08 -5.48 -34.29
C ARG A 133 13.16 -5.17 -35.32
N TRP A 134 13.61 -3.91 -35.37
CA TRP A 134 14.67 -3.53 -36.30
C TRP A 134 15.98 -4.22 -35.93
N ILE A 135 16.26 -4.33 -34.63
CA ILE A 135 17.49 -4.96 -34.18
C ILE A 135 17.49 -6.45 -34.51
N ILE A 136 16.34 -7.11 -34.31
CA ILE A 136 16.24 -8.55 -34.58
C ILE A 136 16.39 -8.83 -36.06
N LEU A 137 15.85 -7.95 -36.92
CA LEU A 137 16.05 -8.08 -38.35
C LEU A 137 17.53 -8.01 -38.70
N GLY A 138 18.28 -7.15 -38.00
CA GLY A 138 19.71 -7.07 -38.24
C GLY A 138 20.46 -8.27 -37.70
N LEU A 139 20.08 -8.76 -36.52
CA LEU A 139 20.70 -9.94 -35.96
C LEU A 139 20.43 -11.17 -36.81
N ASN A 140 19.26 -11.24 -37.44
CA ASN A 140 18.98 -12.33 -38.38
C ASN A 140 20.00 -12.36 -39.51
N LYS A 141 20.36 -11.18 -40.04
CA LYS A 141 21.37 -11.13 -41.09
C LYS A 141 22.73 -11.57 -40.58
N ILE A 142 23.09 -11.19 -39.35
CA ILE A 142 24.38 -11.55 -38.79
C ILE A 142 24.47 -13.07 -38.61
N VAL A 143 23.39 -13.68 -38.11
CA VAL A 143 23.38 -15.13 -37.91
C VAL A 143 23.54 -15.87 -39.23
N ARG A 144 22.89 -15.36 -40.29
CA ARG A 144 23.04 -15.97 -41.61
C ARG A 144 24.49 -15.92 -42.09
N MET A 145 25.14 -14.77 -41.91
CA MET A 145 26.51 -14.62 -42.42
C MET A 145 27.51 -15.44 -41.62
N TYR A 146 27.26 -15.61 -40.31
CA TYR A 146 28.17 -16.36 -39.46
C TYR A 146 27.97 -17.87 -39.54
N SER A 147 27.01 -18.33 -40.32
CA SER A 147 26.83 -19.76 -40.53
C SER A 147 27.99 -20.27 -41.38
N PRO A 148 28.85 -21.15 -40.86
CA PRO A 148 30.06 -21.53 -41.61
C PRO A 148 29.77 -22.36 -42.85
N THR A 149 28.61 -23.02 -42.92
CA THR A 149 28.32 -23.94 -44.00
C THR A 149 26.92 -23.68 -44.53
N SER A 150 26.72 -24.00 -45.81
CA SER A 150 25.40 -23.93 -46.42
C SER A 150 24.67 -25.25 -46.20
N ILE A 151 23.34 -25.19 -46.28
CA ILE A 151 22.54 -26.39 -46.06
C ILE A 151 22.77 -27.42 -47.17
N LEU A 152 23.11 -26.96 -48.37
CA LEU A 152 23.33 -27.86 -49.49
C LEU A 152 24.65 -28.62 -49.38
N ASP A 153 25.51 -28.23 -48.44
CA ASP A 153 26.82 -28.86 -48.25
C ASP A 153 26.90 -29.63 -46.92
N ILE A 154 25.76 -29.94 -46.32
CA ILE A 154 25.70 -30.74 -45.10
C ILE A 154 25.50 -32.19 -45.52
N ARG A 155 26.55 -33.00 -45.38
CA ARG A 155 26.56 -34.38 -45.82
C ARG A 155 27.00 -35.29 -44.68
N GLN A 156 26.30 -36.42 -44.52
CA GLN A 156 26.64 -37.37 -43.48
C GLN A 156 27.96 -38.06 -43.82
N GLY A 157 28.90 -38.07 -42.86
CA GLY A 157 30.14 -38.76 -43.03
C GLY A 157 29.97 -40.26 -43.12
N PRO A 158 31.08 -40.97 -43.35
CA PRO A 158 30.97 -42.43 -43.51
C PRO A 158 30.67 -43.16 -42.22
N LYS A 159 31.31 -42.77 -41.12
CA LYS A 159 31.06 -43.36 -39.82
C LYS A 159 30.34 -42.40 -38.88
N GLU A 160 29.79 -41.31 -39.41
CA GLU A 160 29.10 -40.33 -38.59
C GLU A 160 27.71 -40.83 -38.23
N PRO A 161 27.35 -40.90 -36.95
CA PRO A 161 26.00 -41.31 -36.57
C PRO A 161 24.96 -40.36 -37.18
N PHE A 162 23.85 -40.94 -37.64
CA PHE A 162 22.77 -40.15 -38.21
C PHE A 162 22.37 -39.01 -37.28
N ARG A 163 22.37 -39.26 -35.97
CA ARG A 163 21.96 -38.26 -35.01
C ARG A 163 22.82 -37.01 -35.09
N ASP A 164 24.15 -37.20 -35.14
CA ASP A 164 25.06 -36.05 -35.26
C ASP A 164 24.85 -35.32 -36.58
N TYR A 165 24.54 -36.05 -37.65
CA TYR A 165 24.35 -35.42 -38.96
C TYR A 165 23.09 -34.56 -38.97
N VAL A 166 21.99 -35.05 -38.40
CA VAL A 166 20.76 -34.26 -38.35
C VAL A 166 20.96 -33.05 -37.42
N ASP A 167 21.80 -33.18 -36.39
CA ASP A 167 22.11 -32.04 -35.54
C ASP A 167 22.76 -30.91 -36.34
N ARG A 168 23.77 -31.26 -37.16
CA ARG A 168 24.41 -30.26 -38.00
C ARG A 168 23.47 -29.73 -39.07
N PHE A 169 22.57 -30.59 -39.56
CA PHE A 169 21.63 -30.18 -40.62
C PHE A 169 20.71 -29.07 -40.14
N TYR A 170 19.98 -29.32 -39.06
CA TYR A 170 18.98 -28.36 -38.59
C TYR A 170 19.60 -27.18 -37.85
N LYS A 171 20.83 -27.31 -37.36
CA LYS A 171 21.53 -26.13 -36.86
C LYS A 171 21.84 -25.17 -38.00
N THR A 172 22.28 -25.70 -39.14
CA THR A 172 22.52 -24.88 -40.31
C THR A 172 21.22 -24.31 -40.86
N LEU A 173 20.17 -25.13 -40.90
CA LEU A 173 18.89 -24.68 -41.45
C LEU A 173 18.31 -23.54 -40.61
N ARG A 174 18.46 -23.61 -39.29
CA ARG A 174 17.94 -22.56 -38.43
C ARG A 174 18.70 -21.24 -38.60
N ALA A 175 20.01 -21.33 -38.89
CA ALA A 175 20.79 -20.12 -39.08
C ALA A 175 20.49 -19.44 -40.40
N GLU A 176 20.11 -20.21 -41.43
CA GLU A 176 19.87 -19.61 -42.73
C GLU A 176 18.44 -19.08 -42.85
N GLN A 177 17.46 -19.80 -42.31
CA GLN A 177 16.07 -19.35 -42.31
C GLN A 177 15.81 -18.29 -41.25
N ALA A 178 16.85 -17.69 -40.69
CA ALA A 178 16.75 -16.73 -39.60
C ALA A 178 15.68 -15.68 -39.84
N ASN A 184 8.57 -29.01 -44.46
CA ASN A 184 9.10 -28.65 -45.77
C ASN A 184 9.78 -29.84 -46.42
N ALA A 185 9.15 -30.36 -47.48
CA ALA A 185 9.70 -31.52 -48.18
C ALA A 185 11.07 -31.21 -48.77
N ALA A 186 11.32 -29.96 -49.15
CA ALA A 186 12.61 -29.59 -49.72
C ALA A 186 13.74 -29.91 -48.75
N THR A 187 13.56 -29.57 -47.46
CA THR A 187 14.59 -29.87 -46.47
C THR A 187 14.70 -31.37 -46.23
N GLU A 188 13.55 -32.07 -46.23
CA GLU A 188 13.57 -33.52 -46.01
C GLU A 188 14.26 -34.23 -47.16
N THR A 189 13.93 -33.86 -48.40
CA THR A 189 14.58 -34.46 -49.56
C THR A 189 16.08 -34.23 -49.52
N LEU A 190 16.51 -33.04 -49.08
CA LEU A 190 17.93 -32.78 -48.88
C LEU A 190 18.50 -33.65 -47.76
N LEU A 191 17.74 -33.82 -46.69
CA LEU A 191 18.22 -34.61 -45.56
C LEU A 191 18.47 -36.06 -45.97
N VAL A 192 17.53 -36.66 -46.71
CA VAL A 192 17.70 -38.06 -47.11
C VAL A 192 18.78 -38.18 -48.18
N GLN A 193 18.89 -37.17 -49.06
CA GLN A 193 19.87 -37.23 -50.13
C GLN A 193 21.28 -37.22 -49.60
N ASN A 194 21.58 -36.34 -48.66
CA ASN A 194 22.92 -36.20 -48.11
C ASN A 194 23.20 -37.13 -46.95
N ALA A 195 22.34 -38.12 -46.71
CA ALA A 195 22.66 -39.18 -45.77
C ALA A 195 23.65 -40.14 -46.43
N ASN A 196 24.48 -40.78 -45.62
CA ASN A 196 25.47 -41.69 -46.18
C ASN A 196 24.75 -42.84 -46.89
N PRO A 197 25.39 -43.47 -47.90
CA PRO A 197 24.62 -44.39 -48.76
C PRO A 197 23.94 -45.51 -47.99
N ASP A 198 24.57 -45.98 -46.92
CA ASP A 198 23.95 -46.98 -46.05
C ASP A 198 22.59 -46.51 -45.56
N CYS A 199 22.56 -45.38 -44.84
CA CYS A 199 21.31 -44.88 -44.28
C CYS A 199 20.35 -44.44 -45.38
N LYS A 200 20.87 -43.82 -46.44
CA LYS A 200 20.01 -43.34 -47.52
C LYS A 200 19.12 -44.45 -48.06
N THR A 201 19.66 -45.66 -48.22
CA THR A 201 18.86 -46.77 -48.71
C THR A 201 17.74 -47.11 -47.74
N ILE A 202 18.08 -47.26 -46.46
CA ILE A 202 17.08 -47.61 -45.43
C ILE A 202 15.99 -46.56 -45.39
N LEU A 203 16.38 -45.27 -45.49
CA LEU A 203 15.40 -44.19 -45.41
C LEU A 203 14.49 -44.17 -46.64
N LYS A 204 15.06 -44.39 -47.83
CA LYS A 204 14.23 -44.51 -49.03
C LYS A 204 13.26 -45.69 -48.92
N ALA A 205 13.66 -46.74 -48.20
CA ALA A 205 12.83 -47.93 -48.06
C ALA A 205 11.64 -47.70 -47.14
N LEU A 206 11.83 -46.88 -46.09
CA LEU A 206 10.74 -46.57 -45.18
C LEU A 206 9.56 -45.95 -45.91
N GLY A 207 9.77 -45.43 -47.12
CA GLY A 207 8.73 -44.79 -47.88
C GLY A 207 8.70 -43.30 -47.62
N PRO A 208 7.69 -42.61 -48.17
CA PRO A 208 7.55 -41.18 -47.91
C PRO A 208 6.79 -40.91 -46.61
N GLY A 209 6.62 -39.64 -46.24
CA GLY A 209 5.85 -39.28 -45.07
C GLY A 209 6.34 -39.89 -43.77
N ALA A 210 7.64 -40.09 -43.64
CA ALA A 210 8.21 -40.61 -42.41
C ALA A 210 8.53 -39.46 -41.46
N THR A 211 8.31 -39.69 -40.17
CA THR A 211 8.66 -38.69 -39.17
C THR A 211 10.15 -38.79 -38.87
N LEU A 212 10.74 -37.65 -38.47
CA LEU A 212 12.15 -37.63 -38.11
C LEU A 212 12.46 -38.65 -37.02
N GLU A 213 11.52 -38.81 -36.08
CA GLU A 213 11.65 -39.83 -35.04
C GLU A 213 11.82 -41.21 -35.64
N GLU A 214 11.03 -41.53 -36.68
CA GLU A 214 11.14 -42.82 -37.34
C GLU A 214 12.43 -42.94 -38.14
N MET A 215 12.83 -41.89 -38.86
CA MET A 215 14.07 -41.99 -39.62
C MET A 215 15.27 -42.18 -38.73
N MET A 216 15.25 -41.60 -37.53
CA MET A 216 16.41 -41.69 -36.65
C MET A 216 16.51 -43.07 -35.99
N THR A 217 15.39 -43.62 -35.54
CA THR A 217 15.41 -44.98 -35.01
C THR A 217 15.64 -46.01 -36.11
N ALA A 218 15.35 -45.65 -37.37
CA ALA A 218 15.67 -46.49 -38.51
C ALA A 218 17.07 -46.22 -39.04
N CYS A 219 17.91 -45.54 -38.26
CA CYS A 219 19.30 -45.34 -38.63
C CYS A 219 20.22 -45.29 -37.42
N GLN A 220 19.81 -45.85 -36.29
CA GLN A 220 20.61 -45.89 -35.08
C GLN A 220 21.97 -46.54 -35.31
N PRO B 2 5.87 -14.85 -17.65
CA PRO B 2 4.97 -15.66 -16.81
C PRO B 2 3.83 -14.84 -16.21
N ILE B 3 2.75 -15.50 -15.84
CA ILE B 3 1.59 -14.84 -15.25
C ILE B 3 1.56 -15.20 -13.78
N VAL B 4 1.78 -14.21 -12.92
CA VAL B 4 1.87 -14.38 -11.48
C VAL B 4 0.94 -13.35 -10.86
N GLN B 5 0.81 -13.39 -9.55
CA GLN B 5 -0.01 -12.38 -8.94
C GLN B 5 0.78 -11.49 -8.00
N ASN B 6 0.30 -10.25 -7.84
CA ASN B 6 1.03 -9.22 -7.13
C ASN B 6 1.20 -9.60 -5.66
N LEU B 7 1.92 -8.74 -4.92
CA LEU B 7 1.85 -8.78 -3.47
C LEU B 7 0.50 -8.31 -2.97
N GLN B 8 -0.31 -7.71 -3.83
CA GLN B 8 -1.66 -7.28 -3.48
C GLN B 8 -2.69 -8.36 -3.79
N GLY B 9 -2.66 -8.92 -5.00
CA GLY B 9 -3.52 -10.03 -5.34
C GLY B 9 -4.22 -9.92 -6.68
N GLN B 10 -3.48 -9.60 -7.73
CA GLN B 10 -4.01 -9.56 -9.09
C GLN B 10 -3.07 -10.30 -10.03
N MET B 11 -3.64 -11.06 -10.97
CA MET B 11 -2.84 -11.80 -11.93
C MET B 11 -2.26 -10.83 -12.96
N VAL B 12 -0.92 -10.79 -13.03
CA VAL B 12 -0.19 -9.86 -13.89
C VAL B 12 0.84 -10.62 -14.70
N HIS B 13 1.19 -10.06 -15.85
CA HIS B 13 2.25 -10.61 -16.70
C HIS B 13 3.59 -10.02 -16.28
N GLN B 14 4.60 -10.88 -16.17
CA GLN B 14 5.95 -10.46 -15.84
C GLN B 14 6.93 -10.98 -16.89
N CYS B 15 8.04 -10.28 -17.03
CA CYS B 15 9.09 -10.72 -17.94
C CYS B 15 9.82 -11.92 -17.35
N ILE B 16 10.20 -12.86 -18.23
CA ILE B 16 10.94 -14.04 -17.76
C ILE B 16 12.27 -13.59 -17.17
N SER B 17 12.55 -14.05 -15.95
CA SER B 17 13.72 -13.57 -15.23
C SER B 17 14.99 -14.07 -15.93
N PRO B 18 16.05 -13.27 -15.97
CA PRO B 18 17.31 -13.75 -16.56
C PRO B 18 17.88 -14.96 -15.84
N ARG B 19 17.67 -15.07 -14.53
CA ARG B 19 18.15 -16.24 -13.79
C ARG B 19 17.44 -17.50 -14.23
N THR B 20 16.16 -17.40 -14.57
CA THR B 20 15.43 -18.56 -15.07
C THR B 20 15.91 -18.95 -16.46
N LEU B 21 16.14 -17.97 -17.34
CA LEU B 21 16.67 -18.25 -18.66
C LEU B 21 18.02 -18.96 -18.58
N ASN B 22 18.91 -18.46 -17.74
CA ASN B 22 20.24 -19.06 -17.60
C ASN B 22 20.14 -20.46 -16.97
N ALA B 23 19.24 -20.64 -16.01
CA ALA B 23 19.11 -21.94 -15.37
C ALA B 23 18.66 -23.01 -16.36
N TRP B 24 17.78 -22.64 -17.29
CA TRP B 24 17.30 -23.62 -18.27
C TRP B 24 18.36 -23.92 -19.31
N VAL B 25 19.13 -22.92 -19.73
CA VAL B 25 20.20 -23.15 -20.70
C VAL B 25 21.28 -24.02 -20.07
N LYS B 26 21.61 -23.78 -18.81
CA LYS B 26 22.64 -24.57 -18.13
C LYS B 26 22.20 -26.01 -17.92
N VAL B 27 20.90 -26.25 -17.73
CA VAL B 27 20.42 -27.61 -17.51
C VAL B 27 20.58 -28.44 -18.79
N VAL B 28 20.22 -27.88 -19.93
CA VAL B 28 20.34 -28.60 -21.19
C VAL B 28 21.80 -28.84 -21.54
N GLU B 29 22.67 -27.86 -21.25
CA GLU B 29 24.08 -27.98 -21.61
C GLU B 29 24.80 -29.01 -20.76
N GLU B 30 24.40 -29.16 -19.49
CA GLU B 30 25.09 -30.04 -18.56
C GLU B 30 24.46 -31.43 -18.46
N LYS B 31 23.15 -31.55 -18.65
CA LYS B 31 22.46 -32.82 -18.50
C LYS B 31 21.94 -33.40 -19.81
N ALA B 32 22.08 -32.67 -20.92
CA ALA B 32 21.53 -33.09 -22.21
C ALA B 32 20.04 -33.38 -22.08
N PHE B 33 19.66 -34.64 -22.27
CA PHE B 33 18.28 -35.07 -22.10
C PHE B 33 18.18 -36.21 -21.09
N SER B 34 18.90 -36.07 -19.98
CA SER B 34 18.72 -36.97 -18.85
C SER B 34 17.30 -36.80 -18.31
N PRO B 35 16.72 -37.84 -17.72
CA PRO B 35 15.31 -37.76 -17.28
C PRO B 35 14.98 -36.57 -16.40
N GLU B 36 15.92 -36.13 -15.55
CA GLU B 36 15.63 -35.04 -14.62
C GLU B 36 15.53 -33.69 -15.30
N VAL B 37 15.75 -33.61 -16.61
CA VAL B 37 15.63 -32.33 -17.31
C VAL B 37 14.16 -31.93 -17.45
N ILE B 38 13.26 -32.90 -17.55
CA ILE B 38 11.84 -32.62 -17.76
C ILE B 38 11.21 -31.99 -16.52
N PRO B 39 11.41 -32.53 -15.31
CA PRO B 39 10.88 -31.83 -14.13
C PRO B 39 11.50 -30.46 -13.92
N MET B 40 12.76 -30.27 -14.33
CA MET B 40 13.38 -28.95 -14.23
C MET B 40 12.74 -27.97 -15.20
N PHE B 41 12.42 -28.43 -16.42
CA PHE B 41 11.74 -27.57 -17.38
C PHE B 41 10.36 -27.16 -16.87
N SER B 42 9.61 -28.12 -16.31
CA SER B 42 8.27 -27.83 -15.82
C SER B 42 8.31 -26.83 -14.67
N ALA B 43 9.31 -26.92 -13.80
CA ALA B 43 9.39 -26.01 -12.66
C ALA B 43 9.82 -24.62 -13.12
N LEU B 44 10.80 -24.52 -14.00
CA LEU B 44 11.29 -23.22 -14.46
C LEU B 44 10.28 -22.51 -15.36
N SER B 45 9.29 -23.24 -15.89
CA SER B 45 8.24 -22.65 -16.70
C SER B 45 6.93 -22.50 -15.94
N CYS B 46 7.00 -22.38 -14.62
CA CYS B 46 5.80 -22.23 -13.79
C CYS B 46 5.08 -20.93 -14.12
N GLY B 47 3.84 -21.07 -14.59
CA GLY B 47 3.05 -19.91 -14.99
C GLY B 47 3.38 -19.36 -16.35
N ALA B 48 4.07 -20.10 -17.20
CA ALA B 48 4.55 -19.56 -18.46
C ALA B 48 3.42 -19.40 -19.47
N THR B 49 3.52 -18.34 -20.27
CA THR B 49 2.68 -18.17 -21.44
C THR B 49 3.24 -19.02 -22.57
N PRO B 50 2.47 -19.22 -23.66
CA PRO B 50 3.07 -19.88 -24.83
C PRO B 50 4.30 -19.17 -25.35
N GLN B 51 4.33 -17.84 -25.31
CA GLN B 51 5.49 -17.09 -25.75
C GLN B 51 6.72 -17.42 -24.91
N ASP B 52 6.54 -17.51 -23.58
CA ASP B 52 7.65 -17.85 -22.70
C ASP B 52 8.18 -19.24 -23.00
N LEU B 53 7.29 -20.20 -23.26
CA LEU B 53 7.72 -21.55 -23.57
C LEU B 53 8.52 -21.59 -24.86
N ASN B 54 8.10 -20.82 -25.87
CA ASN B 54 8.87 -20.75 -27.11
C ASN B 54 10.23 -20.10 -26.87
N THR B 55 10.30 -19.12 -25.97
CA THR B 55 11.57 -18.49 -25.64
C THR B 55 12.52 -19.48 -25.01
N MET B 56 12.02 -20.29 -24.07
CA MET B 56 12.86 -21.29 -23.41
C MET B 56 13.36 -22.32 -24.40
N LEU B 57 12.49 -22.80 -25.29
CA LEU B 57 12.90 -23.79 -26.28
C LEU B 57 13.88 -23.20 -27.29
N ASN B 58 13.74 -21.91 -27.61
CA ASN B 58 14.59 -21.30 -28.62
C ASN B 58 15.99 -21.02 -28.10
N THR B 59 16.17 -20.87 -26.79
CA THR B 59 17.50 -20.63 -26.24
C THR B 59 18.33 -21.90 -26.12
N VAL B 60 17.82 -23.04 -26.58
CA VAL B 60 18.58 -24.27 -26.57
C VAL B 60 19.53 -24.27 -27.76
N GLY B 61 20.83 -24.38 -27.49
CA GLY B 61 21.84 -24.31 -28.52
C GLY B 61 21.82 -25.48 -29.50
N GLY B 62 22.54 -26.54 -29.17
CA GLY B 62 22.60 -27.72 -30.02
C GLY B 62 21.37 -28.59 -29.90
N HIS B 63 21.56 -29.89 -30.07
CA HIS B 63 20.49 -30.88 -29.97
C HIS B 63 19.32 -30.53 -30.89
N GLN B 64 19.62 -29.93 -32.06
CA GLN B 64 18.56 -29.46 -32.94
C GLN B 64 17.80 -30.60 -33.61
N ALA B 65 18.38 -31.80 -33.68
CA ALA B 65 17.62 -32.94 -34.16
C ALA B 65 16.50 -33.29 -33.19
N ALA B 66 16.81 -33.30 -31.89
CA ALA B 66 15.77 -33.52 -30.88
C ALA B 66 14.76 -32.37 -30.89
N MET B 67 15.25 -31.14 -31.11
CA MET B 67 14.35 -29.99 -31.11
C MET B 67 13.38 -30.03 -32.29
N GLN B 68 13.85 -30.48 -33.45
CA GLN B 68 12.96 -30.63 -34.59
C GLN B 68 11.92 -31.71 -34.32
N MET B 69 12.33 -32.80 -33.65
CA MET B 69 11.37 -33.82 -33.24
C MET B 69 10.35 -33.26 -32.27
N LEU B 70 10.79 -32.40 -31.34
CA LEU B 70 9.86 -31.74 -30.43
C LEU B 70 8.86 -30.89 -31.20
N LYS B 71 9.35 -30.14 -32.21
CA LYS B 71 8.44 -29.32 -33.01
C LYS B 71 7.44 -30.18 -33.77
N GLU B 72 7.88 -31.35 -34.25
CA GLU B 72 6.96 -32.24 -34.94
C GLU B 72 5.92 -32.81 -33.98
N THR B 73 6.33 -33.12 -32.75
CA THR B 73 5.37 -33.58 -31.75
C THR B 73 4.34 -32.50 -31.44
N ILE B 74 4.79 -31.25 -31.35
CA ILE B 74 3.87 -30.13 -31.10
C ILE B 74 2.90 -29.97 -32.27
N ASN B 75 3.40 -30.18 -33.50
CA ASN B 75 2.52 -30.13 -34.66
C ASN B 75 1.44 -31.21 -34.61
N GLU B 76 1.81 -32.41 -34.16
CA GLU B 76 0.83 -33.49 -34.05
C GLU B 76 -0.22 -33.17 -32.99
N GLU B 77 0.22 -32.70 -31.82
CA GLU B 77 -0.72 -32.37 -30.76
C GLU B 77 -1.61 -31.20 -31.15
N ALA B 78 -1.08 -30.25 -31.93
CA ALA B 78 -1.89 -29.12 -32.37
C ALA B 78 -2.96 -29.57 -33.36
N ALA B 79 -2.62 -30.50 -34.25
CA ALA B 79 -3.61 -31.01 -35.20
C ALA B 79 -4.68 -31.83 -34.49
N GLU B 80 -4.28 -32.67 -33.53
CA GLU B 80 -5.24 -33.46 -32.76
C GLU B 80 -6.17 -32.55 -31.96
N TRP B 81 -5.64 -31.44 -31.45
CA TRP B 81 -6.49 -30.47 -30.76
C TRP B 81 -7.54 -29.90 -31.69
N ASP B 82 -7.19 -29.67 -32.95
CA ASP B 82 -8.17 -29.15 -33.90
C ASP B 82 -9.26 -30.18 -34.19
N ARG B 83 -8.91 -31.47 -34.22
CA ARG B 83 -9.92 -32.49 -34.44
C ARG B 83 -10.85 -32.63 -33.24
N LEU B 84 -10.32 -32.46 -32.03
CA LEU B 84 -11.15 -32.57 -30.83
C LEU B 84 -11.89 -31.28 -30.49
N HIS B 85 -11.53 -30.17 -31.12
CA HIS B 85 -12.18 -28.87 -30.90
C HIS B 85 -12.28 -28.14 -32.22
N PRO B 86 -13.17 -28.60 -33.13
CA PRO B 86 -13.31 -27.85 -34.38
C PRO B 86 -14.42 -26.81 -34.35
N GLY B 95 -21.02 -12.14 -29.08
CA GLY B 95 -20.73 -12.18 -27.66
C GLY B 95 -19.86 -13.36 -27.27
N GLN B 96 -19.76 -14.35 -28.17
CA GLN B 96 -18.99 -15.55 -27.90
C GLN B 96 -17.50 -15.27 -28.13
N MET B 97 -16.68 -15.70 -27.17
CA MET B 97 -15.24 -15.51 -27.29
C MET B 97 -14.65 -16.51 -28.27
N ARG B 98 -13.73 -16.03 -29.12
CA ARG B 98 -13.01 -16.92 -30.02
C ARG B 98 -12.10 -17.84 -29.24
N GLU B 99 -12.22 -19.13 -29.48
CA GLU B 99 -11.44 -20.14 -28.79
C GLU B 99 -10.17 -20.47 -29.56
N PRO B 100 -9.10 -20.82 -28.87
CA PRO B 100 -7.80 -20.96 -29.55
C PRO B 100 -7.71 -22.21 -30.40
N ARG B 101 -7.06 -22.08 -31.55
CA ARG B 101 -6.72 -23.22 -32.39
C ARG B 101 -5.44 -23.86 -31.85
N GLY B 102 -5.03 -24.96 -32.50
CA GLY B 102 -3.77 -25.60 -32.13
C GLY B 102 -2.58 -24.68 -32.30
N SER B 103 -2.60 -23.86 -33.36
CA SER B 103 -1.52 -22.92 -33.60
C SER B 103 -1.55 -21.74 -32.63
N ASP B 104 -2.71 -21.46 -32.03
CA ASP B 104 -2.77 -20.43 -31.00
C ASP B 104 -2.17 -20.90 -29.68
N ILE B 105 -2.31 -22.20 -29.38
CA ILE B 105 -1.74 -22.74 -28.15
C ILE B 105 -0.22 -22.83 -28.27
N ALA B 106 0.28 -23.25 -29.43
CA ALA B 106 1.71 -23.33 -29.65
C ALA B 106 2.36 -21.96 -29.81
N GLY B 107 1.57 -20.92 -30.03
CA GLY B 107 2.08 -19.56 -30.08
C GLY B 107 2.54 -19.08 -31.44
N THR B 108 2.16 -19.76 -32.52
CA THR B 108 2.57 -19.36 -33.86
C THR B 108 1.59 -18.41 -34.53
N THR B 109 0.31 -18.42 -34.10
CA THR B 109 -0.70 -17.55 -34.68
C THR B 109 -1.42 -16.72 -33.62
N SER B 110 -0.85 -16.59 -32.42
CA SER B 110 -1.46 -15.84 -31.34
C SER B 110 -0.48 -14.81 -30.79
N THR B 111 -1.01 -13.65 -30.42
CA THR B 111 -0.20 -12.63 -29.79
C THR B 111 -0.11 -12.86 -28.28
N LEU B 112 0.82 -12.16 -27.63
CA LEU B 112 0.89 -12.22 -26.18
C LEU B 112 -0.40 -11.73 -25.54
N GLN B 113 -1.02 -10.71 -26.13
CA GLN B 113 -2.28 -10.20 -25.61
C GLN B 113 -3.38 -11.26 -25.67
N GLU B 114 -3.44 -12.01 -26.77
CA GLU B 114 -4.46 -13.06 -26.88
C GLU B 114 -4.17 -14.21 -25.92
N GLN B 115 -2.89 -14.55 -25.74
CA GLN B 115 -2.54 -15.60 -24.79
C GLN B 115 -2.91 -15.19 -23.37
N ILE B 116 -2.63 -13.94 -22.99
CA ILE B 116 -3.04 -13.44 -21.69
C ILE B 116 -4.55 -13.42 -21.57
N GLY B 117 -5.24 -13.12 -22.67
CA GLY B 117 -6.70 -13.10 -22.65
C GLY B 117 -7.29 -14.45 -22.28
N TRP B 118 -6.82 -15.51 -22.94
CA TRP B 118 -7.35 -16.85 -22.63
C TRP B 118 -6.98 -17.28 -21.21
N MET B 119 -5.76 -16.96 -20.77
CA MET B 119 -5.29 -17.46 -19.48
C MET B 119 -5.98 -16.76 -18.31
N THR B 120 -6.32 -15.48 -18.45
CA THR B 120 -6.96 -14.73 -17.37
C THR B 120 -8.44 -14.51 -17.62
N HIS B 121 -9.04 -15.28 -18.53
CA HIS B 121 -10.47 -15.18 -18.77
C HIS B 121 -11.25 -15.86 -17.66
N ASN B 122 -12.55 -15.55 -17.58
CA ASN B 122 -13.45 -16.19 -16.62
C ASN B 122 -14.61 -16.80 -17.37
N PRO B 123 -14.62 -18.12 -17.59
CA PRO B 123 -13.61 -19.12 -17.16
C PRO B 123 -12.36 -19.10 -18.02
N PRO B 124 -11.23 -19.56 -17.49
CA PRO B 124 -9.97 -19.47 -18.23
C PRO B 124 -9.67 -20.68 -19.09
N ILE B 125 -9.00 -20.42 -20.20
CA ILE B 125 -8.38 -21.44 -21.04
C ILE B 125 -6.87 -21.36 -20.82
N PRO B 126 -6.27 -22.30 -20.10
CA PRO B 126 -4.82 -22.25 -19.81
C PRO B 126 -3.98 -22.72 -20.99
N VAL B 127 -3.86 -21.86 -22.00
CA VAL B 127 -3.07 -22.19 -23.19
C VAL B 127 -1.62 -22.46 -22.82
N GLY B 128 -1.11 -21.82 -21.77
CA GLY B 128 0.24 -22.10 -21.32
C GLY B 128 0.38 -23.51 -20.78
N GLU B 129 -0.58 -23.94 -19.95
CA GLU B 129 -0.52 -25.29 -19.39
C GLU B 129 -0.77 -26.34 -20.47
N ILE B 130 -1.68 -26.05 -21.41
CA ILE B 130 -1.95 -26.98 -22.50
C ILE B 130 -0.69 -27.17 -23.35
N TYR B 131 -0.06 -26.05 -23.72
CA TYR B 131 1.17 -26.12 -24.52
C TYR B 131 2.26 -26.87 -23.77
N LYS B 132 2.43 -26.58 -22.47
CA LYS B 132 3.43 -27.26 -21.67
C LYS B 132 3.19 -28.76 -21.64
N ARG B 133 1.92 -29.19 -21.67
CA ARG B 133 1.62 -30.61 -21.73
C ARG B 133 2.18 -31.22 -23.01
N TRP B 134 2.01 -30.54 -24.14
CA TRP B 134 2.52 -31.04 -25.41
C TRP B 134 4.05 -31.10 -25.40
N ILE B 135 4.69 -30.06 -24.86
CA ILE B 135 6.15 -30.02 -24.84
C ILE B 135 6.72 -31.13 -23.99
N ILE B 136 6.13 -31.37 -22.81
CA ILE B 136 6.60 -32.45 -21.94
C ILE B 136 6.40 -33.80 -22.61
N LEU B 137 5.33 -33.95 -23.39
CA LEU B 137 5.15 -35.18 -24.18
C LEU B 137 6.30 -35.37 -25.16
N GLY B 138 6.70 -34.30 -25.85
CA GLY B 138 7.82 -34.41 -26.77
C GLY B 138 9.13 -34.66 -26.06
N LEU B 139 9.35 -34.00 -24.93
CA LEU B 139 10.59 -34.22 -24.17
C LEU B 139 10.68 -35.64 -23.65
N ASN B 140 9.54 -36.26 -23.29
CA ASN B 140 9.55 -37.65 -22.88
C ASN B 140 9.97 -38.57 -24.01
N LYS B 141 9.48 -38.30 -25.23
CA LYS B 141 9.88 -39.09 -26.39
C LYS B 141 11.38 -38.94 -26.67
N ILE B 142 11.95 -37.78 -26.36
CA ILE B 142 13.37 -37.56 -26.62
C ILE B 142 14.22 -38.31 -25.60
N VAL B 143 13.85 -38.21 -24.32
CA VAL B 143 14.63 -38.88 -23.26
C VAL B 143 14.70 -40.38 -23.51
N ARG B 144 13.57 -40.99 -23.88
CA ARG B 144 13.53 -42.43 -24.14
C ARG B 144 14.49 -42.80 -25.26
N MET B 145 14.47 -42.04 -26.36
CA MET B 145 15.29 -42.36 -27.52
C MET B 145 16.77 -42.16 -27.23
N TYR B 146 17.11 -41.12 -26.46
CA TYR B 146 18.49 -40.83 -26.14
C TYR B 146 19.02 -41.64 -24.96
N SER B 147 18.21 -42.56 -24.43
CA SER B 147 18.69 -43.47 -23.40
C SER B 147 19.78 -44.35 -23.99
N PRO B 148 21.00 -44.36 -23.43
CA PRO B 148 22.08 -45.10 -24.10
C PRO B 148 21.90 -46.60 -24.10
N THR B 149 21.45 -47.19 -22.99
CA THR B 149 21.41 -48.63 -22.82
C THR B 149 20.00 -49.10 -22.51
N SER B 150 19.67 -50.32 -22.92
CA SER B 150 18.39 -50.93 -22.58
C SER B 150 18.44 -51.52 -21.18
N ILE B 151 17.28 -51.56 -20.52
CA ILE B 151 17.21 -52.05 -19.15
C ILE B 151 17.58 -53.52 -19.07
N LEU B 152 17.39 -54.26 -20.16
CA LEU B 152 17.73 -55.68 -20.19
C LEU B 152 19.23 -55.91 -20.27
N ASP B 153 20.01 -54.88 -20.63
CA ASP B 153 21.45 -54.98 -20.71
C ASP B 153 22.15 -54.48 -19.45
N ILE B 154 21.39 -54.09 -18.44
CA ILE B 154 21.95 -53.61 -17.17
C ILE B 154 22.21 -54.84 -16.29
N ARG B 155 23.48 -55.22 -16.14
CA ARG B 155 23.86 -56.40 -15.39
C ARG B 155 24.98 -56.05 -14.43
N GLN B 156 24.87 -56.57 -13.21
CA GLN B 156 25.86 -56.27 -12.18
C GLN B 156 27.18 -56.94 -12.49
N GLY B 157 28.25 -56.16 -12.50
CA GLY B 157 29.58 -56.69 -12.73
C GLY B 157 30.00 -57.59 -11.59
N PRO B 158 31.03 -58.42 -11.84
CA PRO B 158 31.46 -59.35 -10.78
C PRO B 158 32.09 -58.64 -9.59
N LYS B 159 32.67 -57.45 -9.79
CA LYS B 159 33.28 -56.68 -8.72
C LYS B 159 32.57 -55.35 -8.50
N GLU B 160 31.33 -55.23 -8.99
CA GLU B 160 30.57 -54.00 -8.83
C GLU B 160 29.66 -54.10 -7.61
N PRO B 161 29.71 -53.13 -6.69
CA PRO B 161 28.81 -53.17 -5.53
C PRO B 161 27.36 -53.15 -5.96
N PHE B 162 26.52 -53.80 -5.16
CA PHE B 162 25.10 -53.91 -5.50
C PHE B 162 24.45 -52.53 -5.58
N ARG B 163 24.85 -51.62 -4.69
CA ARG B 163 24.27 -50.28 -4.70
C ARG B 163 24.53 -49.57 -6.03
N ASP B 164 25.77 -49.64 -6.52
CA ASP B 164 26.08 -49.00 -7.79
C ASP B 164 25.33 -49.65 -8.94
N TYR B 165 25.05 -50.94 -8.85
CA TYR B 165 24.29 -51.63 -9.90
C TYR B 165 22.84 -51.19 -9.90
N VAL B 166 22.24 -51.03 -8.72
CA VAL B 166 20.86 -50.55 -8.63
C VAL B 166 20.77 -49.11 -9.12
N ASP B 167 21.83 -48.32 -8.91
CA ASP B 167 21.85 -46.95 -9.42
C ASP B 167 21.72 -46.92 -10.93
N ARG B 168 22.52 -47.74 -11.63
CA ARG B 168 22.43 -47.79 -13.08
C ARG B 168 21.10 -48.39 -13.54
N PHE B 169 20.55 -49.34 -12.77
CA PHE B 169 19.31 -50.00 -13.17
C PHE B 169 18.15 -49.01 -13.22
N TYR B 170 17.86 -48.36 -12.09
CA TYR B 170 16.71 -47.47 -12.03
C TYR B 170 16.95 -46.15 -12.76
N LYS B 171 18.20 -45.73 -12.94
CA LYS B 171 18.47 -44.59 -13.80
C LYS B 171 18.09 -44.91 -15.24
N THR B 172 18.42 -46.12 -15.69
CA THR B 172 18.03 -46.54 -17.04
C THR B 172 16.52 -46.73 -17.14
N LEU B 173 15.92 -47.35 -16.13
CA LEU B 173 14.49 -47.59 -16.14
C LEU B 173 13.71 -46.28 -16.22
N ARG B 174 14.18 -45.25 -15.53
CA ARG B 174 13.47 -43.97 -15.53
C ARG B 174 13.50 -43.32 -16.91
N ALA B 175 14.61 -43.47 -17.64
CA ALA B 175 14.70 -42.89 -18.97
C ALA B 175 13.78 -43.60 -19.95
N GLU B 176 13.64 -44.92 -19.82
CA GLU B 176 12.85 -45.69 -20.77
C GLU B 176 11.35 -45.62 -20.47
N GLN B 177 10.98 -45.55 -19.20
CA GLN B 177 9.57 -45.48 -18.81
C GLN B 177 9.02 -44.07 -18.80
N ALA B 178 9.79 -43.09 -19.27
CA ALA B 178 9.38 -41.68 -19.26
C ALA B 178 9.01 -41.22 -17.86
N SER B 179 9.77 -41.70 -16.87
CA SER B 179 9.53 -41.39 -15.46
C SER B 179 8.10 -41.73 -15.06
N GLN B 180 7.60 -42.85 -15.56
CA GLN B 180 6.24 -43.28 -15.28
C GLN B 180 6.14 -44.80 -15.19
N ASN B 184 6.15 -52.03 -10.30
CA ASN B 184 5.92 -53.27 -11.04
C ASN B 184 6.69 -54.44 -10.43
N ALA B 185 6.26 -55.65 -10.79
CA ALA B 185 6.95 -56.85 -10.34
C ALA B 185 7.96 -57.35 -11.35
N ALA B 186 7.77 -57.04 -12.64
CA ALA B 186 8.75 -57.42 -13.65
C ALA B 186 10.07 -56.69 -13.45
N THR B 187 10.02 -55.45 -12.95
CA THR B 187 11.25 -54.70 -12.68
C THR B 187 12.07 -55.38 -11.60
N GLU B 188 11.42 -55.87 -10.54
CA GLU B 188 12.13 -56.51 -9.45
C GLU B 188 12.75 -57.82 -9.89
N THR B 189 12.01 -58.63 -10.65
CA THR B 189 12.56 -59.89 -11.14
C THR B 189 13.73 -59.67 -12.09
N LEU B 190 13.69 -58.59 -12.87
CA LEU B 190 14.82 -58.28 -13.75
C LEU B 190 16.02 -57.83 -12.94
N LEU B 191 15.80 -57.04 -11.89
CA LEU B 191 16.89 -56.60 -11.03
C LEU B 191 17.58 -57.78 -10.37
N VAL B 192 16.82 -58.81 -10.01
CA VAL B 192 17.41 -59.99 -9.40
C VAL B 192 18.07 -60.88 -10.44
N GLN B 193 17.43 -61.05 -11.60
CA GLN B 193 17.98 -61.90 -12.65
C GLN B 193 19.33 -61.39 -13.13
N ASN B 194 19.51 -60.07 -13.20
CA ASN B 194 20.73 -59.48 -13.73
C ASN B 194 21.74 -59.13 -12.64
N ALA B 195 21.51 -59.56 -11.40
CA ALA B 195 22.52 -59.45 -10.37
C ALA B 195 23.58 -60.54 -10.57
N ASN B 196 24.78 -60.33 -10.03
CA ASN B 196 25.82 -61.33 -10.17
C ASN B 196 25.44 -62.58 -9.37
N PRO B 197 26.03 -63.73 -9.70
CA PRO B 197 25.57 -65.00 -9.08
C PRO B 197 25.54 -64.98 -7.56
N ASP B 198 26.55 -64.43 -6.91
CA ASP B 198 26.62 -64.41 -5.45
C ASP B 198 25.44 -63.65 -4.87
N CYS B 199 25.24 -62.40 -5.32
CA CYS B 199 24.17 -61.56 -4.81
C CYS B 199 22.79 -62.11 -5.17
N LYS B 200 22.66 -62.71 -6.35
CA LYS B 200 21.37 -63.27 -6.75
C LYS B 200 20.96 -64.38 -5.81
N THR B 201 21.91 -65.26 -5.46
CA THR B 201 21.64 -66.32 -4.51
C THR B 201 21.08 -65.77 -3.21
N ILE B 202 21.71 -64.71 -2.72
CA ILE B 202 21.23 -64.07 -1.50
C ILE B 202 19.82 -63.53 -1.69
N LEU B 203 19.59 -62.84 -2.81
CA LEU B 203 18.27 -62.26 -3.08
C LEU B 203 17.22 -63.34 -3.19
N LYS B 204 17.55 -64.47 -3.82
CA LYS B 204 16.63 -65.60 -3.89
C LYS B 204 16.31 -66.13 -2.49
N ALA B 205 17.31 -66.13 -1.60
CA ALA B 205 17.10 -66.63 -0.25
C ALA B 205 16.25 -65.70 0.60
N LEU B 206 16.07 -64.45 0.18
CA LEU B 206 15.30 -63.49 0.95
C LEU B 206 13.80 -63.76 0.91
N GLY B 207 13.33 -64.60 -0.01
CA GLY B 207 11.92 -64.83 -0.18
C GLY B 207 11.27 -63.72 -0.97
N PRO B 208 10.13 -64.01 -1.59
CA PRO B 208 9.48 -63.01 -2.44
C PRO B 208 8.89 -61.86 -1.62
N GLY B 209 8.69 -60.74 -2.30
CA GLY B 209 8.09 -59.58 -1.67
C GLY B 209 9.01 -58.75 -0.82
N ALA B 210 10.32 -58.81 -1.05
CA ALA B 210 11.26 -58.05 -0.26
C ALA B 210 11.39 -56.62 -0.79
N THR B 211 11.52 -55.68 0.14
CA THR B 211 11.70 -54.29 -0.24
C THR B 211 13.11 -54.08 -0.80
N LEU B 212 13.27 -52.99 -1.55
CA LEU B 212 14.60 -52.64 -2.05
C LEU B 212 15.57 -52.37 -0.91
N GLU B 213 15.07 -51.85 0.20
CA GLU B 213 15.92 -51.61 1.36
C GLU B 213 16.51 -52.92 1.88
N GLU B 214 15.67 -53.96 1.99
CA GLU B 214 16.15 -55.26 2.46
C GLU B 214 17.08 -55.91 1.44
N MET B 215 16.85 -55.67 0.15
CA MET B 215 17.71 -56.26 -0.88
C MET B 215 19.10 -55.66 -0.86
N MET B 216 19.20 -54.33 -0.73
CA MET B 216 20.52 -53.68 -0.72
C MET B 216 21.27 -53.95 0.58
N THR B 217 20.55 -54.15 1.69
CA THR B 217 21.21 -54.52 2.94
C THR B 217 21.79 -55.93 2.85
N ALA B 218 21.04 -56.86 2.23
CA ALA B 218 21.47 -58.24 2.15
C ALA B 218 22.67 -58.43 1.24
N CYS B 219 22.91 -57.50 0.32
CA CYS B 219 24.00 -57.62 -0.64
C CYS B 219 25.07 -56.55 -0.45
N GLN B 220 25.30 -56.15 0.80
CA GLN B 220 26.32 -55.19 1.13
C GLN B 220 27.68 -55.88 1.22
N PRO C 2 5.82 -22.94 -3.40
CA PRO C 2 5.36 -23.02 -2.01
C PRO C 2 4.26 -22.02 -1.69
N ILE C 3 3.73 -22.09 -0.48
CA ILE C 3 2.70 -21.18 0.00
C ILE C 3 3.34 -20.19 0.96
N VAL C 4 3.29 -18.91 0.61
CA VAL C 4 3.90 -17.86 1.40
C VAL C 4 2.84 -16.84 1.79
N GLN C 5 3.25 -15.83 2.56
CA GLN C 5 2.33 -14.81 3.05
C GLN C 5 2.48 -13.55 2.20
N ASN C 6 1.35 -12.97 1.80
CA ASN C 6 1.37 -11.73 1.04
C ASN C 6 1.10 -10.55 1.98
N LEU C 7 1.07 -9.36 1.40
CA LEU C 7 0.92 -8.13 2.18
C LEU C 7 -0.52 -7.84 2.59
N GLN C 8 -1.41 -8.83 2.50
CA GLN C 8 -2.79 -8.69 2.97
C GLN C 8 -3.14 -9.75 4.00
N GLY C 9 -2.14 -10.39 4.61
CA GLY C 9 -2.37 -11.44 5.56
C GLY C 9 -2.83 -12.75 4.96
N GLN C 10 -2.99 -12.83 3.65
CA GLN C 10 -3.44 -14.05 2.99
C GLN C 10 -2.26 -14.92 2.60
N MET C 11 -2.46 -16.23 2.63
CA MET C 11 -1.48 -17.20 2.17
C MET C 11 -1.71 -17.47 0.69
N VAL C 12 -0.74 -17.08 -0.13
CA VAL C 12 -0.86 -17.20 -1.58
C VAL C 12 0.17 -18.21 -2.08
N HIS C 13 -0.08 -18.72 -3.29
CA HIS C 13 0.84 -19.67 -3.92
C HIS C 13 1.88 -18.93 -4.74
N GLN C 14 3.11 -19.44 -4.70
CA GLN C 14 4.24 -18.84 -5.38
C GLN C 14 5.04 -19.94 -6.07
N CYS C 15 5.48 -19.66 -7.30
CA CYS C 15 6.31 -20.62 -8.02
C CYS C 15 7.61 -20.86 -7.25
N ILE C 16 8.08 -22.11 -7.28
CA ILE C 16 9.35 -22.44 -6.66
C ILE C 16 10.47 -21.74 -7.43
N SER C 17 11.38 -21.11 -6.70
CA SER C 17 12.39 -20.28 -7.33
C SER C 17 13.53 -21.12 -7.91
N PRO C 18 14.18 -20.63 -8.96
CA PRO C 18 15.33 -21.37 -9.51
C PRO C 18 16.48 -21.50 -8.53
N ARG C 19 16.68 -20.52 -7.65
CA ARG C 19 17.74 -20.62 -6.65
C ARG C 19 17.47 -21.76 -5.68
N THR C 20 16.21 -21.95 -5.31
CA THR C 20 15.87 -23.05 -4.40
C THR C 20 16.05 -24.40 -5.09
N LEU C 21 15.60 -24.52 -6.33
CA LEU C 21 15.79 -25.75 -7.09
C LEU C 21 17.27 -26.06 -7.26
N ASN C 22 18.04 -25.08 -7.72
CA ASN C 22 19.47 -25.29 -7.94
C ASN C 22 20.19 -25.65 -6.65
N ALA C 23 19.78 -25.03 -5.53
CA ALA C 23 20.43 -25.30 -4.26
C ALA C 23 20.24 -26.75 -3.84
N TRP C 24 19.02 -27.29 -3.99
CA TRP C 24 18.76 -28.66 -3.58
C TRP C 24 19.50 -29.66 -4.46
N VAL C 25 19.59 -29.38 -5.76
CA VAL C 25 20.33 -30.28 -6.66
C VAL C 25 21.80 -30.32 -6.28
N LYS C 26 22.40 -29.15 -6.04
CA LYS C 26 23.80 -29.09 -5.67
C LYS C 26 24.07 -29.77 -4.33
N VAL C 27 23.12 -29.70 -3.40
CA VAL C 27 23.31 -30.32 -2.09
C VAL C 27 23.44 -31.83 -2.22
N VAL C 28 22.64 -32.44 -3.10
CA VAL C 28 22.71 -33.88 -3.30
C VAL C 28 23.98 -34.26 -4.05
N GLU C 29 24.40 -33.41 -5.00
CA GLU C 29 25.60 -33.73 -5.77
C GLU C 29 26.86 -33.65 -4.91
N GLU C 30 26.88 -32.78 -3.92
CA GLU C 30 28.08 -32.55 -3.11
C GLU C 30 28.12 -33.42 -1.85
N LYS C 31 27.04 -33.41 -1.07
CA LYS C 31 27.01 -34.10 0.21
C LYS C 31 26.49 -35.52 0.12
N ALA C 32 26.06 -35.97 -1.07
CA ALA C 32 25.47 -37.29 -1.25
C ALA C 32 24.31 -37.50 -0.28
N PHE C 33 24.53 -38.33 0.74
CA PHE C 33 23.55 -38.56 1.79
C PHE C 33 24.22 -38.52 3.16
N SER C 34 25.08 -37.53 3.34
CA SER C 34 25.59 -37.22 4.66
C SER C 34 24.44 -36.72 5.54
N PRO C 35 24.52 -36.91 6.86
CA PRO C 35 23.39 -36.56 7.73
C PRO C 35 22.86 -35.14 7.57
N GLU C 36 23.72 -34.18 7.24
CA GLU C 36 23.31 -32.79 7.13
C GLU C 36 22.45 -32.51 5.90
N VAL C 37 22.23 -33.50 5.04
CA VAL C 37 21.40 -33.28 3.86
C VAL C 37 19.92 -33.18 4.24
N ILE C 38 19.53 -33.74 5.38
CA ILE C 38 18.13 -33.79 5.79
C ILE C 38 17.67 -32.45 6.37
N PRO C 39 18.44 -31.80 7.24
CA PRO C 39 18.05 -30.44 7.64
C PRO C 39 18.09 -29.45 6.49
N MET C 40 18.97 -29.67 5.51
CA MET C 40 18.99 -28.80 4.33
C MET C 40 17.72 -28.98 3.50
N PHE C 41 17.25 -30.21 3.33
CA PHE C 41 16.01 -30.44 2.60
C PHE C 41 14.82 -29.83 3.33
N SER C 42 14.76 -30.02 4.65
CA SER C 42 13.63 -29.49 5.42
C SER C 42 13.56 -27.97 5.34
N ALA C 43 14.70 -27.30 5.17
CA ALA C 43 14.70 -25.84 5.12
C ALA C 43 14.46 -25.32 3.71
N LEU C 44 14.98 -26.00 2.68
CA LEU C 44 14.72 -25.58 1.31
C LEU C 44 13.27 -25.83 0.91
N SER C 45 12.62 -26.80 1.53
CA SER C 45 11.22 -27.12 1.26
C SER C 45 10.27 -26.42 2.23
N CYS C 46 10.69 -25.31 2.83
CA CYS C 46 9.85 -24.57 3.76
C CYS C 46 8.62 -24.03 3.05
N GLY C 47 7.44 -24.44 3.51
CA GLY C 47 6.19 -24.04 2.89
C GLY C 47 5.83 -24.77 1.63
N ALA C 48 6.53 -25.86 1.30
CA ALA C 48 6.33 -26.52 0.02
C ALA C 48 4.98 -27.26 -0.02
N THR C 49 4.39 -27.29 -1.20
CA THR C 49 3.23 -28.13 -1.47
C THR C 49 3.71 -29.53 -1.85
N PRO C 50 2.81 -30.52 -1.89
CA PRO C 50 3.22 -31.84 -2.41
C PRO C 50 3.78 -31.78 -3.83
N GLN C 51 3.24 -30.89 -4.66
CA GLN C 51 3.78 -30.73 -6.01
C GLN C 51 5.22 -30.23 -5.97
N ASP C 52 5.49 -29.23 -5.12
CA ASP C 52 6.85 -28.73 -4.98
C ASP C 52 7.78 -29.81 -4.45
N LEU C 53 7.31 -30.61 -3.50
CA LEU C 53 8.14 -31.69 -2.96
C LEU C 53 8.46 -32.72 -4.02
N ASN C 54 7.49 -33.08 -4.85
CA ASN C 54 7.76 -34.01 -5.95
C ASN C 54 8.72 -33.41 -6.96
N THR C 55 8.65 -32.10 -7.18
CA THR C 55 9.58 -31.44 -8.09
C THR C 55 11.01 -31.55 -7.57
N MET C 56 11.22 -31.30 -6.27
CA MET C 56 12.56 -31.35 -5.71
C MET C 56 13.14 -32.76 -5.82
N LEU C 57 12.34 -33.78 -5.51
CA LEU C 57 12.83 -35.15 -5.59
C LEU C 57 13.08 -35.56 -7.05
N ASN C 58 12.26 -35.07 -7.97
CA ASN C 58 12.40 -35.46 -9.37
C ASN C 58 13.63 -34.83 -10.02
N THR C 59 14.09 -33.69 -9.52
CA THR C 59 15.28 -33.06 -10.10
C THR C 59 16.58 -33.72 -9.66
N VAL C 60 16.53 -34.69 -8.75
CA VAL C 60 17.70 -35.47 -8.41
C VAL C 60 17.93 -36.50 -9.51
N GLY C 61 19.10 -36.45 -10.15
CA GLY C 61 19.40 -37.31 -11.27
C GLY C 61 20.02 -38.63 -10.89
N GLY C 62 21.15 -38.59 -10.20
CA GLY C 62 21.81 -39.79 -9.72
C GLY C 62 21.14 -40.32 -8.47
N HIS C 63 21.84 -41.27 -7.84
CA HIS C 63 21.39 -41.88 -6.58
C HIS C 63 19.96 -42.43 -6.71
N GLN C 64 19.64 -42.99 -7.88
CA GLN C 64 18.29 -43.47 -8.12
C GLN C 64 17.94 -44.71 -7.28
N ALA C 65 18.95 -45.43 -6.80
CA ALA C 65 18.69 -46.51 -5.86
C ALA C 65 18.10 -45.97 -4.57
N ALA C 66 18.64 -44.85 -4.07
CA ALA C 66 18.10 -44.24 -2.86
C ALA C 66 16.74 -43.61 -3.13
N MET C 67 16.56 -43.00 -4.30
CA MET C 67 15.29 -42.35 -4.61
C MET C 67 14.17 -43.38 -4.76
N GLN C 68 14.49 -44.55 -5.34
CA GLN C 68 13.50 -45.63 -5.38
C GLN C 68 13.18 -46.13 -3.98
N MET C 69 14.21 -46.25 -3.13
CA MET C 69 13.98 -46.59 -1.73
C MET C 69 13.11 -45.55 -1.05
N LEU C 70 13.32 -44.28 -1.37
CA LEU C 70 12.49 -43.21 -0.83
C LEU C 70 11.05 -43.33 -1.31
N LYS C 71 10.85 -43.75 -2.56
CA LYS C 71 9.50 -43.89 -3.07
C LYS C 71 8.76 -45.02 -2.38
N GLU C 72 9.47 -46.12 -2.09
CA GLU C 72 8.84 -47.23 -1.39
C GLU C 72 8.46 -46.83 0.02
N THR C 73 9.30 -46.04 0.69
CA THR C 73 8.95 -45.51 2.00
C THR C 73 7.73 -44.61 1.93
N ILE C 74 7.64 -43.78 0.89
CA ILE C 74 6.48 -42.91 0.71
C ILE C 74 5.22 -43.76 0.51
N ASN C 75 5.33 -44.84 -0.26
CA ASN C 75 4.17 -45.70 -0.49
C ASN C 75 3.75 -46.40 0.80
N GLU C 76 4.71 -46.80 1.63
CA GLU C 76 4.37 -47.45 2.90
C GLU C 76 3.66 -46.46 3.84
N GLU C 77 4.13 -45.22 3.89
CA GLU C 77 3.51 -44.23 4.76
C GLU C 77 2.13 -43.82 4.27
N ALA C 78 1.93 -43.80 2.95
CA ALA C 78 0.61 -43.47 2.41
C ALA C 78 -0.39 -44.57 2.72
N ALA C 79 0.01 -45.83 2.60
CA ALA C 79 -0.89 -46.93 2.94
C ALA C 79 -1.24 -46.93 4.42
N GLU C 80 -0.28 -46.60 5.28
CA GLU C 80 -0.56 -46.52 6.71
C GLU C 80 -1.50 -45.35 7.01
N TRP C 81 -1.38 -44.24 6.27
CA TRP C 81 -2.32 -43.14 6.43
C TRP C 81 -3.74 -43.57 6.10
N ASP C 82 -3.91 -44.30 5.00
CA ASP C 82 -5.24 -44.78 4.63
C ASP C 82 -5.79 -45.72 5.68
N ARG C 83 -4.94 -46.48 6.35
CA ARG C 83 -5.41 -47.40 7.38
C ARG C 83 -5.91 -46.65 8.61
N LEU C 84 -5.23 -45.58 8.99
CA LEU C 84 -5.62 -44.79 10.14
C LEU C 84 -6.71 -43.76 9.84
N HIS C 85 -7.10 -43.62 8.57
CA HIS C 85 -8.19 -42.73 8.18
C HIS C 85 -9.10 -43.49 7.24
N PRO C 86 -9.95 -44.38 7.77
CA PRO C 86 -10.89 -45.10 6.90
C PRO C 86 -11.97 -44.19 6.37
N VAL C 87 -12.63 -44.64 5.31
CA VAL C 87 -13.69 -43.86 4.68
C VAL C 87 -14.94 -43.91 5.55
N GLY C 95 -21.81 -30.15 3.70
CA GLY C 95 -20.84 -29.14 4.07
C GLY C 95 -19.54 -29.71 4.60
N GLN C 96 -19.41 -31.04 4.52
CA GLN C 96 -18.22 -31.72 5.01
C GLN C 96 -17.13 -31.71 3.94
N MET C 97 -15.97 -31.17 4.27
CA MET C 97 -14.87 -31.13 3.32
C MET C 97 -14.27 -32.52 3.15
N ARG C 98 -14.00 -32.89 1.90
CA ARG C 98 -13.36 -34.16 1.61
C ARG C 98 -11.92 -34.13 2.10
N GLU C 99 -11.53 -35.15 2.87
CA GLU C 99 -10.20 -35.28 3.44
C GLU C 99 -9.28 -36.04 2.50
N PRO C 100 -7.98 -35.77 2.54
CA PRO C 100 -7.07 -36.36 1.56
C PRO C 100 -6.73 -37.81 1.89
N ARG C 101 -6.48 -38.57 0.82
CA ARG C 101 -5.98 -39.92 0.95
C ARG C 101 -4.46 -39.89 0.97
N GLY C 102 -3.83 -41.07 1.12
CA GLY C 102 -2.38 -41.14 1.07
C GLY C 102 -1.82 -40.70 -0.26
N SER C 103 -2.53 -41.01 -1.34
CA SER C 103 -2.10 -40.60 -2.67
C SER C 103 -2.34 -39.11 -2.92
N ASP C 104 -3.25 -38.49 -2.16
CA ASP C 104 -3.43 -37.05 -2.24
C ASP C 104 -2.29 -36.31 -1.55
N ILE C 105 -1.85 -36.81 -0.40
CA ILE C 105 -0.73 -36.18 0.29
C ILE C 105 0.56 -36.32 -0.52
N ALA C 106 0.72 -37.47 -1.19
CA ALA C 106 1.89 -37.70 -2.02
C ALA C 106 1.84 -36.95 -3.35
N GLY C 107 0.70 -36.40 -3.72
CA GLY C 107 0.58 -35.63 -4.95
C GLY C 107 0.41 -36.44 -6.20
N THR C 108 0.07 -37.72 -6.10
CA THR C 108 -0.15 -38.55 -7.28
C THR C 108 -1.59 -38.48 -7.77
N THR C 109 -2.55 -38.21 -6.89
CA THR C 109 -3.95 -38.15 -7.27
C THR C 109 -4.61 -36.83 -6.88
N SER C 110 -3.82 -35.80 -6.56
CA SER C 110 -4.36 -34.51 -6.17
C SER C 110 -3.80 -33.42 -7.08
N THR C 111 -4.66 -32.49 -7.47
CA THR C 111 -4.22 -31.35 -8.26
C THR C 111 -3.63 -30.28 -7.34
N LEU C 112 -2.96 -29.30 -7.96
CA LEU C 112 -2.39 -28.21 -7.19
C LEU C 112 -3.45 -27.41 -6.45
N GLN C 113 -4.61 -27.20 -7.09
CA GLN C 113 -5.68 -26.43 -6.46
C GLN C 113 -6.25 -27.17 -5.26
N GLU C 114 -6.32 -28.50 -5.33
CA GLU C 114 -6.78 -29.28 -4.18
C GLU C 114 -5.76 -29.20 -3.04
N GLN C 115 -4.47 -29.27 -3.36
CA GLN C 115 -3.44 -29.15 -2.33
C GLN C 115 -3.47 -27.78 -1.67
N ILE C 116 -3.62 -26.72 -2.48
CA ILE C 116 -3.75 -25.37 -1.93
C ILE C 116 -5.02 -25.26 -1.09
N GLY C 117 -6.10 -25.90 -1.54
CA GLY C 117 -7.34 -25.85 -0.79
C GLY C 117 -7.23 -26.48 0.58
N TRP C 118 -6.44 -27.54 0.70
CA TRP C 118 -6.26 -28.18 2.00
C TRP C 118 -5.35 -27.34 2.90
N MET C 119 -4.22 -26.86 2.35
CA MET C 119 -3.23 -26.16 3.16
C MET C 119 -3.71 -24.79 3.65
N THR C 120 -4.65 -24.17 2.95
CA THR C 120 -5.15 -22.85 3.34
C THR C 120 -6.57 -22.90 3.88
N HIS C 121 -7.10 -24.09 4.15
CA HIS C 121 -8.43 -24.19 4.74
C HIS C 121 -8.40 -23.72 6.19
N ASN C 122 -9.59 -23.51 6.75
CA ASN C 122 -9.74 -23.09 8.15
C ASN C 122 -10.59 -24.13 8.87
N PRO C 123 -9.99 -25.01 9.67
CA PRO C 123 -8.56 -25.15 9.97
C PRO C 123 -7.79 -25.81 8.83
N PRO C 124 -6.49 -25.58 8.73
CA PRO C 124 -5.72 -26.13 7.60
C PRO C 124 -5.39 -27.59 7.79
N ILE C 125 -5.44 -28.32 6.67
CA ILE C 125 -4.96 -29.70 6.62
C ILE C 125 -3.61 -29.67 5.90
N PRO C 126 -2.49 -29.68 6.63
CA PRO C 126 -1.16 -29.43 6.03
C PRO C 126 -0.59 -30.63 5.29
N VAL C 127 -1.11 -30.88 4.08
CA VAL C 127 -0.66 -32.01 3.28
C VAL C 127 0.80 -31.85 2.89
N GLY C 128 1.28 -30.60 2.82
CA GLY C 128 2.69 -30.39 2.52
C GLY C 128 3.59 -30.83 3.66
N GLU C 129 3.24 -30.46 4.89
CA GLU C 129 4.05 -30.85 6.04
C GLU C 129 3.92 -32.33 6.35
N ILE C 130 2.77 -32.94 6.07
CA ILE C 130 2.60 -34.37 6.29
C ILE C 130 3.46 -35.15 5.30
N TYR C 131 3.42 -34.74 4.02
CA TYR C 131 4.27 -35.39 3.02
C TYR C 131 5.75 -35.23 3.35
N LYS C 132 6.14 -34.03 3.80
CA LYS C 132 7.54 -33.79 4.16
C LYS C 132 8.00 -34.72 5.28
N ARG C 133 7.09 -35.09 6.19
CA ARG C 133 7.46 -36.03 7.24
C ARG C 133 7.74 -37.42 6.68
N TRP C 134 6.94 -37.85 5.69
CA TRP C 134 7.18 -39.13 5.04
C TRP C 134 8.51 -39.12 4.29
N ILE C 135 8.86 -37.99 3.67
CA ILE C 135 10.11 -37.90 2.92
C ILE C 135 11.30 -37.92 3.88
N ILE C 136 11.20 -37.19 4.99
CA ILE C 136 12.30 -37.13 5.95
C ILE C 136 12.55 -38.49 6.57
N LEU C 137 11.47 -39.26 6.81
CA LEU C 137 11.63 -40.62 7.30
C LEU C 137 12.40 -41.48 6.30
N GLY C 138 12.06 -41.38 5.01
CA GLY C 138 12.80 -42.11 4.01
C GLY C 138 14.24 -41.68 3.92
N LEU C 139 14.50 -40.37 4.07
CA LEU C 139 15.87 -39.87 4.02
C LEU C 139 16.68 -40.38 5.22
N ASN C 140 16.04 -40.52 6.38
CA ASN C 140 16.72 -41.09 7.54
C ASN C 140 17.19 -42.50 7.25
N LYS C 141 16.37 -43.30 6.55
CA LYS C 141 16.79 -44.65 6.20
C LYS C 141 17.95 -44.63 5.22
N ILE C 142 17.95 -43.70 4.27
CA ILE C 142 19.02 -43.63 3.27
C ILE C 142 20.33 -43.20 3.93
N VAL C 143 20.27 -42.21 4.81
CA VAL C 143 21.47 -41.75 5.50
C VAL C 143 22.08 -42.88 6.33
N ARG C 144 21.22 -43.63 7.02
CA ARG C 144 21.71 -44.78 7.78
C ARG C 144 22.27 -45.86 6.86
N MET C 145 21.65 -46.03 5.69
CA MET C 145 22.14 -46.99 4.71
C MET C 145 23.53 -46.62 4.23
N TYR C 146 23.73 -45.35 3.89
CA TYR C 146 24.99 -44.87 3.35
C TYR C 146 26.07 -44.69 4.41
N SER C 147 25.79 -44.96 5.67
CA SER C 147 26.80 -44.87 6.71
C SER C 147 27.85 -45.95 6.47
N PRO C 148 29.11 -45.58 6.21
CA PRO C 148 30.09 -46.59 5.79
C PRO C 148 30.52 -47.53 6.89
N THR C 149 30.25 -47.22 8.15
CA THR C 149 30.76 -48.04 9.25
C THR C 149 29.80 -47.98 10.43
N SER C 150 29.63 -49.12 11.10
CA SER C 150 28.84 -49.17 12.32
C SER C 150 29.55 -48.44 13.45
N ILE C 151 28.76 -47.95 14.41
CA ILE C 151 29.32 -47.20 15.52
C ILE C 151 30.22 -48.07 16.39
N LEU C 152 29.94 -49.37 16.43
CA LEU C 152 30.75 -50.27 17.26
C LEU C 152 32.15 -50.48 16.70
N ASP C 153 32.34 -50.22 15.39
CA ASP C 153 33.63 -50.41 14.76
C ASP C 153 34.45 -49.12 14.67
N ILE C 154 33.97 -48.02 15.24
CA ILE C 154 34.71 -46.77 15.26
C ILE C 154 35.71 -46.85 16.40
N ARG C 155 36.99 -47.05 16.07
CA ARG C 155 38.04 -47.20 17.06
C ARG C 155 39.14 -46.18 16.80
N GLN C 156 39.67 -45.59 17.86
CA GLN C 156 40.76 -44.64 17.75
C GLN C 156 42.04 -45.36 17.34
N GLY C 157 42.71 -44.86 16.31
CA GLY C 157 43.97 -45.40 15.89
C GLY C 157 45.05 -45.14 16.92
N PRO C 158 46.14 -45.91 16.87
CA PRO C 158 47.23 -45.71 17.84
C PRO C 158 47.94 -44.39 17.68
N LYS C 159 47.88 -43.77 16.49
CA LYS C 159 48.49 -42.46 16.27
C LYS C 159 47.45 -41.40 15.92
N GLU C 160 46.18 -41.71 16.06
CA GLU C 160 45.12 -40.77 15.69
C GLU C 160 44.86 -39.79 16.83
N PRO C 161 44.89 -38.48 16.57
CA PRO C 161 44.54 -37.52 17.61
C PRO C 161 43.13 -37.76 18.12
N PHE C 162 42.94 -37.58 19.43
CA PHE C 162 41.67 -37.90 20.05
C PHE C 162 40.53 -37.09 19.44
N ARG C 163 40.80 -35.84 19.06
CA ARG C 163 39.77 -35.00 18.46
C ARG C 163 39.26 -35.59 17.15
N ASP C 164 40.17 -36.12 16.33
CA ASP C 164 39.76 -36.71 15.06
C ASP C 164 38.95 -37.99 15.26
N TYR C 165 39.25 -38.74 16.33
CA TYR C 165 38.48 -39.94 16.63
C TYR C 165 37.07 -39.59 17.09
N VAL C 166 36.93 -38.51 17.86
CA VAL C 166 35.60 -38.09 18.32
C VAL C 166 34.78 -37.57 17.14
N ASP C 167 35.43 -36.87 16.21
CA ASP C 167 34.73 -36.39 15.02
C ASP C 167 34.08 -37.54 14.25
N ARG C 168 34.86 -38.60 14.00
CA ARG C 168 34.33 -39.77 13.32
C ARG C 168 33.26 -40.46 14.15
N PHE C 169 33.44 -40.49 15.47
CA PHE C 169 32.51 -41.19 16.35
C PHE C 169 31.12 -40.57 16.29
N TYR C 170 31.04 -39.27 16.47
CA TYR C 170 29.72 -38.62 16.54
C TYR C 170 29.13 -38.37 15.16
N LYS C 171 29.96 -38.27 14.12
CA LYS C 171 29.40 -38.26 12.77
C LYS C 171 28.74 -39.58 12.45
N THR C 172 29.37 -40.69 12.85
CA THR C 172 28.78 -42.01 12.63
C THR C 172 27.51 -42.19 13.46
N LEU C 173 27.57 -41.81 14.75
CA LEU C 173 26.40 -41.96 15.61
C LEU C 173 25.21 -41.16 15.09
N ARG C 174 25.48 -39.99 14.50
CA ARG C 174 24.39 -39.19 13.96
C ARG C 174 23.78 -39.86 12.73
N ALA C 175 24.61 -40.49 11.89
CA ALA C 175 24.09 -41.17 10.71
C ALA C 175 23.20 -42.35 11.08
N GLU C 176 23.55 -43.06 12.15
CA GLU C 176 22.72 -44.17 12.59
C GLU C 176 21.44 -43.68 13.26
N GLN C 177 21.50 -42.57 13.96
CA GLN C 177 20.34 -42.05 14.68
C GLN C 177 19.96 -40.65 14.20
N ASN C 184 23.31 -39.78 26.53
CA ASN C 184 23.12 -41.22 26.53
C ASN C 184 24.33 -41.92 27.14
N ALA C 185 24.10 -42.71 28.19
CA ALA C 185 25.20 -43.34 28.91
C ALA C 185 25.86 -44.44 28.10
N ALA C 186 25.11 -45.09 27.20
CA ALA C 186 25.68 -46.18 26.42
C ALA C 186 26.71 -45.67 25.41
N THR C 187 26.51 -44.47 24.86
CA THR C 187 27.45 -43.94 23.90
C THR C 187 28.72 -43.43 24.58
N GLU C 188 28.60 -42.86 25.78
CA GLU C 188 29.79 -42.45 26.52
C GLU C 188 30.63 -43.65 26.90
N THR C 189 30.00 -44.74 27.31
CA THR C 189 30.72 -45.98 27.58
C THR C 189 31.48 -46.45 26.34
N LEU C 190 30.82 -46.41 25.18
CA LEU C 190 31.46 -46.89 23.95
C LEU C 190 32.58 -45.95 23.52
N LEU C 191 32.43 -44.65 23.75
CA LEU C 191 33.45 -43.68 23.35
C LEU C 191 34.75 -43.92 24.11
N VAL C 192 34.65 -44.09 25.43
CA VAL C 192 35.85 -44.36 26.23
C VAL C 192 36.39 -45.76 25.94
N GLN C 193 35.50 -46.72 25.72
CA GLN C 193 35.92 -48.10 25.50
C GLN C 193 36.74 -48.23 24.21
N ASN C 194 36.36 -47.50 23.17
CA ASN C 194 36.99 -47.64 21.87
C ASN C 194 38.17 -46.70 21.65
N ALA C 195 38.55 -45.91 22.64
CA ALA C 195 39.76 -45.11 22.52
C ALA C 195 40.98 -46.02 22.65
N ASN C 196 42.11 -45.54 22.11
CA ASN C 196 43.34 -46.30 22.18
C ASN C 196 43.80 -46.42 23.63
N PRO C 197 44.64 -47.42 23.94
CA PRO C 197 45.00 -47.64 25.35
C PRO C 197 45.59 -46.43 26.05
N ASP C 198 46.27 -45.54 25.32
CA ASP C 198 46.92 -44.39 25.95
C ASP C 198 45.88 -43.43 26.52
N CYS C 199 44.97 -42.96 25.66
CA CYS C 199 43.93 -42.04 26.10
C CYS C 199 42.88 -42.73 26.96
N LYS C 200 42.65 -44.03 26.73
CA LYS C 200 41.63 -44.75 27.49
C LYS C 200 41.95 -44.75 28.99
N THR C 201 43.22 -44.88 29.34
CA THR C 201 43.61 -44.85 30.75
C THR C 201 43.48 -43.44 31.34
N ILE C 202 43.70 -42.41 30.52
CA ILE C 202 43.52 -41.04 31.00
C ILE C 202 42.03 -40.73 31.16
N LEU C 203 41.19 -41.35 30.33
CA LEU C 203 39.75 -41.12 30.43
C LEU C 203 39.17 -41.81 31.65
N LYS C 204 39.54 -43.07 31.88
CA LYS C 204 39.05 -43.78 33.05
C LYS C 204 39.61 -43.19 34.33
N ALA C 205 40.78 -42.55 34.28
CA ALA C 205 41.33 -41.89 35.45
C ALA C 205 40.56 -40.64 35.82
N LEU C 206 39.80 -40.07 34.88
CA LEU C 206 39.00 -38.88 35.19
C LEU C 206 37.84 -39.22 36.11
N GLY C 207 37.27 -40.42 35.99
CA GLY C 207 36.13 -40.80 36.78
C GLY C 207 34.82 -40.51 36.06
N PRO C 208 33.70 -40.74 36.74
CA PRO C 208 32.40 -40.45 36.14
C PRO C 208 32.09 -38.96 36.11
N GLY C 209 31.12 -38.61 35.29
CA GLY C 209 30.68 -37.24 35.19
C GLY C 209 31.61 -36.33 34.42
N ALA C 210 32.51 -36.89 33.62
CA ALA C 210 33.42 -36.08 32.82
C ALA C 210 32.77 -35.68 31.52
N THR C 211 32.76 -34.38 31.24
CA THR C 211 32.20 -33.87 29.99
C THR C 211 33.13 -34.17 28.82
N LEU C 212 32.58 -34.07 27.61
CA LEU C 212 33.40 -34.26 26.42
C LEU C 212 34.52 -33.23 26.35
N GLU C 213 34.23 -32.00 26.77
CA GLU C 213 35.25 -30.97 26.84
C GLU C 213 36.39 -31.40 27.77
N GLU C 214 36.05 -32.02 28.90
CA GLU C 214 37.07 -32.49 29.83
C GLU C 214 37.83 -33.67 29.26
N MET C 215 37.14 -34.56 28.54
CA MET C 215 37.80 -35.73 27.97
C MET C 215 38.77 -35.34 26.86
N MET C 216 38.38 -34.37 26.03
CA MET C 216 39.24 -33.95 24.93
C MET C 216 40.44 -33.14 25.41
N THR C 217 40.31 -32.45 26.55
CA THR C 217 41.44 -31.75 27.12
C THR C 217 42.47 -32.71 27.71
N ALA C 218 41.99 -33.76 28.40
CA ALA C 218 42.89 -34.71 29.03
C ALA C 218 43.67 -35.54 28.02
N CYS C 219 43.19 -35.66 26.78
CA CYS C 219 43.87 -36.42 25.74
C CYS C 219 44.36 -35.54 24.59
N GLN C 220 44.55 -34.24 24.86
CA GLN C 220 44.99 -33.33 23.80
C GLN C 220 46.44 -33.59 23.40
N GLY C 221 47.28 -34.05 24.32
CA GLY C 221 48.67 -34.32 24.04
C GLY C 221 48.90 -35.39 22.99
N PRO D 2 12.86 -16.91 10.36
CA PRO D 2 13.14 -15.77 11.23
C PRO D 2 11.96 -14.80 11.36
N ILE D 3 11.98 -13.99 12.41
CA ILE D 3 10.95 -12.98 12.67
C ILE D 3 11.59 -11.63 12.34
N VAL D 4 11.10 -10.99 11.28
CA VAL D 4 11.71 -9.76 10.79
C VAL D 4 10.64 -8.72 10.50
N GLN D 5 11.09 -7.48 10.37
CA GLN D 5 10.19 -6.39 10.01
C GLN D 5 9.74 -6.54 8.57
N ASN D 6 8.44 -6.35 8.35
CA ASN D 6 7.84 -6.47 7.02
C ASN D 6 8.25 -5.23 6.20
N LEU D 7 7.63 -5.08 5.05
CA LEU D 7 7.67 -3.81 4.33
C LEU D 7 6.55 -2.88 4.76
N GLN D 8 5.58 -3.39 5.53
CA GLN D 8 4.45 -2.62 6.02
C GLN D 8 4.50 -2.43 7.54
N GLY D 9 5.66 -2.58 8.15
CA GLY D 9 5.80 -2.35 9.58
C GLY D 9 5.22 -3.45 10.44
N GLN D 10 5.32 -4.71 10.01
CA GLN D 10 4.76 -5.84 10.74
C GLN D 10 5.86 -6.84 11.04
N MET D 11 5.81 -7.45 12.22
CA MET D 11 6.74 -8.51 12.57
C MET D 11 6.13 -9.85 12.14
N VAL D 12 6.68 -10.44 11.08
CA VAL D 12 6.15 -11.68 10.51
C VAL D 12 7.25 -12.73 10.46
N HIS D 13 6.82 -13.98 10.31
CA HIS D 13 7.73 -15.12 10.21
C HIS D 13 7.99 -15.43 8.73
N GLN D 14 9.25 -15.65 8.39
CA GLN D 14 9.64 -16.01 7.04
C GLN D 14 10.48 -17.28 7.07
N CYS D 15 10.53 -17.96 5.94
CA CYS D 15 11.42 -19.10 5.79
C CYS D 15 12.88 -18.64 5.81
N ILE D 16 13.77 -19.50 6.29
CA ILE D 16 15.18 -19.18 6.29
C ILE D 16 15.69 -19.19 4.86
N SER D 17 16.55 -18.23 4.53
CA SER D 17 16.98 -18.05 3.16
C SER D 17 17.98 -19.13 2.76
N PRO D 18 17.87 -19.68 1.54
CA PRO D 18 18.95 -20.55 1.04
C PRO D 18 20.28 -19.83 0.96
N ARG D 19 20.25 -18.54 0.62
CA ARG D 19 21.44 -17.71 0.66
C ARG D 19 22.08 -17.73 2.03
N THR D 20 21.27 -17.55 3.08
CA THR D 20 21.80 -17.50 4.44
C THR D 20 22.34 -18.86 4.87
N LEU D 21 21.62 -19.94 4.53
CA LEU D 21 22.09 -21.28 4.89
C LEU D 21 23.43 -21.60 4.24
N ASN D 22 23.55 -21.29 2.94
CA ASN D 22 24.80 -21.58 2.24
C ASN D 22 25.95 -20.76 2.79
N ALA D 23 25.68 -19.51 3.18
CA ALA D 23 26.73 -18.66 3.73
C ALA D 23 27.25 -19.22 5.06
N TRP D 24 26.36 -19.73 5.90
CA TRP D 24 26.78 -20.30 7.18
C TRP D 24 27.57 -21.59 6.97
N VAL D 25 27.17 -22.40 5.99
CA VAL D 25 27.89 -23.65 5.72
C VAL D 25 29.29 -23.36 5.21
N LYS D 26 29.42 -22.39 4.31
CA LYS D 26 30.73 -22.07 3.75
C LYS D 26 31.66 -21.45 4.79
N VAL D 27 31.12 -20.68 5.74
CA VAL D 27 31.95 -20.07 6.76
C VAL D 27 32.62 -21.14 7.62
N VAL D 28 31.84 -22.16 8.01
CA VAL D 28 32.39 -23.23 8.84
C VAL D 28 33.41 -24.04 8.05
N GLU D 29 33.16 -24.24 6.76
CA GLU D 29 34.08 -25.03 5.95
C GLU D 29 35.40 -24.29 5.73
N GLU D 30 35.34 -22.98 5.51
CA GLU D 30 36.56 -22.25 5.15
C GLU D 30 37.33 -21.80 6.39
N LYS D 31 36.62 -21.44 7.47
CA LYS D 31 37.26 -20.84 8.64
C LYS D 31 37.30 -21.76 9.85
N ALA D 32 36.70 -22.94 9.78
CA ALA D 32 36.64 -23.87 10.90
C ALA D 32 36.07 -23.18 12.14
N PHE D 33 36.91 -22.93 13.13
CA PHE D 33 36.51 -22.25 14.36
C PHE D 33 37.50 -21.16 14.72
N SER D 34 37.83 -20.32 13.73
CA SER D 34 38.53 -19.09 14.00
C SER D 34 37.61 -18.13 14.75
N PRO D 35 38.19 -17.16 15.48
CA PRO D 35 37.34 -16.25 16.27
C PRO D 35 36.27 -15.52 15.46
N GLU D 36 36.52 -15.22 14.20
CA GLU D 36 35.59 -14.47 13.37
C GLU D 36 34.38 -15.30 12.93
N VAL D 37 34.33 -16.59 13.26
CA VAL D 37 33.16 -17.40 12.96
C VAL D 37 31.98 -16.96 13.82
N ILE D 38 32.23 -16.50 15.04
CA ILE D 38 31.17 -16.19 16.00
C ILE D 38 30.42 -14.92 15.59
N PRO D 39 31.07 -13.80 15.27
CA PRO D 39 30.31 -12.65 14.77
C PRO D 39 29.58 -12.94 13.47
N MET D 40 30.13 -13.83 12.64
CA MET D 40 29.44 -14.22 11.40
C MET D 40 28.17 -15.00 11.70
N PHE D 41 28.24 -15.92 12.67
CA PHE D 41 27.04 -16.67 13.05
C PHE D 41 26.00 -15.75 13.67
N SER D 42 26.44 -14.76 14.45
CA SER D 42 25.50 -13.84 15.09
C SER D 42 24.76 -13.01 14.06
N ALA D 43 25.44 -12.58 12.99
CA ALA D 43 24.79 -11.76 11.99
C ALA D 43 23.90 -12.60 11.08
N LEU D 44 24.35 -13.82 10.73
CA LEU D 44 23.57 -14.67 9.84
C LEU D 44 22.31 -15.20 10.50
N SER D 45 22.25 -15.24 11.83
CA SER D 45 21.08 -15.69 12.57
C SER D 45 20.25 -14.52 13.10
N CYS D 46 20.32 -13.38 12.42
CA CYS D 46 19.56 -12.20 12.85
C CYS D 46 18.06 -12.47 12.79
N GLY D 47 17.39 -12.33 13.93
CA GLY D 47 15.96 -12.55 14.01
C GLY D 47 15.53 -14.00 14.05
N ALA D 48 16.46 -14.92 14.27
CA ALA D 48 16.17 -16.34 14.14
C ALA D 48 15.36 -16.86 15.33
N THR D 49 14.47 -17.79 15.03
CA THR D 49 13.77 -18.55 16.06
C THR D 49 14.67 -19.68 16.55
N PRO D 50 14.33 -20.32 17.67
CA PRO D 50 15.05 -21.54 18.06
C PRO D 50 15.06 -22.61 16.99
N GLN D 51 13.98 -22.70 16.20
CA GLN D 51 13.94 -23.66 15.11
C GLN D 51 14.99 -23.33 14.05
N ASP D 52 15.13 -22.04 13.70
CA ASP D 52 16.12 -21.64 12.72
C ASP D 52 17.54 -21.86 13.24
N LEU D 53 17.76 -21.65 14.54
CA LEU D 53 19.09 -21.86 15.10
C LEU D 53 19.48 -23.32 15.06
N ASN D 54 18.54 -24.22 15.38
CA ASN D 54 18.81 -25.65 15.25
C ASN D 54 19.06 -26.04 13.81
N THR D 55 18.31 -25.44 12.88
CA THR D 55 18.52 -25.70 11.46
C THR D 55 19.94 -25.34 11.04
N MET D 56 20.42 -24.17 11.48
CA MET D 56 21.77 -23.74 11.14
C MET D 56 22.81 -24.70 11.71
N LEU D 57 22.67 -25.07 12.99
CA LEU D 57 23.63 -25.97 13.61
C LEU D 57 23.61 -27.35 12.96
N ASN D 58 22.43 -27.80 12.50
CA ASN D 58 22.34 -29.14 11.92
C ASN D 58 22.92 -29.21 10.51
N THR D 59 23.05 -28.09 9.81
CA THR D 59 23.65 -28.12 8.49
C THR D 59 25.17 -28.22 8.53
N VAL D 60 25.78 -28.11 9.71
CA VAL D 60 27.21 -28.29 9.85
C VAL D 60 27.52 -29.78 9.67
N GLY D 61 28.31 -30.09 8.65
CA GLY D 61 28.55 -31.48 8.28
C GLY D 61 29.57 -32.19 9.14
N GLY D 62 30.77 -31.62 9.23
CA GLY D 62 31.84 -32.17 10.03
C GLY D 62 31.93 -31.53 11.40
N HIS D 63 33.10 -31.65 12.00
CA HIS D 63 33.39 -31.06 13.32
C HIS D 63 32.38 -31.49 14.38
N GLN D 64 31.90 -32.73 14.28
CA GLN D 64 30.86 -33.19 15.18
C GLN D 64 31.34 -33.35 16.61
N ALA D 65 32.66 -33.38 16.84
CA ALA D 65 33.18 -33.30 18.19
C ALA D 65 32.89 -31.94 18.81
N ALA D 66 33.14 -30.86 18.06
CA ALA D 66 32.82 -29.53 18.54
C ALA D 66 31.32 -29.33 18.67
N MET D 67 30.56 -29.81 17.69
CA MET D 67 29.10 -29.67 17.76
C MET D 67 28.51 -30.43 18.93
N GLN D 68 29.13 -31.54 19.32
CA GLN D 68 28.68 -32.25 20.52
C GLN D 68 29.02 -31.46 21.78
N MET D 69 30.20 -30.83 21.81
CA MET D 69 30.53 -29.92 22.92
C MET D 69 29.53 -28.77 22.99
N LEU D 70 29.21 -28.18 21.84
CA LEU D 70 28.18 -27.15 21.80
C LEU D 70 26.85 -27.68 22.33
N LYS D 71 26.53 -28.93 22.02
CA LYS D 71 25.29 -29.53 22.48
C LYS D 71 25.27 -29.70 24.00
N GLU D 72 26.43 -30.01 24.59
CA GLU D 72 26.49 -30.14 26.04
C GLU D 72 26.47 -28.79 26.75
N THR D 73 27.05 -27.75 26.13
CA THR D 73 26.94 -26.40 26.68
C THR D 73 25.49 -25.94 26.70
N ILE D 74 24.75 -26.23 25.63
CA ILE D 74 23.34 -25.85 25.56
C ILE D 74 22.57 -26.53 26.68
N ASN D 75 22.88 -27.80 26.97
CA ASN D 75 22.18 -28.51 28.03
C ASN D 75 22.51 -27.94 29.41
N GLU D 76 23.73 -27.45 29.60
CA GLU D 76 24.08 -26.85 30.88
C GLU D 76 23.40 -25.49 31.05
N GLU D 77 23.30 -24.71 29.98
CA GLU D 77 22.60 -23.43 30.05
C GLU D 77 21.10 -23.65 30.23
N ALA D 78 20.53 -24.66 29.56
CA ALA D 78 19.11 -24.93 29.70
C ALA D 78 18.77 -25.38 31.12
N ALA D 79 19.61 -26.24 31.70
CA ALA D 79 19.37 -26.66 33.08
C ALA D 79 19.53 -25.51 34.06
N GLU D 80 20.44 -24.58 33.78
CA GLU D 80 20.58 -23.41 34.65
C GLU D 80 19.39 -22.48 34.52
N TRP D 81 18.81 -22.37 33.33
CA TRP D 81 17.62 -21.55 33.14
C TRP D 81 16.46 -22.06 34.01
N ASP D 82 16.29 -23.38 34.07
CA ASP D 82 15.22 -23.95 34.89
C ASP D 82 15.44 -23.68 36.37
N ARG D 83 16.70 -23.74 36.81
CA ARG D 83 16.98 -23.49 38.22
C ARG D 83 16.73 -22.02 38.58
N LEU D 84 17.02 -21.11 37.66
CA LEU D 84 16.79 -19.69 37.88
C LEU D 84 15.35 -19.27 37.61
N HIS D 85 14.51 -20.17 37.12
CA HIS D 85 13.10 -19.89 36.84
C HIS D 85 12.26 -21.07 37.33
N PRO D 86 12.08 -21.19 38.64
CA PRO D 86 11.33 -22.34 39.18
C PRO D 86 9.84 -22.16 39.01
N VAL D 87 9.14 -23.30 38.93
CA VAL D 87 7.69 -23.30 38.77
C VAL D 87 7.02 -23.44 40.14
N MET D 97 0.00 -16.98 31.65
CA MET D 97 1.09 -16.87 30.70
C MET D 97 2.19 -17.87 31.02
N ARG D 98 2.21 -18.98 30.28
CA ARG D 98 3.21 -20.02 30.51
C ARG D 98 4.57 -19.53 30.03
N GLU D 99 5.54 -19.50 30.95
CA GLU D 99 6.89 -19.07 30.60
C GLU D 99 7.69 -20.27 30.09
N PRO D 100 8.67 -20.03 29.21
CA PRO D 100 9.36 -21.16 28.59
C PRO D 100 10.35 -21.81 29.54
N ARG D 101 10.46 -23.13 29.43
CA ARG D 101 11.51 -23.86 30.12
C ARG D 101 12.77 -23.88 29.26
N GLY D 102 13.84 -24.45 29.81
CA GLY D 102 15.10 -24.49 29.08
C GLY D 102 15.00 -25.23 27.75
N SER D 103 14.25 -26.34 27.74
CA SER D 103 14.06 -27.10 26.51
C SER D 103 13.17 -26.36 25.51
N ASP D 104 12.29 -25.48 25.99
CA ASP D 104 11.51 -24.65 25.06
C ASP D 104 12.40 -23.66 24.33
N ILE D 105 13.35 -23.06 25.04
CA ILE D 105 14.27 -22.11 24.41
C ILE D 105 15.18 -22.83 23.42
N ALA D 106 15.62 -24.04 23.77
CA ALA D 106 16.46 -24.83 22.89
C ALA D 106 15.70 -25.44 21.73
N GLY D 107 14.38 -25.37 21.72
CA GLY D 107 13.59 -25.84 20.61
C GLY D 107 13.35 -27.33 20.56
N THR D 108 13.58 -28.06 21.66
CA THR D 108 13.35 -29.49 21.69
C THR D 108 11.94 -29.84 22.12
N THR D 109 11.29 -29.00 22.92
CA THR D 109 9.96 -29.27 23.42
C THR D 109 8.95 -28.19 23.05
N SER D 110 9.32 -27.24 22.20
CA SER D 110 8.43 -26.15 21.81
C SER D 110 8.18 -26.19 20.32
N THR D 111 6.94 -25.93 19.92
CA THR D 111 6.60 -25.81 18.52
C THR D 111 7.03 -24.44 18.00
N LEU D 112 7.09 -24.32 16.66
CA LEU D 112 7.37 -23.02 16.07
C LEU D 112 6.32 -22.00 16.46
N GLN D 113 5.07 -22.44 16.60
CA GLN D 113 3.98 -21.53 16.95
C GLN D 113 4.14 -21.01 18.37
N GLU D 114 4.62 -21.85 19.28
CA GLU D 114 4.88 -21.38 20.64
C GLU D 114 6.08 -20.44 20.67
N GLN D 115 7.10 -20.72 19.87
CA GLN D 115 8.26 -19.83 19.81
C GLN D 115 7.88 -18.45 19.28
N ILE D 116 7.07 -18.41 18.23
CA ILE D 116 6.56 -17.13 17.73
C ILE D 116 5.66 -16.48 18.78
N GLY D 117 4.92 -17.28 19.54
CA GLY D 117 4.05 -16.74 20.56
C GLY D 117 4.79 -16.04 21.69
N TRP D 118 6.03 -16.47 21.96
CA TRP D 118 6.86 -15.82 22.97
C TRP D 118 7.60 -14.60 22.40
N MET D 119 8.13 -14.71 21.18
CA MET D 119 8.96 -13.64 20.65
C MET D 119 8.15 -12.39 20.31
N THR D 120 6.89 -12.55 19.91
CA THR D 120 6.06 -11.42 19.54
C THR D 120 5.04 -11.06 20.62
N HIS D 121 5.19 -11.60 21.83
CA HIS D 121 4.33 -11.21 22.94
C HIS D 121 4.65 -9.78 23.36
N ASN D 122 3.76 -9.21 24.18
CA ASN D 122 3.92 -7.85 24.68
C ASN D 122 3.75 -7.85 26.20
N PRO D 123 4.86 -7.80 26.96
CA PRO D 123 6.26 -7.73 26.53
C PRO D 123 6.77 -9.07 25.99
N PRO D 124 7.79 -9.05 25.13
CA PRO D 124 8.26 -10.30 24.55
C PRO D 124 9.18 -11.08 25.47
N ILE D 125 9.13 -12.40 25.33
CA ILE D 125 10.16 -13.28 25.86
C ILE D 125 11.01 -13.73 24.67
N PRO D 126 12.20 -13.16 24.47
CA PRO D 126 12.99 -13.41 23.25
C PRO D 126 13.74 -14.74 23.28
N VAL D 127 13.01 -15.83 23.09
CA VAL D 127 13.59 -17.16 23.18
C VAL D 127 14.67 -17.36 22.12
N GLY D 128 14.52 -16.70 20.97
CA GLY D 128 15.56 -16.80 19.95
C GLY D 128 16.86 -16.12 20.37
N GLU D 129 16.75 -14.97 21.04
CA GLU D 129 17.95 -14.27 21.50
C GLU D 129 18.60 -15.00 22.67
N ILE D 130 17.79 -15.58 23.56
CA ILE D 130 18.34 -16.32 24.69
C ILE D 130 19.10 -17.54 24.21
N TYR D 131 18.50 -18.29 23.27
CA TYR D 131 19.16 -19.48 22.73
C TYR D 131 20.44 -19.12 22.01
N LYS D 132 20.41 -18.05 21.21
CA LYS D 132 21.62 -17.62 20.51
C LYS D 132 22.74 -17.28 21.48
N ARG D 133 22.39 -16.74 22.65
CA ARG D 133 23.39 -16.47 23.66
C ARG D 133 24.03 -17.75 24.17
N TRP D 134 23.22 -18.79 24.39
CA TRP D 134 23.77 -20.08 24.81
C TRP D 134 24.69 -20.66 23.73
N ILE D 135 24.29 -20.52 22.46
CA ILE D 135 25.09 -21.04 21.36
C ILE D 135 26.41 -20.30 21.25
N ILE D 136 26.39 -18.97 21.41
CA ILE D 136 27.61 -18.19 21.30
C ILE D 136 28.55 -18.51 22.46
N LEU D 137 28.00 -18.73 23.65
CA LEU D 137 28.82 -19.18 24.77
C LEU D 137 29.46 -20.53 24.48
N GLY D 138 28.75 -21.40 23.75
CA GLY D 138 29.34 -22.68 23.39
C GLY D 138 30.40 -22.54 22.31
N LEU D 139 30.19 -21.63 21.36
CA LEU D 139 31.18 -21.39 20.32
C LEU D 139 32.43 -20.75 20.88
N ASN D 140 32.28 -19.90 21.91
CA ASN D 140 33.45 -19.32 22.57
C ASN D 140 34.36 -20.41 23.14
N LYS D 141 33.76 -21.41 23.80
CA LYS D 141 34.54 -22.50 24.37
C LYS D 141 35.22 -23.32 23.29
N ILE D 142 34.56 -23.49 22.14
CA ILE D 142 35.16 -24.24 21.04
C ILE D 142 36.32 -23.47 20.43
N VAL D 143 36.12 -22.17 20.20
CA VAL D 143 37.19 -21.33 19.65
C VAL D 143 38.41 -21.35 20.57
N ARG D 144 38.17 -21.26 21.88
CA ARG D 144 39.28 -21.29 22.84
C ARG D 144 39.99 -22.64 22.80
N MET D 145 39.23 -23.74 22.80
CA MET D 145 39.84 -25.06 22.81
C MET D 145 40.61 -25.34 21.52
N TYR D 146 40.16 -24.81 20.40
CA TYR D 146 40.79 -25.07 19.11
C TYR D 146 41.85 -24.03 18.75
N SER D 147 42.20 -23.17 19.70
CA SER D 147 43.32 -22.24 19.49
C SER D 147 44.64 -22.99 19.67
N PRO D 148 45.58 -22.86 18.72
CA PRO D 148 46.79 -23.69 18.79
C PRO D 148 47.73 -23.32 19.93
N THR D 149 47.86 -22.03 20.24
CA THR D 149 48.89 -21.57 21.16
C THR D 149 48.28 -20.71 22.25
N SER D 150 48.93 -20.70 23.41
CA SER D 150 48.59 -19.81 24.50
C SER D 150 49.21 -18.44 24.27
N ILE D 151 48.61 -17.42 24.90
CA ILE D 151 49.09 -16.06 24.74
C ILE D 151 50.48 -15.89 25.34
N LEU D 152 50.84 -16.72 26.33
CA LEU D 152 52.14 -16.60 26.97
C LEU D 152 53.27 -17.09 26.08
N ASP D 153 52.98 -17.96 25.11
CA ASP D 153 54.01 -18.55 24.26
C ASP D 153 54.30 -17.71 23.02
N ILE D 154 53.69 -16.53 22.91
CA ILE D 154 53.89 -15.66 21.75
C ILE D 154 55.07 -14.75 22.05
N ARG D 155 56.21 -15.02 21.40
CA ARG D 155 57.39 -14.19 21.54
C ARG D 155 57.87 -13.75 20.16
N GLN D 156 58.42 -12.53 20.11
CA GLN D 156 58.89 -11.97 18.85
C GLN D 156 60.19 -12.63 18.42
N GLY D 157 60.25 -13.03 17.16
CA GLY D 157 61.45 -13.60 16.60
C GLY D 157 62.55 -12.56 16.46
N PRO D 158 63.81 -13.02 16.46
CA PRO D 158 64.92 -12.06 16.34
C PRO D 158 64.90 -11.28 15.03
N LYS D 159 64.50 -11.92 13.93
CA LYS D 159 64.39 -11.27 12.63
C LYS D 159 62.95 -10.98 12.24
N GLU D 160 62.01 -11.23 13.13
CA GLU D 160 60.60 -10.99 12.82
C GLU D 160 60.27 -9.51 13.02
N PRO D 161 59.69 -8.83 12.03
CA PRO D 161 59.28 -7.45 12.22
C PRO D 161 58.25 -7.34 13.33
N PHE D 162 58.24 -6.18 14.00
CA PHE D 162 57.37 -6.00 15.15
C PHE D 162 55.91 -6.13 14.80
N ARG D 163 55.50 -5.56 13.65
CA ARG D 163 54.09 -5.65 13.25
C ARG D 163 53.65 -7.10 13.09
N ASP D 164 54.53 -7.96 12.55
CA ASP D 164 54.18 -9.37 12.39
C ASP D 164 54.01 -10.05 13.74
N TYR D 165 54.81 -9.67 14.74
CA TYR D 165 54.66 -10.23 16.08
C TYR D 165 53.39 -9.76 16.75
N VAL D 166 52.99 -8.50 16.52
CA VAL D 166 51.76 -7.99 17.10
C VAL D 166 50.55 -8.64 16.45
N ASP D 167 50.65 -8.98 15.16
CA ASP D 167 49.56 -9.67 14.47
C ASP D 167 49.25 -11.00 15.14
N ARG D 168 50.29 -11.77 15.47
CA ARG D 168 50.09 -13.07 16.10
C ARG D 168 49.69 -12.93 17.56
N PHE D 169 50.11 -11.86 18.22
CA PHE D 169 49.77 -11.67 19.63
C PHE D 169 48.26 -11.48 19.82
N TYR D 170 47.67 -10.56 19.05
CA TYR D 170 46.25 -10.27 19.23
C TYR D 170 45.36 -11.28 18.55
N LYS D 171 45.83 -11.95 17.50
CA LYS D 171 45.09 -13.06 16.93
C LYS D 171 44.96 -14.19 17.96
N THR D 172 46.03 -14.45 18.71
CA THR D 172 45.96 -15.43 19.78
C THR D 172 45.10 -14.95 20.93
N LEU D 173 45.16 -13.65 21.25
CA LEU D 173 44.39 -13.11 22.36
C LEU D 173 42.90 -13.15 22.08
N ARG D 174 42.50 -12.98 20.81
CA ARG D 174 41.08 -13.05 20.48
C ARG D 174 40.53 -14.46 20.69
N ALA D 175 41.33 -15.49 20.34
CA ALA D 175 40.89 -16.86 20.57
C ALA D 175 40.87 -17.20 22.04
N GLU D 176 41.72 -16.57 22.85
CA GLU D 176 41.74 -16.83 24.29
C GLU D 176 40.51 -16.25 24.96
N GLN D 177 40.35 -14.93 24.90
CA GLN D 177 39.22 -14.26 25.53
C GLN D 177 37.91 -14.61 24.83
N ALA D 186 48.32 -5.60 31.93
CA ALA D 186 47.93 -6.98 31.72
C ALA D 186 48.46 -7.48 30.38
N THR D 187 47.62 -7.39 29.34
CA THR D 187 48.06 -7.76 28.00
C THR D 187 49.16 -6.82 27.51
N GLU D 188 49.11 -5.56 27.93
CA GLU D 188 50.14 -4.61 27.53
C GLU D 188 51.50 -5.00 28.09
N THR D 189 51.52 -5.55 29.31
CA THR D 189 52.79 -5.99 29.89
C THR D 189 53.37 -7.17 29.12
N LEU D 190 52.51 -8.12 28.73
CA LEU D 190 52.98 -9.30 28.01
C LEU D 190 53.54 -8.93 26.64
N LEU D 191 52.94 -7.92 25.99
CA LEU D 191 53.38 -7.54 24.65
C LEU D 191 54.80 -7.01 24.65
N VAL D 192 55.14 -6.17 25.62
CA VAL D 192 56.49 -5.63 25.70
C VAL D 192 57.45 -6.66 26.27
N GLN D 193 56.99 -7.46 27.22
CA GLN D 193 57.85 -8.46 27.87
C GLN D 193 58.35 -9.50 26.88
N ASN D 194 57.53 -9.85 25.89
CA ASN D 194 57.86 -10.93 24.96
C ASN D 194 58.40 -10.44 23.63
N ALA D 195 58.76 -9.16 23.53
CA ALA D 195 59.45 -8.67 22.34
C ALA D 195 60.93 -9.05 22.40
N ASN D 196 61.59 -8.99 21.24
CA ASN D 196 63.01 -9.27 21.19
C ASN D 196 63.78 -8.21 21.99
N PRO D 197 65.00 -8.54 22.44
CA PRO D 197 65.74 -7.58 23.29
C PRO D 197 65.93 -6.21 22.67
N ASP D 198 66.03 -6.11 21.35
CA ASP D 198 66.21 -4.82 20.70
C ASP D 198 64.99 -3.94 20.85
N CYS D 199 63.87 -4.36 20.28
CA CYS D 199 62.65 -3.55 20.33
C CYS D 199 62.15 -3.38 21.76
N LYS D 200 62.40 -4.37 22.63
CA LYS D 200 61.98 -4.25 24.03
C LYS D 200 62.65 -3.06 24.72
N THR D 201 63.88 -2.74 24.32
CA THR D 201 64.55 -1.57 24.87
C THR D 201 63.90 -0.29 24.36
N ILE D 202 63.59 -0.24 23.07
CA ILE D 202 63.00 0.97 22.49
C ILE D 202 61.59 1.20 23.03
N LEU D 203 60.86 0.12 23.33
CA LEU D 203 59.51 0.27 23.87
C LEU D 203 59.55 0.88 25.27
N LYS D 204 60.43 0.36 26.13
CA LYS D 204 60.57 0.94 27.47
C LYS D 204 61.23 2.32 27.44
N ALA D 205 61.88 2.67 26.32
CA ALA D 205 62.47 4.00 26.21
C ALA D 205 61.40 5.07 25.98
N LEU D 206 60.28 4.70 25.33
CA LEU D 206 59.23 5.66 25.09
C LEU D 206 58.45 6.01 26.35
N GLY D 207 58.45 5.13 27.35
CA GLY D 207 57.76 5.38 28.59
C GLY D 207 56.43 4.66 28.67
N PRO D 208 55.68 4.90 29.74
CA PRO D 208 54.40 4.23 29.92
C PRO D 208 53.28 4.92 29.14
N GLY D 209 52.21 4.16 28.91
CA GLY D 209 51.04 4.70 28.26
C GLY D 209 51.21 5.04 26.79
N ALA D 210 52.15 4.39 26.12
CA ALA D 210 52.36 4.63 24.70
C ALA D 210 51.32 3.88 23.88
N THR D 211 50.83 4.53 22.82
CA THR D 211 49.86 3.91 21.94
C THR D 211 50.52 2.82 21.09
N LEU D 212 49.70 1.89 20.60
CA LEU D 212 50.24 0.84 19.74
C LEU D 212 50.83 1.42 18.47
N GLU D 213 50.22 2.47 17.93
CA GLU D 213 50.80 3.15 16.77
C GLU D 213 52.19 3.67 17.09
N GLU D 214 52.36 4.27 18.28
CA GLU D 214 53.67 4.78 18.65
C GLU D 214 54.67 3.66 18.91
N MET D 215 54.18 2.49 19.35
CA MET D 215 55.08 1.37 19.58
C MET D 215 55.52 0.70 18.28
N MET D 216 54.65 0.70 17.26
CA MET D 216 54.98 0.05 16.00
C MET D 216 55.83 0.93 15.09
N THR D 217 55.73 2.25 15.21
CA THR D 217 56.59 3.14 14.43
C THR D 217 58.00 3.20 15.01
N ALA D 218 58.16 2.94 16.31
CA ALA D 218 59.48 2.98 16.91
C ALA D 218 60.31 1.77 16.53
N CYS D 219 59.68 0.61 16.40
CA CYS D 219 60.36 -0.63 16.06
C CYS D 219 60.19 -1.02 14.59
N GLN D 220 59.85 -0.06 13.73
CA GLN D 220 59.68 -0.35 12.31
C GLN D 220 61.03 -0.66 11.67
N PRO E 2 21.20 -2.74 9.06
CA PRO E 2 21.15 -1.30 8.82
C PRO E 2 19.74 -0.73 8.95
N ILE E 3 19.60 0.57 8.71
CA ILE E 3 18.31 1.26 8.75
C ILE E 3 17.93 1.63 7.34
N VAL E 4 16.80 1.12 6.87
CA VAL E 4 16.29 1.40 5.54
C VAL E 4 14.86 1.89 5.64
N GLN E 5 14.39 2.52 4.55
CA GLN E 5 13.04 3.07 4.51
C GLN E 5 12.08 2.05 3.92
N ASN E 6 10.92 1.92 4.55
CA ASN E 6 9.93 0.92 4.16
C ASN E 6 8.90 1.55 3.22
N LEU E 7 7.81 0.82 2.98
CA LEU E 7 6.74 1.28 2.09
C LEU E 7 5.78 2.26 2.75
N GLN E 8 6.12 2.76 3.95
CA GLN E 8 5.31 3.74 4.65
C GLN E 8 6.11 5.00 4.97
N GLY E 9 7.26 5.19 4.33
CA GLY E 9 8.08 6.36 4.60
C GLY E 9 8.72 6.37 5.96
N GLN E 10 8.85 5.22 6.61
CA GLN E 10 9.43 5.10 7.95
C GLN E 10 10.76 4.38 7.88
N MET E 11 11.70 4.82 8.71
CA MET E 11 13.00 4.15 8.80
C MET E 11 12.89 2.99 9.78
N VAL E 12 13.08 1.77 9.28
CA VAL E 12 12.98 0.56 10.08
C VAL E 12 14.30 -0.18 10.03
N HIS E 13 14.50 -1.07 11.01
CA HIS E 13 15.71 -1.87 11.05
C HIS E 13 15.60 -3.06 10.13
N GLN E 14 16.75 -3.46 9.57
CA GLN E 14 16.84 -4.58 8.65
C GLN E 14 18.09 -5.37 8.98
N CYS E 15 18.01 -6.69 8.90
CA CYS E 15 19.18 -7.52 9.15
C CYS E 15 20.23 -7.29 8.08
N ILE E 16 21.49 -7.25 8.49
CA ILE E 16 22.59 -7.09 7.55
C ILE E 16 22.68 -8.33 6.67
N SER E 17 22.83 -8.11 5.37
CA SER E 17 22.69 -9.20 4.41
C SER E 17 23.98 -10.01 4.29
N PRO E 18 23.86 -11.30 3.94
CA PRO E 18 25.07 -12.10 3.71
C PRO E 18 25.95 -11.57 2.60
N ARG E 19 25.34 -11.01 1.53
CA ARG E 19 26.15 -10.43 0.46
C ARG E 19 27.00 -9.28 0.97
N THR E 20 26.46 -8.46 1.87
CA THR E 20 27.22 -7.35 2.42
C THR E 20 28.38 -7.85 3.28
N LEU E 21 28.14 -8.88 4.09
CA LEU E 21 29.20 -9.42 4.94
C LEU E 21 30.31 -10.05 4.10
N ASN E 22 29.94 -10.92 3.15
CA ASN E 22 30.95 -11.60 2.34
C ASN E 22 31.75 -10.60 1.49
N ALA E 23 31.10 -9.53 1.03
CA ALA E 23 31.78 -8.53 0.24
C ALA E 23 32.87 -7.82 1.04
N TRP E 24 32.57 -7.45 2.29
CA TRP E 24 33.55 -6.74 3.10
C TRP E 24 34.70 -7.66 3.51
N VAL E 25 34.40 -8.92 3.85
CA VAL E 25 35.45 -9.88 4.16
C VAL E 25 36.35 -10.10 2.95
N LYS E 26 35.75 -10.18 1.76
CA LYS E 26 36.53 -10.48 0.56
C LYS E 26 37.42 -9.32 0.15
N VAL E 27 36.97 -8.08 0.36
CA VAL E 27 37.80 -6.94 -0.05
C VAL E 27 39.01 -6.80 0.86
N VAL E 28 38.90 -7.25 2.12
CA VAL E 28 40.05 -7.21 3.02
C VAL E 28 40.99 -8.38 2.72
N GLU E 29 40.43 -9.54 2.34
CA GLU E 29 41.26 -10.68 1.99
C GLU E 29 42.07 -10.42 0.72
N GLU E 30 41.51 -9.66 -0.22
CA GLU E 30 42.13 -9.46 -1.52
C GLU E 30 42.92 -8.17 -1.65
N LYS E 31 42.54 -7.12 -0.91
CA LYS E 31 43.18 -5.82 -1.05
C LYS E 31 43.92 -5.37 0.21
N ALA E 32 43.90 -6.16 1.29
CA ALA E 32 44.49 -5.77 2.56
C ALA E 32 43.97 -4.42 3.01
N PHE E 33 44.83 -3.41 3.02
CA PHE E 33 44.45 -2.05 3.38
C PHE E 33 44.97 -1.05 2.36
N SER E 34 44.77 -1.38 1.08
CA SER E 34 44.97 -0.40 0.03
C SER E 34 43.97 0.73 0.19
N PRO E 35 44.30 1.94 -0.26
CA PRO E 35 43.41 3.09 0.02
C PRO E 35 41.98 2.92 -0.51
N GLU E 36 41.77 2.08 -1.53
CA GLU E 36 40.43 1.92 -2.06
C GLU E 36 39.52 1.10 -1.16
N VAL E 37 40.05 0.49 -0.10
CA VAL E 37 39.22 -0.28 0.82
C VAL E 37 38.38 0.61 1.73
N ILE E 38 38.73 1.89 1.82
CA ILE E 38 38.03 2.82 2.71
C ILE E 38 36.72 3.27 2.08
N PRO E 39 36.68 3.71 0.81
CA PRO E 39 35.38 3.98 0.19
C PRO E 39 34.53 2.73 0.04
N MET E 40 35.16 1.56 -0.13
CA MET E 40 34.40 0.32 -0.17
C MET E 40 33.79 0.00 1.19
N PHE E 41 34.51 0.29 2.27
CA PHE E 41 33.94 0.12 3.61
C PHE E 41 32.80 1.10 3.82
N SER E 42 32.96 2.34 3.35
CA SER E 42 31.94 3.36 3.55
C SER E 42 30.67 3.02 2.78
N ALA E 43 30.80 2.43 1.59
CA ALA E 43 29.63 2.10 0.79
C ALA E 43 28.93 0.86 1.32
N LEU E 44 29.70 -0.15 1.73
CA LEU E 44 29.12 -1.38 2.25
C LEU E 44 28.50 -1.20 3.62
N SER E 45 28.93 -0.17 4.37
CA SER E 45 28.35 0.14 5.68
C SER E 45 27.25 1.20 5.58
N CYS E 46 26.66 1.37 4.41
CA CYS E 46 25.62 2.38 4.22
C CYS E 46 24.39 2.04 5.05
N GLY E 47 23.99 2.98 5.90
CA GLY E 47 22.86 2.80 6.79
C GLY E 47 23.13 1.99 8.04
N ALA E 48 24.39 1.61 8.28
CA ALA E 48 24.69 0.67 9.35
C ALA E 48 24.49 1.29 10.73
N THR E 49 24.05 0.46 11.67
CA THR E 49 24.03 0.81 13.08
C THR E 49 25.40 0.55 13.69
N PRO E 50 25.67 1.08 14.89
CA PRO E 50 26.91 0.71 15.58
C PRO E 50 27.09 -0.80 15.73
N GLN E 51 25.99 -1.54 15.94
CA GLN E 51 26.08 -2.99 15.99
C GLN E 51 26.55 -3.56 14.66
N ASP E 52 26.02 -3.03 13.56
CA ASP E 52 26.44 -3.51 12.24
C ASP E 52 27.91 -3.22 11.98
N LEU E 53 28.37 -2.03 12.38
CA LEU E 53 29.77 -1.68 12.16
C LEU E 53 30.70 -2.58 12.96
N ASN E 54 30.32 -2.94 14.18
CA ASN E 54 31.13 -3.87 14.97
C ASN E 54 31.15 -5.25 14.34
N THR E 55 30.02 -5.68 13.76
CA THR E 55 29.98 -6.97 13.09
C THR E 55 30.94 -6.99 11.91
N MET E 56 30.98 -5.93 11.12
CA MET E 56 31.87 -5.88 9.97
C MET E 56 33.34 -5.91 10.41
N LEU E 57 33.67 -5.15 11.45
CA LEU E 57 35.05 -5.13 11.93
C LEU E 57 35.43 -6.47 12.55
N ASN E 58 34.49 -7.12 13.24
CA ASN E 58 34.80 -8.39 13.91
C ASN E 58 34.98 -9.55 12.94
N THR E 59 34.43 -9.46 11.74
CA THR E 59 34.59 -10.53 10.77
C THR E 59 35.93 -10.46 10.03
N VAL E 60 36.72 -9.42 10.25
CA VAL E 60 38.00 -9.29 9.59
C VAL E 60 38.97 -10.33 10.15
N GLY E 61 39.48 -11.19 9.28
CA GLY E 61 40.46 -12.20 9.66
C GLY E 61 41.87 -11.68 9.40
N GLY E 62 42.75 -11.89 10.37
CA GLY E 62 44.10 -11.37 10.29
C GLY E 62 44.16 -9.88 10.51
N HIS E 63 45.37 -9.34 10.30
CA HIS E 63 45.62 -7.90 10.45
C HIS E 63 45.19 -7.38 11.82
N GLN E 64 45.33 -8.23 12.85
CA GLN E 64 44.85 -7.86 14.18
C GLN E 64 45.67 -6.76 14.82
N ALA E 65 46.90 -6.56 14.38
CA ALA E 65 47.66 -5.39 14.83
C ALA E 65 47.01 -4.11 14.34
N ALA E 66 46.58 -4.09 13.06
CA ALA E 66 45.86 -2.95 12.54
C ALA E 66 44.51 -2.78 13.23
N MET E 67 43.79 -3.89 13.44
CA MET E 67 42.52 -3.83 14.14
C MET E 67 42.67 -3.29 15.55
N GLN E 68 43.82 -3.59 16.20
CA GLN E 68 44.07 -3.06 17.53
C GLN E 68 44.28 -1.55 17.50
N MET E 69 45.03 -1.06 16.51
CA MET E 69 45.20 0.37 16.33
C MET E 69 43.86 1.05 16.11
N LEU E 70 43.03 0.48 15.22
CA LEU E 70 41.69 1.02 14.99
C LEU E 70 40.88 1.01 16.28
N LYS E 71 41.02 -0.04 17.09
CA LYS E 71 40.30 -0.12 18.36
C LYS E 71 40.77 0.98 19.31
N GLU E 72 42.06 1.32 19.27
CA GLU E 72 42.56 2.38 20.14
C GLU E 72 42.13 3.75 19.63
N THR E 73 42.08 3.94 18.31
CA THR E 73 41.61 5.19 17.76
C THR E 73 40.15 5.44 18.12
N ILE E 74 39.34 4.39 18.11
CA ILE E 74 37.94 4.53 18.49
C ILE E 74 37.81 4.96 19.94
N ASN E 75 38.70 4.46 20.80
CA ASN E 75 38.66 4.83 22.21
C ASN E 75 39.04 6.29 22.42
N GLU E 76 40.00 6.79 21.63
CA GLU E 76 40.38 8.19 21.74
C GLU E 76 39.25 9.10 21.30
N GLU E 77 38.58 8.77 20.18
CA GLU E 77 37.47 9.59 19.71
C GLU E 77 36.28 9.50 20.65
N ALA E 78 36.07 8.34 21.27
CA ALA E 78 34.97 8.20 22.22
C ALA E 78 35.23 9.04 23.47
N ALA E 79 36.49 9.11 23.92
CA ALA E 79 36.82 9.95 25.06
C ALA E 79 36.68 11.43 24.72
N GLU E 80 37.02 11.80 23.49
CA GLU E 80 36.84 13.19 23.07
C GLU E 80 35.36 13.56 22.98
N TRP E 81 34.52 12.60 22.58
CA TRP E 81 33.08 12.86 22.54
C TRP E 81 32.54 13.10 23.93
N ASP E 82 32.99 12.33 24.92
CA ASP E 82 32.54 12.56 26.29
C ASP E 82 32.97 13.93 26.80
N ARG E 83 34.12 14.42 26.33
CA ARG E 83 34.61 15.73 26.78
C ARG E 83 33.76 16.85 26.20
N LEU E 84 33.37 16.74 24.93
CA LEU E 84 32.62 17.80 24.27
C LEU E 84 31.11 17.70 24.49
N HIS E 85 30.59 16.51 24.77
CA HIS E 85 29.16 16.29 24.97
C HIS E 85 28.95 15.57 26.29
N PRO E 86 29.06 16.29 27.42
CA PRO E 86 28.88 15.63 28.72
C PRO E 86 27.42 15.28 28.97
N VAL E 87 27.18 14.06 29.44
CA VAL E 87 25.81 13.63 29.74
C VAL E 87 25.32 14.34 30.99
N HIS E 88 24.09 14.84 30.92
CA HIS E 88 23.44 15.53 32.04
C HIS E 88 22.61 14.53 32.84
N ALA E 89 22.78 14.56 34.17
CA ALA E 89 22.01 13.67 35.03
C ALA E 89 20.56 14.13 35.13
N GLY E 90 19.70 13.22 35.58
CA GLY E 90 18.29 13.51 35.73
C GLY E 90 17.42 12.66 34.84
N PRO E 91 16.11 12.70 35.08
CA PRO E 91 15.19 11.92 34.25
C PRO E 91 15.11 12.45 32.83
N ILE E 92 14.77 11.55 31.92
CA ILE E 92 14.76 11.85 30.49
C ILE E 92 13.36 12.31 30.08
N ALA E 93 13.30 13.38 29.32
CA ALA E 93 12.03 13.96 28.92
C ALA E 93 11.18 12.92 28.17
N PRO E 94 9.86 12.98 28.32
CA PRO E 94 9.01 11.96 27.67
C PRO E 94 9.07 12.07 26.15
N GLY E 95 9.07 10.90 25.51
CA GLY E 95 9.24 10.85 24.07
C GLY E 95 10.63 11.18 23.58
N GLN E 96 11.62 11.17 24.46
CA GLN E 96 12.98 11.52 24.11
C GLN E 96 13.91 10.35 24.41
N MET E 97 15.12 10.43 23.85
CA MET E 97 16.16 9.44 24.08
C MET E 97 17.15 9.95 25.11
N ARG E 98 17.71 9.03 25.89
CA ARG E 98 18.83 9.38 26.74
C ARG E 98 20.03 9.75 25.88
N GLU E 99 20.85 10.66 26.37
CA GLU E 99 21.95 11.18 25.58
C GLU E 99 23.05 10.14 25.44
N PRO E 100 23.58 9.92 24.24
CA PRO E 100 24.60 8.87 24.06
C PRO E 100 25.99 9.38 24.42
N ARG E 101 26.73 8.58 25.18
CA ARG E 101 28.13 8.82 25.40
C ARG E 101 28.95 8.10 24.34
N GLY E 102 30.29 8.22 24.44
CA GLY E 102 31.14 7.63 23.43
C GLY E 102 31.00 6.12 23.33
N SER E 103 30.83 5.46 24.47
CA SER E 103 30.65 4.00 24.47
C SER E 103 29.31 3.62 23.86
N ASP E 104 28.30 4.49 23.95
CA ASP E 104 27.03 4.23 23.28
C ASP E 104 27.18 4.32 21.77
N ILE E 105 27.94 5.31 21.29
CA ILE E 105 28.15 5.45 19.85
C ILE E 105 28.95 4.28 19.32
N ALA E 106 29.97 3.85 20.06
CA ALA E 106 30.79 2.71 19.67
C ALA E 106 30.08 1.38 19.84
N GLY E 107 28.92 1.36 20.49
CA GLY E 107 28.12 0.15 20.58
C GLY E 107 28.51 -0.81 21.67
N THR E 108 29.27 -0.38 22.66
CA THR E 108 29.67 -1.27 23.75
C THR E 108 28.69 -1.25 24.91
N THR E 109 28.01 -0.12 25.15
CA THR E 109 27.11 0.02 26.28
C THR E 109 25.68 0.35 25.86
N SER E 110 25.39 0.35 24.56
CA SER E 110 24.05 0.65 24.07
C SER E 110 23.45 -0.60 23.43
N THR E 111 22.14 -0.76 23.60
CA THR E 111 21.43 -1.85 22.97
C THR E 111 21.09 -1.50 21.52
N LEU E 112 20.71 -2.53 20.75
CA LEU E 112 20.27 -2.30 19.38
C LEU E 112 19.04 -1.40 19.35
N GLN E 113 18.12 -1.58 20.30
CA GLN E 113 16.92 -0.77 20.34
C GLN E 113 17.24 0.69 20.62
N GLU E 114 18.26 0.95 21.42
CA GLU E 114 18.68 2.33 21.68
C GLU E 114 19.33 2.95 20.44
N GLN E 115 20.14 2.17 19.72
CA GLN E 115 20.74 2.67 18.50
C GLN E 115 19.69 3.01 17.45
N ILE E 116 18.69 2.13 17.29
CA ILE E 116 17.58 2.43 16.40
C ILE E 116 16.83 3.66 16.89
N GLY E 117 16.69 3.81 18.21
CA GLY E 117 15.99 4.95 18.75
C GLY E 117 16.65 6.27 18.41
N TRP E 118 17.99 6.31 18.45
CA TRP E 118 18.70 7.54 18.08
C TRP E 118 18.65 7.79 16.59
N MET E 119 18.89 6.74 15.78
CA MET E 119 19.01 6.92 14.34
C MET E 119 17.67 7.26 13.67
N THR E 120 16.55 6.89 14.29
CA THR E 120 15.24 7.15 13.71
C THR E 120 14.47 8.21 14.49
N HIS E 121 15.10 8.90 15.44
CA HIS E 121 14.42 9.96 16.16
C HIS E 121 14.23 11.18 15.26
N ASN E 122 13.40 12.11 15.72
CA ASN E 122 13.14 13.37 15.01
C ASN E 122 13.36 14.52 15.99
N PRO E 123 14.50 15.22 15.90
CA PRO E 123 15.61 15.05 14.95
C PRO E 123 16.47 13.84 15.28
N PRO E 124 17.15 13.26 14.28
CA PRO E 124 17.93 12.05 14.53
C PRO E 124 19.32 12.36 15.07
N ILE E 125 19.76 11.52 15.99
CA ILE E 125 21.14 11.53 16.47
C ILE E 125 21.87 10.40 15.75
N PRO E 126 22.63 10.69 14.69
CA PRO E 126 23.21 9.64 13.84
C PRO E 126 24.44 8.96 14.46
N VAL E 127 24.18 8.10 15.44
CA VAL E 127 25.27 7.40 16.12
C VAL E 127 26.01 6.48 15.15
N GLY E 128 25.33 5.99 14.12
CA GLY E 128 26.01 5.19 13.11
C GLY E 128 26.97 6.01 12.27
N GLU E 129 26.55 7.20 11.87
CA GLU E 129 27.43 8.07 11.10
C GLU E 129 28.59 8.57 11.94
N ILE E 130 28.34 8.90 13.21
CA ILE E 130 29.41 9.38 14.09
C ILE E 130 30.43 8.27 14.30
N TYR E 131 29.97 7.06 14.62
CA TYR E 131 30.87 5.94 14.82
C TYR E 131 31.67 5.65 13.55
N LYS E 132 31.02 5.76 12.37
CA LYS E 132 31.72 5.45 11.13
C LYS E 132 32.83 6.45 10.85
N ARG E 133 32.66 7.72 11.25
CA ARG E 133 33.75 8.68 11.12
C ARG E 133 34.95 8.29 11.97
N TRP E 134 34.69 7.79 13.17
CA TRP E 134 35.78 7.32 14.03
C TRP E 134 36.50 6.14 13.40
N ILE E 135 35.75 5.24 12.75
CA ILE E 135 36.36 4.06 12.14
C ILE E 135 37.18 4.47 10.92
N ILE E 136 36.63 5.34 10.08
CA ILE E 136 37.33 5.78 8.88
C ILE E 136 38.61 6.53 9.26
N LEU E 137 38.57 7.28 10.36
CA LEU E 137 39.78 7.94 10.84
C LEU E 137 40.85 6.92 11.18
N GLY E 138 40.47 5.85 11.88
CA GLY E 138 41.42 4.80 12.22
C GLY E 138 41.91 4.04 11.00
N LEU E 139 41.05 3.86 10.00
CA LEU E 139 41.46 3.17 8.79
C LEU E 139 42.44 4.00 7.97
N ASN E 140 42.30 5.33 8.01
CA ASN E 140 43.28 6.20 7.34
C ASN E 140 44.67 6.02 7.97
N LYS E 141 44.73 5.92 9.29
CA LYS E 141 46.01 5.72 9.96
C LYS E 141 46.59 4.34 9.66
N ILE E 142 45.73 3.36 9.35
CA ILE E 142 46.21 2.04 8.98
C ILE E 142 46.74 2.05 7.55
N VAL E 143 46.07 2.76 6.65
CA VAL E 143 46.53 2.86 5.26
C VAL E 143 47.89 3.53 5.20
N ARG E 144 48.13 4.51 6.07
CA ARG E 144 49.42 5.19 6.08
C ARG E 144 50.53 4.27 6.55
N MET E 145 50.33 3.59 7.68
CA MET E 145 51.35 2.68 8.20
C MET E 145 51.61 1.50 7.28
N TYR E 146 50.63 1.13 6.44
CA TYR E 146 50.81 0.08 5.46
C TYR E 146 51.43 0.57 4.15
N SER E 147 51.52 1.89 3.96
CA SER E 147 52.11 2.43 2.75
C SER E 147 53.61 2.19 2.75
N PRO E 148 54.17 1.57 1.71
CA PRO E 148 55.61 1.26 1.73
C PRO E 148 56.50 2.44 1.38
N THR E 149 56.03 3.32 0.50
CA THR E 149 56.86 4.37 -0.07
C THR E 149 56.16 5.71 0.02
N SER E 150 56.92 6.74 0.38
CA SER E 150 56.42 8.10 0.46
C SER E 150 56.40 8.76 -0.92
N ILE E 151 55.64 9.85 -1.03
CA ILE E 151 55.46 10.55 -2.31
C ILE E 151 56.76 11.16 -2.82
N LEU E 152 57.79 11.24 -1.99
CA LEU E 152 59.06 11.80 -2.43
C LEU E 152 60.00 10.75 -3.00
N ASP E 153 59.93 9.51 -2.51
CA ASP E 153 60.88 8.49 -2.91
C ASP E 153 60.40 7.73 -4.14
N ILE E 154 59.58 8.38 -4.97
CA ILE E 154 59.15 7.82 -6.24
C ILE E 154 59.72 8.68 -7.36
N ARG E 155 60.42 8.05 -8.29
CA ARG E 155 61.01 8.75 -9.41
C ARG E 155 60.79 7.92 -10.67
N GLN E 156 60.71 8.61 -11.80
CA GLN E 156 60.56 7.95 -13.09
C GLN E 156 61.89 7.31 -13.50
N GLY E 157 61.89 5.99 -13.66
CA GLY E 157 63.03 5.32 -14.22
C GLY E 157 63.31 5.85 -15.60
N PRO E 158 64.59 5.99 -15.95
CA PRO E 158 64.93 6.51 -17.29
C PRO E 158 64.33 5.69 -18.41
N LYS E 159 64.12 4.39 -18.21
CA LYS E 159 63.45 3.55 -19.18
C LYS E 159 61.95 3.41 -18.92
N GLU E 160 61.49 3.80 -17.75
CA GLU E 160 60.07 3.71 -17.43
C GLU E 160 59.28 4.74 -18.22
N PRO E 161 58.18 4.36 -18.85
CA PRO E 161 57.34 5.35 -19.55
C PRO E 161 56.75 6.35 -18.57
N PHE E 162 56.36 7.51 -19.11
CA PHE E 162 55.84 8.57 -18.26
C PHE E 162 54.49 8.19 -17.66
N ARG E 163 53.67 7.44 -18.41
CA ARG E 163 52.38 7.03 -17.89
C ARG E 163 52.54 6.10 -16.68
N ASP E 164 53.44 5.12 -16.78
CA ASP E 164 53.66 4.21 -15.67
C ASP E 164 54.20 4.94 -14.44
N TYR E 165 54.95 6.02 -14.66
CA TYR E 165 55.45 6.80 -13.54
C TYR E 165 54.33 7.56 -12.85
N VAL E 166 53.44 8.18 -13.64
CA VAL E 166 52.32 8.91 -13.05
C VAL E 166 51.35 7.95 -12.37
N ASP E 167 51.27 6.70 -12.84
CA ASP E 167 50.47 5.70 -12.15
C ASP E 167 50.96 5.46 -10.73
N ARG E 168 52.28 5.23 -10.59
CA ARG E 168 52.86 5.03 -9.27
C ARG E 168 52.84 6.30 -8.44
N PHE E 169 52.85 7.46 -9.09
CA PHE E 169 52.83 8.75 -8.39
C PHE E 169 51.54 8.93 -7.61
N TYR E 170 50.42 9.06 -8.33
CA TYR E 170 49.15 9.32 -7.68
C TYR E 170 48.64 8.12 -6.87
N LYS E 171 49.21 6.94 -7.09
CA LYS E 171 48.87 5.80 -6.24
C LYS E 171 49.43 5.98 -4.84
N THR E 172 50.73 6.26 -4.74
CA THR E 172 51.35 6.50 -3.44
C THR E 172 50.85 7.79 -2.79
N LEU E 173 50.35 8.74 -3.58
CA LEU E 173 49.82 9.97 -3.00
C LEU E 173 48.48 9.73 -2.31
N ARG E 174 47.65 8.85 -2.87
CA ARG E 174 46.38 8.52 -2.23
C ARG E 174 46.58 7.82 -0.89
N ALA E 175 47.65 7.03 -0.78
CA ALA E 175 47.93 6.35 0.49
C ALA E 175 48.48 7.32 1.54
N GLU E 176 49.32 8.26 1.12
CA GLU E 176 49.86 9.25 2.04
C GLU E 176 48.81 10.29 2.39
N ALA E 186 48.28 20.90 -4.19
CA ALA E 186 49.42 21.69 -4.64
C ALA E 186 50.63 20.81 -4.87
N THR E 187 50.41 19.50 -4.88
CA THR E 187 51.50 18.55 -5.10
C THR E 187 51.75 18.28 -6.57
N GLU E 188 50.83 18.68 -7.45
CA GLU E 188 51.04 18.52 -8.88
C GLU E 188 52.16 19.40 -9.42
N THR E 189 52.76 20.24 -8.57
CA THR E 189 53.93 21.02 -8.95
C THR E 189 55.24 20.30 -8.69
N LEU E 190 55.18 19.07 -8.13
CA LEU E 190 56.38 18.26 -7.93
C LEU E 190 56.50 17.14 -8.93
N LEU E 191 55.40 16.76 -9.59
CA LEU E 191 55.44 15.68 -10.57
C LEU E 191 56.42 15.98 -11.69
N VAL E 192 56.38 17.22 -12.20
CA VAL E 192 57.33 17.64 -13.24
C VAL E 192 58.75 17.58 -12.72
N GLN E 193 58.96 18.04 -11.48
CA GLN E 193 60.31 18.15 -10.93
C GLN E 193 60.99 16.78 -10.83
N ASN E 194 60.25 15.76 -10.40
CA ASN E 194 60.82 14.44 -10.17
C ASN E 194 60.59 13.50 -11.35
N ALA E 195 60.69 14.02 -12.58
CA ALA E 195 60.51 13.20 -13.77
C ALA E 195 61.88 12.70 -14.23
N ASN E 196 62.01 12.25 -15.49
CA ASN E 196 63.32 11.91 -16.01
C ASN E 196 63.81 13.07 -16.90
N PRO E 197 65.12 13.24 -17.05
CA PRO E 197 65.65 14.48 -17.67
C PRO E 197 65.06 14.78 -19.04
N ASP E 198 64.69 13.77 -19.79
CA ASP E 198 64.06 13.92 -21.10
C ASP E 198 62.71 14.62 -20.96
N CYS E 199 61.75 13.91 -20.39
CA CYS E 199 60.38 14.39 -20.29
C CYS E 199 60.31 15.73 -19.57
N LYS E 200 61.11 15.89 -18.53
CA LYS E 200 61.19 17.14 -17.78
C LYS E 200 61.40 18.32 -18.72
N THR E 201 62.40 18.23 -19.59
CA THR E 201 62.70 19.29 -20.54
C THR E 201 61.46 19.64 -21.36
N ILE E 202 60.89 18.64 -22.01
CA ILE E 202 59.71 18.84 -22.85
C ILE E 202 58.59 19.48 -22.05
N LEU E 203 58.39 19.01 -20.81
CA LEU E 203 57.34 19.53 -19.94
C LEU E 203 57.58 21.00 -19.64
N LYS E 204 58.79 21.33 -19.17
CA LYS E 204 59.11 22.72 -18.85
C LYS E 204 58.93 23.64 -20.04
N ALA E 205 59.10 23.12 -21.25
CA ALA E 205 58.82 23.91 -22.46
C ALA E 205 57.36 24.31 -22.52
N LEU E 206 56.45 23.38 -22.24
CA LEU E 206 55.04 23.73 -22.07
C LEU E 206 54.86 24.70 -20.90
N GLY E 207 55.54 24.44 -19.79
CA GLY E 207 55.60 25.36 -18.69
C GLY E 207 54.36 25.37 -17.82
N PRO E 208 53.70 26.52 -17.74
CA PRO E 208 52.58 26.70 -16.80
C PRO E 208 51.25 26.22 -17.38
N GLY E 209 50.25 26.18 -16.50
CA GLY E 209 48.90 25.82 -16.87
C GLY E 209 48.79 24.50 -17.59
N ALA E 210 49.71 23.59 -17.32
CA ALA E 210 49.82 22.32 -18.03
C ALA E 210 48.87 21.31 -17.38
N THR E 211 47.81 20.95 -18.10
CA THR E 211 46.98 19.84 -17.66
C THR E 211 47.75 18.53 -17.78
N LEU E 212 47.36 17.55 -16.96
CA LEU E 212 48.03 16.26 -17.01
C LEU E 212 47.89 15.63 -18.40
N GLU E 213 46.75 15.84 -19.05
CA GLU E 213 46.56 15.34 -20.41
C GLU E 213 47.61 15.92 -21.35
N GLU E 214 47.89 17.21 -21.22
CA GLU E 214 48.95 17.83 -22.02
C GLU E 214 50.32 17.24 -21.66
N MET E 215 50.54 16.95 -20.38
CA MET E 215 51.84 16.42 -19.96
C MET E 215 52.09 15.04 -20.55
N MET E 216 51.10 14.16 -20.46
CA MET E 216 51.28 12.80 -20.96
C MET E 216 51.33 12.77 -22.48
N THR E 217 50.67 13.71 -23.15
CA THR E 217 50.78 13.79 -24.60
C THR E 217 52.18 14.22 -25.03
N ALA E 218 52.80 15.14 -24.28
CA ALA E 218 54.12 15.65 -24.64
C ALA E 218 55.19 14.58 -24.51
N CYS E 219 55.01 13.61 -23.60
CA CYS E 219 55.96 12.54 -23.39
C CYS E 219 55.37 11.18 -23.74
N GLN E 220 54.56 11.15 -24.81
CA GLN E 220 53.90 9.91 -25.19
C GLN E 220 54.88 8.88 -25.72
N GLY E 221 55.93 9.33 -26.41
CA GLY E 221 56.94 8.45 -26.95
C GLY E 221 58.26 8.52 -26.22
N PRO F 2 21.52 5.07 -4.86
CA PRO F 2 20.78 5.76 -5.92
C PRO F 2 19.42 6.27 -5.45
N ILE F 3 18.64 6.84 -6.37
CA ILE F 3 17.29 7.30 -6.10
C ILE F 3 16.36 6.57 -7.06
N VAL F 4 15.48 5.73 -6.50
CA VAL F 4 14.62 4.87 -7.29
C VAL F 4 13.17 5.11 -6.89
N GLN F 5 12.26 4.58 -7.71
CA GLN F 5 10.84 4.66 -7.43
C GLN F 5 10.44 3.57 -6.46
N ASN F 6 9.94 3.96 -5.29
CA ASN F 6 9.36 3.01 -4.36
C ASN F 6 8.18 2.30 -5.03
N LEU F 7 7.85 1.11 -4.53
CA LEU F 7 6.67 0.41 -5.03
C LEU F 7 5.42 1.27 -4.84
N GLN F 8 5.44 2.17 -3.86
CA GLN F 8 4.37 3.13 -3.63
C GLN F 8 4.58 4.45 -4.37
N GLY F 9 5.33 4.43 -5.47
CA GLY F 9 5.46 5.60 -6.32
C GLY F 9 6.16 6.79 -5.71
N GLN F 10 7.17 6.56 -4.87
CA GLN F 10 7.86 7.64 -4.17
C GLN F 10 9.35 7.59 -4.50
N MET F 11 9.88 8.70 -4.99
CA MET F 11 11.31 8.80 -5.25
C MET F 11 12.07 8.84 -3.92
N VAL F 12 12.77 7.75 -3.59
CA VAL F 12 13.44 7.60 -2.32
C VAL F 12 14.89 7.19 -2.56
N HIS F 13 15.71 7.39 -1.53
CA HIS F 13 17.13 7.07 -1.62
C HIS F 13 17.39 5.65 -1.12
N GLN F 14 18.11 4.87 -1.93
CA GLN F 14 18.57 3.55 -1.55
C GLN F 14 20.09 3.56 -1.49
N CYS F 15 20.64 2.69 -0.65
CA CYS F 15 22.07 2.48 -0.65
C CYS F 15 22.50 1.78 -1.93
N ILE F 16 23.76 2.01 -2.32
CA ILE F 16 24.31 1.29 -3.45
C ILE F 16 24.53 -0.17 -3.07
N SER F 17 24.24 -1.07 -3.98
CA SER F 17 24.22 -2.48 -3.65
C SER F 17 25.61 -3.09 -3.76
N PRO F 18 25.88 -4.14 -2.99
CA PRO F 18 27.15 -4.86 -3.16
C PRO F 18 27.32 -5.45 -4.54
N ARG F 19 26.21 -5.86 -5.18
CA ARG F 19 26.30 -6.39 -6.53
C ARG F 19 26.77 -5.33 -7.53
N THR F 20 26.28 -4.10 -7.37
CA THR F 20 26.68 -3.02 -8.27
C THR F 20 28.11 -2.58 -8.00
N LEU F 21 28.50 -2.49 -6.73
CA LEU F 21 29.86 -2.09 -6.39
C LEU F 21 30.88 -3.07 -6.96
N ASN F 22 30.63 -4.38 -6.78
CA ASN F 22 31.57 -5.38 -7.28
C ASN F 22 31.61 -5.42 -8.79
N ALA F 23 30.46 -5.18 -9.43
CA ALA F 23 30.41 -5.25 -10.89
C ALA F 23 31.32 -4.21 -11.53
N TRP F 24 31.29 -2.97 -11.04
CA TRP F 24 32.08 -1.90 -11.64
C TRP F 24 33.56 -2.17 -11.46
N VAL F 25 33.97 -2.55 -10.25
CA VAL F 25 35.38 -2.83 -9.98
C VAL F 25 35.88 -3.93 -10.90
N LYS F 26 35.06 -4.95 -11.14
CA LYS F 26 35.48 -6.06 -11.99
C LYS F 26 35.63 -5.62 -13.42
N VAL F 27 34.71 -4.76 -13.89
CA VAL F 27 34.74 -4.32 -15.28
C VAL F 27 36.07 -3.62 -15.57
N VAL F 28 36.51 -2.78 -14.64
CA VAL F 28 37.77 -2.10 -14.85
C VAL F 28 38.94 -3.06 -14.72
N GLU F 29 38.82 -4.07 -13.86
CA GLU F 29 39.93 -5.02 -13.71
C GLU F 29 40.10 -5.89 -14.94
N GLU F 30 39.01 -6.18 -15.66
CA GLU F 30 39.02 -7.10 -16.79
C GLU F 30 39.09 -6.41 -18.13
N LYS F 31 38.31 -5.35 -18.33
CA LYS F 31 38.23 -4.66 -19.61
C LYS F 31 39.02 -3.36 -19.64
N ALA F 32 39.69 -3.00 -18.53
CA ALA F 32 40.45 -1.76 -18.42
C ALA F 32 39.61 -0.55 -18.81
N PHE F 33 39.95 0.09 -19.92
CA PHE F 33 39.22 1.26 -20.43
C PHE F 33 38.89 1.08 -21.90
N SER F 34 38.34 -0.09 -22.23
CA SER F 34 37.82 -0.36 -23.55
C SER F 34 36.54 0.44 -23.77
N PRO F 35 36.18 0.72 -25.02
CA PRO F 35 34.99 1.55 -25.28
C PRO F 35 33.72 1.07 -24.61
N GLU F 36 33.50 -0.25 -24.49
CA GLU F 36 32.26 -0.72 -23.88
C GLU F 36 32.24 -0.55 -22.37
N VAL F 37 33.33 -0.09 -21.76
CA VAL F 37 33.33 0.18 -20.32
C VAL F 37 32.42 1.37 -20.02
N ILE F 38 32.38 2.35 -20.91
CA ILE F 38 31.67 3.61 -20.69
C ILE F 38 30.17 3.37 -20.59
N PRO F 39 29.54 2.65 -21.53
CA PRO F 39 28.10 2.36 -21.34
C PRO F 39 27.83 1.47 -20.13
N MET F 40 28.80 0.64 -19.73
CA MET F 40 28.61 -0.18 -18.54
C MET F 40 28.61 0.69 -17.27
N PHE F 41 29.50 1.68 -17.21
CA PHE F 41 29.50 2.61 -16.09
C PHE F 41 28.17 3.36 -16.00
N SER F 42 27.67 3.83 -17.14
CA SER F 42 26.41 4.58 -17.16
C SER F 42 25.25 3.71 -16.69
N ALA F 43 25.26 2.43 -17.06
CA ALA F 43 24.17 1.55 -16.69
C ALA F 43 24.23 1.18 -15.21
N LEU F 44 25.43 0.97 -14.67
CA LEU F 44 25.57 0.61 -13.27
C LEU F 44 25.35 1.80 -12.34
N SER F 45 25.43 3.02 -12.86
CA SER F 45 25.20 4.23 -12.07
C SER F 45 23.86 4.86 -12.40
N CYS F 46 22.90 4.06 -12.85
CA CYS F 46 21.58 4.57 -13.20
C CYS F 46 20.86 5.06 -11.94
N GLY F 47 20.48 6.34 -11.96
CA GLY F 47 19.86 6.96 -10.81
C GLY F 47 20.79 7.33 -9.68
N ALA F 48 22.10 7.31 -9.92
CA ALA F 48 23.06 7.53 -8.85
C ALA F 48 23.11 9.00 -8.45
N THR F 49 23.33 9.24 -7.16
CA THR F 49 23.64 10.55 -6.64
C THR F 49 25.11 10.86 -6.91
N PRO F 50 25.50 12.14 -6.80
CA PRO F 50 26.94 12.46 -6.89
C PRO F 50 27.79 11.68 -5.88
N GLN F 51 27.26 11.40 -4.69
CA GLN F 51 28.00 10.61 -3.72
C GLN F 51 28.24 9.20 -4.23
N ASP F 52 27.24 8.60 -4.86
CA ASP F 52 27.41 7.26 -5.42
C ASP F 52 28.45 7.26 -6.53
N LEU F 53 28.42 8.26 -7.41
CA LEU F 53 29.39 8.34 -8.49
C LEU F 53 30.81 8.45 -7.96
N ASN F 54 31.00 9.24 -6.90
CA ASN F 54 32.32 9.34 -6.29
C ASN F 54 32.74 8.02 -5.65
N THR F 55 31.79 7.29 -5.10
CA THR F 55 32.10 5.98 -4.53
C THR F 55 32.61 5.03 -5.61
N MET F 56 31.95 5.00 -6.76
CA MET F 56 32.35 4.10 -7.83
C MET F 56 33.74 4.45 -8.36
N LEU F 57 34.03 5.74 -8.52
CA LEU F 57 35.34 6.15 -9.01
C LEU F 57 36.43 5.90 -7.97
N ASN F 58 36.11 6.08 -6.69
CA ASN F 58 37.10 5.90 -5.63
C ASN F 58 37.46 4.44 -5.41
N THR F 59 36.57 3.50 -5.75
CA THR F 59 36.87 2.08 -5.58
C THR F 59 37.73 1.52 -6.70
N VAL F 60 38.04 2.31 -7.72
CA VAL F 60 38.87 1.83 -8.81
C VAL F 60 40.31 1.70 -8.33
N GLY F 61 40.89 0.51 -8.53
CA GLY F 61 42.28 0.27 -8.20
C GLY F 61 43.16 0.46 -9.42
N GLY F 62 44.33 1.07 -9.20
CA GLY F 62 45.22 1.36 -10.30
C GLY F 62 44.65 2.40 -11.25
N HIS F 63 45.34 2.54 -12.38
CA HIS F 63 44.98 3.51 -13.41
C HIS F 63 44.86 4.91 -12.84
N GLN F 64 45.64 5.21 -11.80
CA GLN F 64 45.49 6.48 -11.09
C GLN F 64 45.90 7.66 -11.96
N ALA F 65 46.80 7.45 -12.92
CA ALA F 65 47.09 8.50 -13.90
C ALA F 65 45.85 8.83 -14.72
N ALA F 66 45.09 7.81 -15.11
CA ALA F 66 43.85 8.04 -15.85
C ALA F 66 42.79 8.66 -14.96
N MET F 67 42.69 8.22 -13.71
CA MET F 67 41.70 8.78 -12.80
C MET F 67 42.00 10.22 -12.45
N GLN F 68 43.28 10.59 -12.36
CA GLN F 68 43.63 11.98 -12.13
C GLN F 68 43.22 12.85 -13.31
N MET F 69 43.43 12.36 -14.53
CA MET F 69 42.98 13.08 -15.71
C MET F 69 41.47 13.24 -15.71
N LEU F 70 40.74 12.20 -15.29
CA LEU F 70 39.29 12.30 -15.13
C LEU F 70 38.94 13.37 -14.11
N LYS F 71 39.69 13.44 -13.01
CA LYS F 71 39.43 14.42 -11.97
C LYS F 71 39.61 15.84 -12.52
N GLU F 72 40.67 16.07 -13.29
CA GLU F 72 40.91 17.39 -13.86
C GLU F 72 39.84 17.74 -14.89
N THR F 73 39.36 16.76 -15.63
CA THR F 73 38.26 17.01 -16.57
C THR F 73 37.00 17.42 -15.82
N ILE F 74 36.77 16.84 -14.64
CA ILE F 74 35.61 17.20 -13.84
C ILE F 74 35.76 18.64 -13.33
N ASN F 75 36.96 19.03 -12.93
CA ASN F 75 37.18 20.40 -12.47
C ASN F 75 36.88 21.40 -13.57
N GLU F 76 37.24 21.08 -14.82
CA GLU F 76 36.97 21.98 -15.93
C GLU F 76 35.47 22.12 -16.17
N GLU F 77 34.73 21.01 -16.09
CA GLU F 77 33.29 21.06 -16.29
C GLU F 77 32.59 21.79 -15.14
N ALA F 78 33.14 21.71 -13.93
CA ALA F 78 32.55 22.42 -12.80
C ALA F 78 32.76 23.92 -12.91
N ALA F 79 33.97 24.33 -13.31
CA ALA F 79 34.24 25.75 -13.50
C ALA F 79 33.37 26.32 -14.61
N GLU F 80 33.13 25.55 -15.66
CA GLU F 80 32.24 26.00 -16.73
C GLU F 80 30.80 26.11 -16.23
N TRP F 81 30.38 25.23 -15.32
CA TRP F 81 29.05 25.34 -14.74
C TRP F 81 28.91 26.61 -13.90
N ASP F 82 29.95 26.96 -13.14
CA ASP F 82 29.88 28.15 -12.30
C ASP F 82 29.76 29.41 -13.14
N ARG F 83 30.41 29.43 -14.30
CA ARG F 83 30.39 30.61 -15.15
C ARG F 83 29.03 30.79 -15.83
N LEU F 84 28.32 29.69 -16.07
CA LEU F 84 27.01 29.74 -16.71
C LEU F 84 25.86 29.83 -15.73
N HIS F 85 26.06 29.39 -14.48
CA HIS F 85 25.01 29.40 -13.47
C HIS F 85 25.59 29.88 -12.14
N PRO F 86 25.83 31.19 -12.02
CA PRO F 86 26.32 31.71 -10.74
C PRO F 86 25.22 31.72 -9.69
N VAL F 87 25.57 31.33 -8.47
CA VAL F 87 24.59 31.27 -7.39
C VAL F 87 24.28 32.68 -6.92
N HIS F 88 23.00 33.04 -6.95
CA HIS F 88 22.56 34.31 -6.41
C HIS F 88 22.64 34.30 -4.88
N ALA F 89 23.27 35.32 -4.31
CA ALA F 89 23.42 35.38 -2.87
C ALA F 89 22.09 35.70 -2.19
N GLY F 90 22.03 35.44 -0.88
CA GLY F 90 20.86 35.74 -0.11
C GLY F 90 20.23 34.48 0.49
N PRO F 91 19.11 34.65 1.18
CA PRO F 91 18.42 33.50 1.78
C PRO F 91 17.62 32.73 0.75
N ILE F 92 17.45 31.44 1.03
CA ILE F 92 16.74 30.53 0.14
C ILE F 92 15.27 30.51 0.54
N ALA F 93 14.39 30.70 -0.44
CA ALA F 93 12.96 30.73 -0.18
C ALA F 93 12.51 29.43 0.48
N PRO F 94 11.50 29.49 1.35
CA PRO F 94 11.05 28.27 2.03
C PRO F 94 10.49 27.26 1.04
N GLY F 95 10.85 25.99 1.24
CA GLY F 95 10.45 24.96 0.31
C GLY F 95 11.26 24.93 -0.97
N GLN F 96 12.40 25.61 -1.00
CA GLN F 96 13.27 25.64 -2.17
C GLN F 96 14.66 25.18 -1.79
N MET F 97 15.43 24.81 -2.82
CA MET F 97 16.81 24.40 -2.66
C MET F 97 17.74 25.52 -3.12
N ARG F 98 18.87 25.65 -2.44
CA ARG F 98 19.88 26.61 -2.88
C ARG F 98 20.40 26.21 -4.27
N GLU F 99 20.87 27.20 -5.01
CA GLU F 99 21.34 26.94 -6.36
C GLU F 99 22.67 26.18 -6.30
N PRO F 100 22.80 25.06 -6.99
CA PRO F 100 24.04 24.28 -6.90
C PRO F 100 25.16 24.90 -7.73
N ARG F 101 26.36 24.86 -7.18
CA ARG F 101 27.57 25.24 -7.91
C ARG F 101 28.28 23.98 -8.38
N GLY F 102 29.36 24.16 -9.14
CA GLY F 102 30.04 23.02 -9.72
C GLY F 102 30.54 22.03 -8.69
N SER F 103 31.08 22.52 -7.57
CA SER F 103 31.56 21.64 -6.53
C SER F 103 30.43 20.88 -5.83
N ASP F 104 29.21 21.43 -5.84
CA ASP F 104 28.07 20.70 -5.30
C ASP F 104 27.68 19.55 -6.23
N ILE F 105 27.71 19.80 -7.55
CA ILE F 105 27.38 18.75 -8.50
C ILE F 105 28.41 17.63 -8.45
N ALA F 106 29.69 17.99 -8.26
CA ALA F 106 30.73 16.99 -8.10
C ALA F 106 30.70 16.33 -6.72
N GLY F 107 29.83 16.80 -5.82
CA GLY F 107 29.71 16.16 -4.52
C GLY F 107 30.82 16.46 -3.55
N THR F 108 31.60 17.51 -3.78
CA THR F 108 32.70 17.85 -2.88
C THR F 108 32.28 18.77 -1.76
N THR F 109 31.31 19.66 -2.00
CA THR F 109 30.86 20.63 -1.00
C THR F 109 29.36 20.53 -0.75
N SER F 110 28.73 19.43 -1.16
CA SER F 110 27.32 19.20 -0.91
C SER F 110 27.14 17.92 -0.11
N THR F 111 26.11 17.92 0.73
CA THR F 111 25.79 16.75 1.53
C THR F 111 24.84 15.82 0.78
N LEU F 112 24.72 14.59 1.28
CA LEU F 112 23.78 13.64 0.68
C LEU F 112 22.35 14.17 0.75
N GLN F 113 21.98 14.81 1.86
CA GLN F 113 20.62 15.33 2.00
C GLN F 113 20.35 16.42 0.98
N GLU F 114 21.36 17.25 0.68
CA GLU F 114 21.19 18.28 -0.34
C GLU F 114 21.05 17.67 -1.72
N GLN F 115 21.89 16.67 -2.03
CA GLN F 115 21.79 15.99 -3.32
C GLN F 115 20.42 15.35 -3.51
N ILE F 116 19.88 14.75 -2.44
CA ILE F 116 18.54 14.15 -2.51
C ILE F 116 17.50 15.23 -2.76
N GLY F 117 17.63 16.38 -2.09
CA GLY F 117 16.67 17.45 -2.28
C GLY F 117 16.65 17.98 -3.71
N TRP F 118 17.82 18.03 -4.35
CA TRP F 118 17.90 18.50 -5.72
C TRP F 118 17.27 17.49 -6.67
N MET F 119 17.57 16.20 -6.49
CA MET F 119 17.17 15.21 -7.48
C MET F 119 15.68 14.88 -7.39
N THR F 120 15.06 15.09 -6.22
CA THR F 120 13.64 14.82 -6.04
C THR F 120 12.81 16.09 -5.95
N HIS F 121 13.39 17.25 -6.22
CA HIS F 121 12.64 18.49 -6.24
C HIS F 121 11.63 18.48 -7.39
N ASN F 122 10.71 19.43 -7.35
CA ASN F 122 9.66 19.55 -8.38
C ASN F 122 9.64 20.97 -8.91
N PRO F 123 10.19 21.21 -10.12
CA PRO F 123 10.90 20.26 -11.00
C PRO F 123 12.27 19.87 -10.45
N PRO F 124 12.81 18.72 -10.87
CA PRO F 124 14.09 18.27 -10.32
C PRO F 124 15.28 18.93 -10.98
N ILE F 125 16.31 19.15 -10.18
CA ILE F 125 17.64 19.52 -10.67
C ILE F 125 18.48 18.25 -10.67
N PRO F 126 18.72 17.64 -11.82
CA PRO F 126 19.40 16.32 -11.86
C PRO F 126 20.92 16.42 -11.68
N VAL F 127 21.35 16.67 -10.45
CA VAL F 127 22.77 16.79 -10.16
C VAL F 127 23.51 15.48 -10.38
N GLY F 128 22.80 14.34 -10.30
CA GLY F 128 23.44 13.07 -10.62
C GLY F 128 23.68 12.92 -12.12
N GLU F 129 22.69 13.29 -12.93
CA GLU F 129 22.84 13.17 -14.38
C GLU F 129 23.83 14.19 -14.92
N ILE F 130 23.85 15.40 -14.35
CA ILE F 130 24.82 16.41 -14.79
C ILE F 130 26.23 15.94 -14.49
N TYR F 131 26.45 15.40 -13.29
CA TYR F 131 27.77 14.91 -12.92
C TYR F 131 28.19 13.74 -13.79
N LYS F 132 27.26 12.85 -14.13
CA LYS F 132 27.61 11.68 -14.94
C LYS F 132 28.05 12.09 -16.33
N ARG F 133 27.47 13.15 -16.89
CA ARG F 133 27.95 13.67 -18.17
C ARG F 133 29.40 14.11 -18.08
N TRP F 134 29.76 14.82 -17.00
CA TRP F 134 31.14 15.25 -16.81
C TRP F 134 32.08 14.06 -16.69
N ILE F 135 31.61 12.96 -16.07
CA ILE F 135 32.46 11.78 -15.92
C ILE F 135 32.66 11.09 -17.26
N ILE F 136 31.59 10.97 -18.05
CA ILE F 136 31.70 10.30 -19.35
C ILE F 136 32.60 11.09 -20.29
N LEU F 137 32.61 12.42 -20.17
CA LEU F 137 33.52 13.24 -20.95
C LEU F 137 34.97 12.90 -20.64
N GLY F 138 35.32 12.84 -19.35
CA GLY F 138 36.66 12.45 -18.97
C GLY F 138 36.99 11.01 -19.30
N LEU F 139 36.00 10.13 -19.20
CA LEU F 139 36.21 8.74 -19.57
C LEU F 139 36.48 8.58 -21.06
N ASN F 140 35.94 9.48 -21.88
CA ASN F 140 36.23 9.44 -23.32
C ASN F 140 37.70 9.71 -23.59
N LYS F 141 38.28 10.70 -22.89
CA LYS F 141 39.70 10.98 -23.05
C LYS F 141 40.56 9.79 -22.63
N ILE F 142 40.11 9.06 -21.62
CA ILE F 142 40.87 7.91 -21.14
C ILE F 142 40.82 6.77 -22.15
N VAL F 143 39.65 6.55 -22.76
CA VAL F 143 39.52 5.48 -23.74
C VAL F 143 40.42 5.74 -24.94
N ARG F 144 40.52 7.00 -25.37
CA ARG F 144 41.40 7.33 -26.48
C ARG F 144 42.87 7.16 -26.09
N MET F 145 43.21 7.48 -24.84
CA MET F 145 44.60 7.37 -24.42
C MET F 145 45.05 5.91 -24.34
N TYR F 146 44.21 5.04 -23.77
CA TYR F 146 44.55 3.62 -23.68
C TYR F 146 44.54 2.91 -25.02
N SER F 147 43.96 3.52 -26.06
CA SER F 147 43.95 2.95 -27.40
C SER F 147 44.85 3.78 -28.30
N PRO F 148 46.16 3.49 -28.36
CA PRO F 148 47.06 4.35 -29.13
C PRO F 148 47.08 4.05 -30.62
N THR F 149 46.67 2.87 -31.04
CA THR F 149 46.75 2.50 -32.45
C THR F 149 45.81 3.36 -33.29
N SER F 150 46.36 4.01 -34.31
CA SER F 150 45.57 4.83 -35.20
C SER F 150 44.76 3.97 -36.16
N ILE F 151 43.60 4.47 -36.56
CA ILE F 151 42.79 3.77 -37.55
C ILE F 151 43.52 3.70 -38.89
N LEU F 152 44.43 4.65 -39.15
CA LEU F 152 45.19 4.62 -40.38
C LEU F 152 46.19 3.48 -40.42
N ASP F 153 46.46 2.84 -39.28
CA ASP F 153 47.44 1.77 -39.19
C ASP F 153 46.80 0.39 -39.07
N ILE F 154 45.49 0.29 -39.27
CA ILE F 154 44.80 -0.99 -39.26
C ILE F 154 44.76 -1.51 -40.69
N ARG F 155 45.56 -2.54 -40.97
CA ARG F 155 45.66 -3.11 -42.31
C ARG F 155 45.46 -4.62 -42.23
N GLN F 156 44.69 -5.15 -43.18
CA GLN F 156 44.38 -6.57 -43.19
C GLN F 156 45.63 -7.38 -43.50
N GLY F 157 45.86 -8.42 -42.72
CA GLY F 157 46.97 -9.31 -42.95
C GLY F 157 46.80 -10.10 -44.25
N PRO F 158 47.89 -10.59 -44.81
CA PRO F 158 47.79 -11.31 -46.09
C PRO F 158 46.89 -12.53 -46.03
N LYS F 159 46.88 -13.24 -44.91
CA LYS F 159 46.01 -14.40 -44.72
C LYS F 159 44.98 -14.17 -43.62
N GLU F 160 44.80 -12.94 -43.18
CA GLU F 160 43.83 -12.64 -42.13
C GLU F 160 42.42 -12.64 -42.73
N PRO F 161 41.47 -13.33 -42.10
CA PRO F 161 40.09 -13.28 -42.61
C PRO F 161 39.55 -11.87 -42.57
N PHE F 162 38.77 -11.52 -43.61
CA PHE F 162 38.25 -10.16 -43.72
C PHE F 162 37.43 -9.77 -42.50
N ARG F 163 36.66 -10.71 -41.95
CA ARG F 163 35.82 -10.40 -40.81
C ARG F 163 36.64 -9.97 -39.60
N ASP F 164 37.77 -10.65 -39.37
CA ASP F 164 38.65 -10.28 -38.25
C ASP F 164 39.27 -8.91 -38.48
N TYR F 165 39.56 -8.56 -39.74
CA TYR F 165 40.11 -7.24 -40.04
C TYR F 165 39.09 -6.15 -39.81
N VAL F 166 37.83 -6.39 -40.19
CA VAL F 166 36.78 -5.40 -39.95
C VAL F 166 36.49 -5.28 -38.46
N ASP F 167 36.64 -6.39 -37.72
CA ASP F 167 36.50 -6.34 -36.27
C ASP F 167 37.50 -5.37 -35.66
N ARG F 168 38.78 -5.51 -36.03
CA ARG F 168 39.80 -4.61 -35.51
C ARG F 168 39.57 -3.18 -35.98
N PHE F 169 39.08 -3.01 -37.21
CA PHE F 169 38.89 -1.69 -37.77
C PHE F 169 37.90 -0.88 -36.95
N TYR F 170 36.68 -1.39 -36.80
CA TYR F 170 35.64 -0.64 -36.12
C TYR F 170 35.80 -0.63 -34.60
N LYS F 171 36.54 -1.59 -34.05
CA LYS F 171 36.93 -1.50 -32.64
C LYS F 171 37.86 -0.31 -32.42
N THR F 172 38.85 -0.17 -33.30
CA THR F 172 39.77 0.98 -33.20
C THR F 172 39.03 2.29 -33.45
N LEU F 173 38.14 2.31 -34.45
CA LEU F 173 37.42 3.54 -34.76
C LEU F 173 36.52 3.95 -33.59
N ARG F 174 35.89 2.97 -32.94
CA ARG F 174 35.01 3.29 -31.81
C ARG F 174 35.78 3.92 -30.67
N ALA F 175 37.02 3.48 -30.43
CA ALA F 175 37.81 4.04 -29.35
C ALA F 175 38.25 5.47 -29.67
N GLU F 176 38.49 5.78 -30.94
CA GLU F 176 38.89 7.12 -31.31
C GLU F 176 37.73 8.10 -31.35
N GLN F 177 36.53 7.62 -31.63
CA GLN F 177 35.37 8.49 -31.85
C GLN F 177 34.50 8.64 -30.61
N ALA F 178 34.91 8.09 -29.47
CA ALA F 178 34.10 8.11 -28.26
C ALA F 178 32.72 7.53 -28.51
N SER F 179 32.66 6.50 -29.35
CA SER F 179 31.43 5.80 -29.70
C SER F 179 30.41 6.72 -30.36
N GLN F 180 30.87 7.77 -31.02
CA GLN F 180 30.00 8.72 -31.69
C GLN F 180 29.94 8.38 -33.18
N GLU F 181 28.75 8.11 -33.68
CA GLU F 181 28.54 7.75 -35.08
C GLU F 181 28.45 9.01 -35.96
N ASN F 184 30.35 7.81 -42.32
CA ASN F 184 31.06 8.59 -43.32
C ASN F 184 31.63 7.69 -44.41
N ALA F 185 31.65 8.19 -45.64
CA ALA F 185 32.23 7.43 -46.74
C ALA F 185 33.70 7.11 -46.48
N ALA F 186 34.46 8.12 -46.02
CA ALA F 186 35.89 7.96 -45.77
C ALA F 186 36.19 6.78 -44.84
N THR F 187 35.26 6.47 -43.93
CA THR F 187 35.43 5.29 -43.09
C THR F 187 35.44 4.02 -43.92
N GLU F 188 34.41 3.82 -44.75
CA GLU F 188 34.34 2.61 -45.55
C GLU F 188 35.38 2.60 -46.67
N THR F 189 35.76 3.77 -47.18
CA THR F 189 36.78 3.81 -48.22
C THR F 189 38.15 3.48 -47.65
N LEU F 190 38.42 3.91 -46.41
CA LEU F 190 39.66 3.51 -45.75
C LEU F 190 39.68 2.01 -45.50
N LEU F 191 38.52 1.44 -45.14
CA LEU F 191 38.42 0.00 -44.94
C LEU F 191 38.78 -0.75 -46.22
N VAL F 192 38.29 -0.28 -47.36
CA VAL F 192 38.64 -0.91 -48.64
C VAL F 192 40.11 -0.64 -48.97
N GLN F 193 40.58 0.57 -48.69
CA GLN F 193 41.95 0.95 -49.04
C GLN F 193 42.98 0.09 -48.32
N ASN F 194 42.68 -0.34 -47.09
CA ASN F 194 43.64 -1.05 -46.27
C ASN F 194 43.34 -2.55 -46.16
N ALA F 195 42.49 -3.09 -47.03
CA ALA F 195 42.32 -4.52 -47.11
C ALA F 195 43.52 -5.15 -47.83
N ASN F 196 43.61 -6.48 -47.81
CA ASN F 196 44.74 -7.12 -48.47
C ASN F 196 44.48 -7.24 -49.98
N PRO F 197 45.52 -7.49 -50.77
CA PRO F 197 45.32 -7.46 -52.24
C PRO F 197 44.17 -8.33 -52.73
N ASP F 198 44.04 -9.57 -52.26
CA ASP F 198 42.98 -10.44 -52.73
C ASP F 198 41.59 -9.85 -52.48
N CYS F 199 41.34 -9.41 -51.24
CA CYS F 199 40.03 -8.88 -50.88
C CYS F 199 39.78 -7.52 -51.51
N LYS F 200 40.81 -6.67 -51.54
CA LYS F 200 40.66 -5.33 -52.11
C LYS F 200 40.23 -5.41 -53.56
N THR F 201 40.74 -6.39 -54.30
CA THR F 201 40.33 -6.59 -55.68
C THR F 201 38.84 -6.88 -55.75
N ILE F 202 38.39 -7.88 -55.00
CA ILE F 202 36.98 -8.28 -55.01
C ILE F 202 36.11 -7.09 -54.62
N LEU F 203 36.51 -6.36 -53.57
CA LEU F 203 35.75 -5.22 -53.09
C LEU F 203 35.62 -4.17 -54.18
N LYS F 204 36.71 -3.91 -54.93
CA LYS F 204 36.63 -2.98 -56.03
C LYS F 204 35.77 -3.52 -57.17
N ALA F 205 35.77 -4.84 -57.36
CA ALA F 205 34.93 -5.45 -58.39
C ALA F 205 33.45 -5.35 -58.06
N LEU F 206 33.10 -5.20 -56.78
CA LEU F 206 31.70 -5.04 -56.42
C LEU F 206 31.13 -3.72 -56.94
N GLY F 207 31.97 -2.69 -57.04
CA GLY F 207 31.51 -1.37 -57.40
C GLY F 207 31.40 -0.47 -56.19
N PRO F 208 31.33 0.83 -56.42
CA PRO F 208 31.27 1.78 -55.29
C PRO F 208 29.92 1.75 -54.60
N GLY F 209 29.90 2.28 -53.38
CA GLY F 209 28.67 2.40 -52.62
C GLY F 209 28.10 1.10 -52.10
N ALA F 210 28.95 0.13 -51.82
CA ALA F 210 28.48 -1.15 -51.29
C ALA F 210 28.30 -1.07 -49.78
N THR F 211 27.35 -1.84 -49.28
CA THR F 211 27.14 -1.92 -47.85
C THR F 211 28.16 -2.87 -47.21
N LEU F 212 28.28 -2.78 -45.88
CA LEU F 212 29.21 -3.63 -45.18
C LEU F 212 28.80 -5.10 -45.26
N GLU F 213 27.50 -5.37 -45.32
CA GLU F 213 27.04 -6.75 -45.49
C GLU F 213 27.49 -7.32 -46.83
N GLU F 214 27.40 -6.52 -47.90
CA GLU F 214 27.83 -6.99 -49.20
C GLU F 214 29.34 -7.19 -49.26
N MET F 215 30.10 -6.30 -48.60
CA MET F 215 31.55 -6.41 -48.62
C MET F 215 32.03 -7.67 -47.91
N MET F 216 31.48 -7.95 -46.73
CA MET F 216 31.91 -9.12 -45.97
C MET F 216 31.46 -10.41 -46.63
N THR F 217 30.31 -10.41 -47.29
CA THR F 217 29.87 -11.60 -48.02
C THR F 217 30.80 -11.90 -49.19
N ALA F 218 31.31 -10.85 -49.84
CA ALA F 218 32.15 -11.04 -51.02
C ALA F 218 33.51 -11.60 -50.67
N CYS F 219 34.01 -11.30 -49.47
CA CYS F 219 35.33 -11.75 -49.04
C CYS F 219 35.27 -12.87 -48.01
N GLN F 220 34.16 -13.62 -47.99
CA GLN F 220 34.02 -14.71 -47.02
C GLN F 220 35.02 -15.81 -47.24
N GLY F 221 35.55 -15.96 -48.45
CA GLY F 221 36.49 -17.01 -48.76
C GLY F 221 37.85 -16.81 -48.12
N PRO G 2 -6.92 13.10 19.03
CA PRO G 2 -6.73 11.83 19.72
C PRO G 2 -5.62 10.97 19.11
N ILE G 3 -5.23 9.92 19.81
CA ILE G 3 -4.26 8.95 19.33
C ILE G 3 -5.04 7.73 18.86
N VAL G 4 -5.12 7.53 17.54
CA VAL G 4 -5.95 6.49 16.97
C VAL G 4 -5.10 5.56 16.11
N GLN G 5 -5.65 4.37 15.88
CA GLN G 5 -5.04 3.42 14.95
C GLN G 5 -5.34 3.83 13.52
N ASN G 6 -4.29 3.92 12.71
CA ASN G 6 -4.44 4.34 11.33
C ASN G 6 -4.89 3.16 10.47
N LEU G 7 -5.07 3.42 9.17
CA LEU G 7 -5.41 2.37 8.21
C LEU G 7 -4.18 1.58 7.76
N GLN G 8 -3.06 1.72 8.47
CA GLN G 8 -1.83 1.00 8.13
C GLN G 8 -1.17 0.38 9.36
N GLY G 9 -1.90 0.29 10.48
CA GLY G 9 -1.37 -0.34 11.67
C GLY G 9 -0.42 0.50 12.47
N GLN G 10 -0.65 1.80 12.56
CA GLN G 10 0.24 2.73 13.25
C GLN G 10 -0.58 3.67 14.11
N MET G 11 -0.13 3.87 15.35
CA MET G 11 -0.81 4.78 16.28
C MET G 11 -0.34 6.20 16.00
N VAL G 12 -1.22 7.01 15.41
CA VAL G 12 -0.88 8.37 15.01
C VAL G 12 -1.79 9.34 15.74
N HIS G 13 -1.36 10.61 15.76
CA HIS G 13 -2.15 11.69 16.35
C HIS G 13 -2.99 12.35 15.27
N GLN G 14 -4.27 12.57 15.56
CA GLN G 14 -5.19 13.19 14.62
C GLN G 14 -5.94 14.32 15.30
N CYS G 15 -6.51 15.20 14.48
CA CYS G 15 -7.30 16.30 15.01
C CYS G 15 -8.67 15.81 15.45
N ILE G 16 -9.26 16.50 16.42
CA ILE G 16 -10.63 16.19 16.83
C ILE G 16 -11.57 16.47 15.67
N SER G 17 -12.44 15.52 15.38
CA SER G 17 -13.38 15.68 14.29
C SER G 17 -14.40 16.77 14.60
N PRO G 18 -14.79 17.58 13.63
CA PRO G 18 -15.89 18.54 13.87
C PRO G 18 -17.19 17.86 14.24
N ARG G 19 -17.42 16.65 13.72
CA ARG G 19 -18.62 15.90 14.09
C ARG G 19 -18.56 15.47 15.55
N THR G 20 -17.37 15.18 16.07
CA THR G 20 -17.25 14.80 17.47
C THR G 20 -17.50 15.99 18.40
N LEU G 21 -16.94 17.16 18.06
CA LEU G 21 -17.15 18.33 18.90
C LEU G 21 -18.60 18.76 18.93
N ASN G 22 -19.24 18.81 17.76
CA ASN G 22 -20.64 19.22 17.69
C ASN G 22 -21.54 18.24 18.44
N ALA G 23 -21.19 16.95 18.42
CA ALA G 23 -21.98 15.96 19.13
C ALA G 23 -21.90 16.15 20.64
N TRP G 24 -20.69 16.42 21.16
CA TRP G 24 -20.53 16.62 22.60
C TRP G 24 -21.20 17.92 23.04
N VAL G 25 -21.12 18.96 22.23
CA VAL G 25 -21.79 20.22 22.57
C VAL G 25 -23.30 20.02 22.59
N LYS G 26 -23.83 19.26 21.64
CA LYS G 26 -25.28 19.12 21.53
C LYS G 26 -25.87 18.27 22.65
N VAL G 27 -25.12 17.26 23.13
CA VAL G 27 -25.68 16.41 24.18
C VAL G 27 -25.76 17.17 25.50
N VAL G 28 -24.83 18.10 25.76
CA VAL G 28 -24.90 18.88 26.98
C VAL G 28 -26.04 19.89 26.91
N GLU G 29 -26.37 20.37 25.71
CA GLU G 29 -27.46 21.33 25.56
C GLU G 29 -28.82 20.66 25.63
N GLU G 30 -28.94 19.44 25.09
CA GLU G 30 -30.22 18.76 25.02
C GLU G 30 -30.52 17.94 26.27
N LYS G 31 -29.50 17.36 26.91
CA LYS G 31 -29.71 16.49 28.06
C LYS G 31 -29.15 17.03 29.36
N ALA G 32 -28.59 18.25 29.35
CA ALA G 32 -27.98 18.84 30.54
C ALA G 32 -26.96 17.90 31.18
N PHE G 33 -27.26 17.42 32.38
CA PHE G 33 -26.40 16.46 33.07
C PHE G 33 -27.20 15.24 33.51
N SER G 34 -28.09 14.78 32.64
CA SER G 34 -28.71 13.48 32.85
C SER G 34 -27.63 12.40 32.87
N PRO G 35 -27.85 11.30 33.60
CA PRO G 35 -26.79 10.30 33.77
C PRO G 35 -26.20 9.77 32.47
N GLU G 36 -26.99 9.67 31.40
CA GLU G 36 -26.48 9.13 30.14
C GLU G 36 -25.51 10.07 29.44
N VAL G 37 -25.25 11.25 30.00
CA VAL G 37 -24.26 12.15 29.41
C VAL G 37 -22.84 11.63 29.64
N ILE G 38 -22.61 10.97 30.76
CA ILE G 38 -21.28 10.50 31.15
C ILE G 38 -20.78 9.40 30.22
N PRO G 39 -21.57 8.35 29.92
CA PRO G 39 -21.12 7.38 28.92
C PRO G 39 -21.00 7.96 27.52
N MET G 40 -21.75 9.02 27.22
CA MET G 40 -21.59 9.70 25.92
C MET G 40 -20.28 10.46 25.86
N PHE G 41 -19.87 11.08 26.97
CA PHE G 41 -18.59 11.78 27.00
C PHE G 41 -17.43 10.78 26.86
N SER G 42 -17.55 9.61 27.49
CA SER G 42 -16.48 8.64 27.44
C SER G 42 -16.28 8.10 26.02
N ALA G 43 -17.39 7.87 25.30
CA ALA G 43 -17.28 7.35 23.95
C ALA G 43 -16.75 8.41 22.98
N LEU G 44 -17.21 9.65 23.11
CA LEU G 44 -16.79 10.71 22.21
C LEU G 44 -15.35 11.13 22.45
N SER G 45 -14.76 10.76 23.59
CA SER G 45 -13.37 11.08 23.89
C SER G 45 -12.47 9.86 23.79
N CYS G 46 -12.82 8.90 22.94
CA CYS G 46 -12.05 7.68 22.81
C CYS G 46 -10.68 7.99 22.21
N GLY G 47 -9.62 7.63 22.94
CA GLY G 47 -8.26 7.90 22.52
C GLY G 47 -7.80 9.32 22.69
N ALA G 48 -8.53 10.15 23.44
CA ALA G 48 -8.23 11.56 23.53
C ALA G 48 -7.00 11.81 24.41
N THR G 49 -6.22 12.82 24.01
CA THR G 49 -5.14 13.32 24.84
C THR G 49 -5.69 14.28 25.88
N PRO G 50 -4.90 14.60 26.91
CA PRO G 50 -5.34 15.66 27.85
C PRO G 50 -5.72 16.97 27.17
N GLN G 51 -5.02 17.33 26.09
CA GLN G 51 -5.38 18.52 25.34
C GLN G 51 -6.77 18.38 24.72
N ASP G 52 -7.07 17.20 24.17
CA ASP G 52 -8.38 16.98 23.57
C ASP G 52 -9.49 17.07 24.61
N LEU G 53 -9.24 16.56 25.82
CA LEU G 53 -10.24 16.59 26.87
C LEU G 53 -10.53 18.03 27.29
N ASN G 54 -9.49 18.84 27.48
CA ASN G 54 -9.69 20.25 27.82
C ASN G 54 -10.47 20.97 26.72
N THR G 55 -10.23 20.60 25.47
CA THR G 55 -10.97 21.21 24.36
C THR G 55 -12.46 20.90 24.48
N MET G 56 -12.79 19.63 24.75
CA MET G 56 -14.20 19.24 24.87
C MET G 56 -14.85 19.97 26.04
N LEU G 57 -14.17 20.06 27.18
CA LEU G 57 -14.73 20.76 28.33
C LEU G 57 -14.92 22.24 28.04
N ASN G 58 -13.98 22.84 27.29
CA ASN G 58 -14.04 24.25 27.00
C ASN G 58 -15.14 24.61 26.01
N THR G 59 -15.58 23.68 25.17
CA THR G 59 -16.66 23.97 24.24
C THR G 59 -18.02 24.04 24.91
N VAL G 60 -18.13 23.65 26.19
CA VAL G 60 -19.38 23.77 26.91
C VAL G 60 -19.64 25.24 27.22
N GLY G 61 -20.73 25.77 26.70
CA GLY G 61 -21.03 27.19 26.85
C GLY G 61 -21.56 27.56 28.22
N GLY G 62 -22.77 27.12 28.52
CA GLY G 62 -23.39 27.40 29.81
C GLY G 62 -22.93 26.42 30.87
N HIS G 63 -23.75 26.30 31.91
CA HIS G 63 -23.50 25.39 33.02
C HIS G 63 -22.12 25.63 33.64
N GLN G 64 -21.70 26.90 33.68
CA GLN G 64 -20.38 27.23 34.17
C GLN G 64 -20.23 26.98 35.67
N ALA G 65 -21.33 26.92 36.42
CA ALA G 65 -21.25 26.53 37.81
C ALA G 65 -20.79 25.07 37.95
N ALA G 66 -21.39 24.18 37.16
CA ALA G 66 -20.99 22.78 37.19
C ALA G 66 -19.58 22.61 36.65
N MET G 67 -19.22 23.36 35.60
CA MET G 67 -17.88 23.27 35.06
C MET G 67 -16.82 23.77 36.03
N GLN G 68 -17.17 24.74 36.89
CA GLN G 68 -16.24 25.17 37.92
C GLN G 68 -16.08 24.09 38.98
N MET G 69 -17.17 23.42 39.35
CA MET G 69 -17.08 22.29 40.26
C MET G 69 -16.20 21.18 39.68
N LEU G 70 -16.39 20.87 38.40
CA LEU G 70 -15.55 19.89 37.72
C LEU G 70 -14.09 20.30 37.77
N LYS G 71 -13.81 21.60 37.67
CA LYS G 71 -12.44 22.07 37.73
C LYS G 71 -11.84 21.86 39.11
N GLU G 72 -12.63 22.09 40.16
CA GLU G 72 -12.13 21.87 41.52
C GLU G 72 -11.91 20.38 41.78
N THR G 73 -12.75 19.52 41.19
CA THR G 73 -12.53 18.09 41.30
C THR G 73 -11.22 17.67 40.64
N ILE G 74 -10.94 18.24 39.47
CA ILE G 74 -9.71 17.92 38.75
C ILE G 74 -8.49 18.30 39.58
N ASN G 75 -8.58 19.41 40.33
CA ASN G 75 -7.42 19.89 41.08
C ASN G 75 -7.09 18.97 42.24
N GLU G 76 -8.10 18.55 43.01
CA GLU G 76 -7.84 17.69 44.16
C GLU G 76 -7.47 16.27 43.72
N GLU G 77 -7.96 15.83 42.56
CA GLU G 77 -7.49 14.56 42.01
C GLU G 77 -6.04 14.67 41.53
N ALA G 78 -5.63 15.86 41.09
CA ALA G 78 -4.23 16.06 40.70
C ALA G 78 -3.33 16.09 41.93
N ALA G 79 -3.78 16.76 43.00
CA ALA G 79 -2.99 16.78 44.23
C ALA G 79 -2.88 15.40 44.85
N GLU G 80 -3.91 14.57 44.70
CA GLU G 80 -3.83 13.19 45.15
C GLU G 80 -2.79 12.41 44.38
N TRP G 81 -2.70 12.65 43.06
CA TRP G 81 -1.73 11.95 42.23
C TRP G 81 -0.30 12.25 42.68
N ASP G 82 -0.04 13.48 43.12
CA ASP G 82 1.31 13.84 43.53
C ASP G 82 1.67 13.22 44.87
N ARG G 83 0.69 12.98 45.73
CA ARG G 83 0.97 12.27 46.98
C ARG G 83 1.36 10.82 46.72
N LEU G 84 0.56 10.13 45.91
CA LEU G 84 0.83 8.72 45.61
C LEU G 84 2.12 8.53 44.83
N HIS G 85 2.62 9.57 44.16
CA HIS G 85 3.84 9.50 43.38
C HIS G 85 4.77 10.63 43.83
N PRO G 86 5.59 10.39 44.86
CA PRO G 86 6.53 11.38 45.40
C PRO G 86 7.54 11.87 44.36
N ALA G 93 19.83 5.76 36.87
CA ALA G 93 19.15 5.13 35.73
C ALA G 93 19.24 6.02 34.50
N PRO G 94 20.09 5.65 33.55
CA PRO G 94 20.29 6.51 32.36
C PRO G 94 19.03 6.68 31.52
N GLY G 95 18.33 5.59 31.21
CA GLY G 95 17.17 5.67 30.34
C GLY G 95 15.86 5.72 31.09
N GLN G 96 15.80 6.48 32.17
CA GLN G 96 14.60 6.59 32.99
C GLN G 96 13.75 7.75 32.52
N MET G 97 12.49 7.47 32.18
CA MET G 97 11.59 8.50 31.67
C MET G 97 11.02 9.33 32.81
N ARG G 98 10.95 10.64 32.59
CA ARG G 98 10.31 11.53 33.56
C ARG G 98 8.82 11.25 33.61
N GLU G 99 8.30 11.06 34.81
CA GLU G 99 6.91 10.70 35.04
C GLU G 99 6.06 11.96 35.21
N PRO G 100 4.79 11.91 34.82
CA PRO G 100 3.96 13.12 34.80
C PRO G 100 3.48 13.51 36.19
N ARG G 101 3.41 14.83 36.41
CA ARG G 101 2.79 15.39 37.59
C ARG G 101 1.27 15.44 37.41
N GLY G 102 0.57 15.81 38.48
CA GLY G 102 -0.87 15.98 38.38
C GLY G 102 -1.26 17.04 37.40
N SER G 103 -0.49 18.13 37.33
CA SER G 103 -0.76 19.18 36.36
C SER G 103 -0.40 18.74 34.94
N ASP G 104 0.53 17.80 34.81
CA ASP G 104 0.84 17.26 33.49
C ASP G 104 -0.30 16.40 32.96
N ILE G 105 -0.97 15.67 33.84
CA ILE G 105 -2.10 14.84 33.41
C ILE G 105 -3.29 15.72 33.03
N ALA G 106 -3.55 16.77 33.82
CA ALA G 106 -4.62 17.71 33.51
C ALA G 106 -4.30 18.57 32.30
N GLY G 107 -3.07 18.54 31.80
CA GLY G 107 -2.73 19.28 30.61
C GLY G 107 -2.45 20.75 30.83
N THR G 108 -2.22 21.18 32.06
CA THR G 108 -1.93 22.59 32.32
C THR G 108 -0.44 22.90 32.23
N THR G 109 0.43 21.94 32.52
CA THR G 109 1.87 22.16 32.48
C THR G 109 2.57 21.19 31.53
N SER G 110 1.84 20.59 30.59
CA SER G 110 2.42 19.66 29.64
C SER G 110 2.03 20.05 28.22
N THR G 111 2.98 19.90 27.31
CA THR G 111 2.70 20.16 25.90
C THR G 111 2.04 18.95 25.25
N LEU G 112 1.48 19.17 24.06
CA LEU G 112 0.89 18.07 23.31
C LEU G 112 1.91 16.99 23.01
N GLN G 113 3.16 17.38 22.76
CA GLN G 113 4.19 16.40 22.41
C GLN G 113 4.61 15.58 23.62
N GLU G 114 4.61 16.17 24.82
CA GLU G 114 4.92 15.39 26.02
C GLU G 114 3.79 14.40 26.31
N GLN G 115 2.54 14.81 26.11
CA GLN G 115 1.42 13.90 26.31
C GLN G 115 1.50 12.72 25.35
N ILE G 116 1.79 13.00 24.07
CA ILE G 116 1.95 11.92 23.10
C ILE G 116 3.10 11.01 23.50
N GLY G 117 4.18 11.59 24.04
CA GLY G 117 5.31 10.77 24.47
C GLY G 117 4.93 9.79 25.57
N TRP G 118 4.14 10.24 26.54
CA TRP G 118 3.69 9.32 27.59
C TRP G 118 2.72 8.28 27.04
N MET G 119 1.81 8.69 26.17
CA MET G 119 0.75 7.79 25.73
C MET G 119 1.26 6.73 24.77
N THR G 120 2.28 7.03 23.98
CA THR G 120 2.82 6.09 23.01
C THR G 120 4.14 5.47 23.47
N HIS G 121 4.55 5.71 24.71
CA HIS G 121 5.74 5.07 25.25
C HIS G 121 5.51 3.56 25.41
N ASN G 122 6.59 2.83 25.63
CA ASN G 122 6.53 1.38 25.83
C ASN G 122 7.36 1.02 27.04
N PRO G 123 6.73 0.78 28.20
CA PRO G 123 5.28 0.74 28.45
C PRO G 123 4.67 2.13 28.59
N PRO G 124 3.45 2.32 28.09
CA PRO G 124 2.86 3.66 28.07
C PRO G 124 2.34 4.09 29.43
N ILE G 125 2.40 5.41 29.65
CA ILE G 125 1.70 6.05 30.77
C ILE G 125 0.47 6.73 30.19
N PRO G 126 -0.72 6.18 30.36
CA PRO G 126 -1.93 6.71 29.70
C PRO G 126 -2.50 7.94 30.39
N VAL G 127 -1.84 9.09 30.14
CA VAL G 127 -2.25 10.32 30.81
C VAL G 127 -3.63 10.76 30.36
N GLY G 128 -4.02 10.46 29.11
CA GLY G 128 -5.38 10.73 28.69
C GLY G 128 -6.40 9.85 29.40
N GLU G 129 -6.03 8.60 29.68
CA GLU G 129 -6.92 7.72 30.43
C GLU G 129 -7.07 8.18 31.88
N ILE G 130 -5.97 8.62 32.50
CA ILE G 130 -6.03 9.06 33.89
C ILE G 130 -6.82 10.35 34.01
N TYR G 131 -6.66 11.26 33.05
CA TYR G 131 -7.40 12.51 33.08
C TYR G 131 -8.90 12.25 32.87
N LYS G 132 -9.24 11.41 31.90
CA LYS G 132 -10.64 11.08 31.66
C LYS G 132 -11.30 10.48 32.88
N ARG G 133 -10.54 9.73 33.68
CA ARG G 133 -11.08 9.18 34.92
C ARG G 133 -11.43 10.29 35.90
N TRP G 134 -10.53 11.26 36.07
CA TRP G 134 -10.80 12.39 36.95
C TRP G 134 -12.03 13.17 36.48
N ILE G 135 -12.14 13.38 35.17
CA ILE G 135 -13.27 14.14 34.63
C ILE G 135 -14.58 13.41 34.91
N ILE G 136 -14.59 12.10 34.69
CA ILE G 136 -15.81 11.32 34.94
C ILE G 136 -16.17 11.34 36.41
N LEU G 137 -15.17 11.34 37.29
CA LEU G 137 -15.43 11.48 38.72
C LEU G 137 -16.12 12.81 39.02
N GLY G 138 -15.69 13.88 38.36
CA GLY G 138 -16.34 15.16 38.55
C GLY G 138 -17.74 15.20 37.96
N LEU G 139 -17.91 14.61 36.77
CA LEU G 139 -19.23 14.56 36.16
C LEU G 139 -20.20 13.75 37.00
N ASN G 140 -19.70 12.78 37.76
CA ASN G 140 -20.54 12.02 38.68
C ASN G 140 -21.11 12.92 39.76
N LYS G 141 -20.29 13.81 40.33
CA LYS G 141 -20.78 14.74 41.34
C LYS G 141 -21.82 15.68 40.74
N ILE G 142 -21.61 16.13 39.50
CA ILE G 142 -22.54 17.05 38.87
C ILE G 142 -23.89 16.38 38.64
N VAL G 143 -23.89 15.08 38.36
CA VAL G 143 -25.15 14.38 38.10
C VAL G 143 -25.94 14.22 39.40
N ARG G 144 -25.26 13.99 40.53
CA ARG G 144 -25.99 13.83 41.78
C ARG G 144 -26.62 15.15 42.23
N MET G 145 -25.95 16.27 41.97
CA MET G 145 -26.48 17.56 42.38
C MET G 145 -27.59 18.04 41.46
N TYR G 146 -27.52 17.71 40.17
CA TYR G 146 -28.59 18.00 39.25
C TYR G 146 -29.75 17.01 39.36
N SER G 147 -29.61 15.98 40.16
CA SER G 147 -30.72 15.06 40.42
C SER G 147 -31.77 15.77 41.26
N PRO G 148 -32.98 15.97 40.76
CA PRO G 148 -33.96 16.76 41.52
C PRO G 148 -34.48 16.03 42.75
N THR G 149 -34.64 14.72 42.68
CA THR G 149 -35.31 13.95 43.72
C THR G 149 -34.39 12.85 44.23
N SER G 150 -34.37 12.66 45.55
CA SER G 150 -33.67 11.55 46.16
C SER G 150 -34.43 10.24 45.94
N ILE G 151 -33.71 9.13 46.04
CA ILE G 151 -34.32 7.82 45.81
C ILE G 151 -35.36 7.50 46.88
N LEU G 152 -35.27 8.13 48.05
CA LEU G 152 -36.24 7.88 49.11
C LEU G 152 -37.59 8.54 48.84
N ASP G 153 -37.60 9.66 48.11
CA ASP G 153 -38.84 10.34 47.80
C ASP G 153 -39.54 9.78 46.57
N ILE G 154 -38.99 8.75 45.94
CA ILE G 154 -39.61 8.13 44.78
C ILE G 154 -40.65 7.12 45.28
N ARG G 155 -41.92 7.41 45.03
CA ARG G 155 -43.01 6.54 45.47
C ARG G 155 -44.06 6.45 44.37
N GLN G 156 -44.70 5.28 44.28
CA GLN G 156 -45.68 5.04 43.24
C GLN G 156 -46.97 5.80 43.52
N GLY G 157 -47.51 6.43 42.47
CA GLY G 157 -48.73 7.19 42.59
C GLY G 157 -49.95 6.30 42.75
N PRO G 158 -51.09 6.91 43.12
CA PRO G 158 -52.31 6.10 43.31
C PRO G 158 -52.81 5.47 42.01
N LYS G 159 -52.70 6.18 40.89
CA LYS G 159 -53.12 5.67 39.60
C LYS G 159 -51.96 5.60 38.61
N GLU G 160 -50.73 5.60 39.10
CA GLU G 160 -49.56 5.50 38.22
C GLU G 160 -49.26 4.04 37.94
N PRO G 161 -49.07 3.65 36.68
CA PRO G 161 -48.70 2.27 36.38
C PRO G 161 -47.35 1.92 37.02
N PHE G 162 -47.22 0.65 37.38
CA PHE G 162 -45.98 0.19 38.03
C PHE G 162 -44.77 0.39 37.13
N ARG G 163 -44.96 0.28 35.81
CA ARG G 163 -43.85 0.47 34.88
C ARG G 163 -43.32 1.89 34.92
N ASP G 164 -44.20 2.88 34.98
CA ASP G 164 -43.76 4.27 35.06
C ASP G 164 -43.07 4.57 36.39
N TYR G 165 -43.49 3.90 37.46
CA TYR G 165 -42.85 4.11 38.75
C TYR G 165 -41.45 3.50 38.79
N VAL G 166 -41.26 2.34 38.16
CA VAL G 166 -39.94 1.73 38.11
C VAL G 166 -39.01 2.53 37.22
N ASP G 167 -39.55 3.15 36.15
CA ASP G 167 -38.74 4.02 35.31
C ASP G 167 -38.12 5.16 36.12
N ARG G 168 -38.92 5.79 36.98
CA ARG G 168 -38.40 6.90 37.77
C ARG G 168 -37.49 6.41 38.89
N PHE G 169 -37.70 5.19 39.38
CA PHE G 169 -36.87 4.66 40.45
C PHE G 169 -35.44 4.43 39.98
N TYR G 170 -35.27 3.70 38.88
CA TYR G 170 -33.93 3.37 38.42
C TYR G 170 -33.25 4.54 37.70
N LYS G 171 -34.03 5.45 37.12
CA LYS G 171 -33.43 6.68 36.59
C LYS G 171 -32.84 7.51 37.72
N THR G 172 -33.58 7.67 38.82
CA THR G 172 -33.04 8.35 39.99
C THR G 172 -31.83 7.61 40.55
N LEU G 173 -31.93 6.28 40.65
CA LEU G 173 -30.84 5.49 41.22
C LEU G 173 -29.57 5.61 40.39
N ARG G 174 -29.69 5.76 39.08
CA ARG G 174 -28.50 5.92 38.24
C ARG G 174 -27.81 7.25 38.52
N ALA G 175 -28.57 8.28 38.88
CA ALA G 175 -27.99 9.58 39.19
C ALA G 175 -27.36 9.63 40.57
N GLU G 176 -27.69 8.69 41.44
CA GLU G 176 -27.16 8.66 42.79
C GLU G 176 -25.83 7.92 42.82
N GLN G 177 -25.31 7.67 44.02
CA GLN G 177 -24.06 6.93 44.18
C GLN G 177 -24.16 5.96 45.36
N THR G 189 -34.89 -3.62 47.86
CA THR G 189 -35.67 -3.56 49.09
C THR G 189 -36.53 -2.31 49.13
N LEU G 190 -36.01 -1.22 48.58
CA LEU G 190 -36.72 0.05 48.60
C LEU G 190 -37.76 0.14 47.49
N LEU G 191 -37.58 -0.61 46.40
CA LEU G 191 -38.53 -0.56 45.30
C LEU G 191 -39.89 -1.11 45.71
N VAL G 192 -39.90 -2.14 46.57
CA VAL G 192 -41.16 -2.76 46.98
C VAL G 192 -41.88 -1.87 48.00
N GLN G 193 -41.14 -1.30 48.94
CA GLN G 193 -41.75 -0.52 50.01
C GLN G 193 -42.54 0.68 49.47
N ASN G 194 -41.98 1.37 48.48
CA ASN G 194 -42.58 2.60 47.98
C ASN G 194 -43.64 2.37 46.90
N ALA G 195 -43.98 1.12 46.60
CA ALA G 195 -45.10 0.85 45.70
C ALA G 195 -46.42 1.08 46.42
N ASN G 196 -47.49 1.28 45.65
CA ASN G 196 -48.80 1.43 46.27
C ASN G 196 -49.21 0.12 46.94
N PRO G 197 -50.06 0.19 47.99
CA PRO G 197 -50.37 -1.02 48.79
C PRO G 197 -50.73 -2.25 47.98
N ASP G 198 -51.53 -2.07 46.92
CA ASP G 198 -51.91 -3.19 46.07
C ASP G 198 -50.70 -3.89 45.49
N CYS G 199 -49.86 -3.15 44.76
CA CYS G 199 -48.65 -3.71 44.17
C CYS G 199 -47.74 -4.27 45.24
N LYS G 200 -47.55 -3.51 46.31
CA LYS G 200 -46.68 -3.93 47.41
C LYS G 200 -47.03 -5.32 47.90
N THR G 201 -48.31 -5.54 48.22
CA THR G 201 -48.74 -6.85 48.73
C THR G 201 -48.42 -7.95 47.73
N ILE G 202 -48.70 -7.69 46.46
CA ILE G 202 -48.42 -8.67 45.40
C ILE G 202 -46.93 -9.03 45.42
N LEU G 203 -46.07 -8.00 45.33
CA LEU G 203 -44.63 -8.21 45.32
C LEU G 203 -44.15 -8.84 46.62
N LYS G 204 -44.81 -8.54 47.74
CA LYS G 204 -44.50 -9.19 49.00
C LYS G 204 -44.72 -10.69 48.90
N ALA G 205 -45.84 -11.09 48.30
CA ALA G 205 -46.12 -12.52 48.12
C ALA G 205 -45.11 -13.16 47.18
N LEU G 206 -44.69 -12.43 46.14
CA LEU G 206 -43.64 -12.93 45.26
C LEU G 206 -42.34 -13.14 46.02
N GLY G 207 -42.09 -12.33 47.03
CA GLY G 207 -40.94 -12.49 47.89
C GLY G 207 -39.63 -12.18 47.18
N PRO G 208 -38.53 -12.21 47.93
CA PRO G 208 -37.21 -12.03 47.30
C PRO G 208 -36.90 -13.20 46.38
N GLY G 209 -36.07 -12.92 45.37
CA GLY G 209 -35.76 -13.88 44.34
C GLY G 209 -36.58 -13.72 43.08
N ALA G 210 -37.61 -12.89 43.10
CA ALA G 210 -38.40 -12.62 41.91
C ALA G 210 -37.72 -11.57 41.06
N THR G 211 -37.54 -11.86 39.77
CA THR G 211 -36.93 -10.92 38.86
C THR G 211 -37.84 -9.73 38.62
N LEU G 212 -37.25 -8.64 38.12
CA LEU G 212 -38.04 -7.44 37.84
C LEU G 212 -39.10 -7.71 36.77
N GLU G 213 -38.79 -8.57 35.81
CA GLU G 213 -39.78 -8.94 34.81
C GLU G 213 -41.00 -9.58 35.45
N GLU G 214 -40.78 -10.44 36.46
CA GLU G 214 -41.91 -11.05 37.16
C GLU G 214 -42.67 -10.02 37.99
N MET G 215 -41.95 -9.04 38.54
CA MET G 215 -42.61 -8.01 39.35
C MET G 215 -43.49 -7.10 38.48
N MET G 216 -42.97 -6.68 37.32
CA MET G 216 -43.75 -5.81 36.45
C MET G 216 -44.89 -6.55 35.77
N THR G 217 -44.73 -7.86 35.53
CA THR G 217 -45.82 -8.66 34.98
C THR G 217 -46.99 -8.72 35.95
N ALA G 218 -46.70 -8.94 37.24
CA ALA G 218 -47.75 -9.16 38.23
C ALA G 218 -48.53 -7.89 38.52
N CYS G 219 -47.90 -6.72 38.36
CA CYS G 219 -48.54 -5.45 38.68
C CYS G 219 -48.98 -4.69 37.43
N GLN G 220 -49.01 -5.36 36.27
CA GLN G 220 -49.31 -4.66 35.03
C GLN G 220 -50.72 -4.08 35.04
N GLY G 221 -51.67 -4.81 35.61
CA GLY G 221 -53.05 -4.35 35.69
C GLY G 221 -53.35 -3.61 36.98
N PRO H 2 -15.64 -0.40 17.23
CA PRO H 2 -15.82 -1.75 16.70
C PRO H 2 -14.55 -2.32 16.08
N ILE H 3 -14.66 -3.49 15.45
CA ILE H 3 -13.54 -4.13 14.76
C ILE H 3 -13.80 -4.08 13.27
N VAL H 4 -12.94 -3.38 12.54
CA VAL H 4 -13.09 -3.19 11.10
C VAL H 4 -11.88 -3.81 10.40
N GLN H 5 -11.99 -3.93 9.08
CA GLN H 5 -10.93 -4.51 8.27
C GLN H 5 -9.94 -3.42 7.85
N ASN H 6 -8.66 -3.71 8.00
CA ASN H 6 -7.59 -2.78 7.71
C ASN H 6 -7.25 -2.81 6.22
N LEU H 7 -6.46 -1.81 5.78
CA LEU H 7 -5.94 -1.82 4.43
C LEU H 7 -4.84 -2.86 4.24
N GLN H 8 -4.43 -3.54 5.31
CA GLN H 8 -3.48 -4.63 5.24
C GLN H 8 -4.14 -5.98 5.52
N GLY H 9 -5.47 -6.03 5.54
CA GLY H 9 -6.18 -7.27 5.79
C GLY H 9 -6.27 -7.68 7.24
N GLN H 10 -5.94 -6.79 8.17
CA GLN H 10 -5.94 -7.11 9.59
C GLN H 10 -7.21 -6.57 10.25
N MET H 11 -7.61 -7.20 11.34
CA MET H 11 -8.74 -6.74 12.12
C MET H 11 -8.23 -5.86 13.26
N VAL H 12 -8.57 -4.58 13.20
CA VAL H 12 -8.06 -3.58 14.14
C VAL H 12 -9.22 -2.86 14.79
N HIS H 13 -8.93 -2.26 15.95
CA HIS H 13 -9.93 -1.53 16.71
C HIS H 13 -10.16 -0.14 16.12
N GLN H 14 -11.40 0.33 16.22
CA GLN H 14 -11.80 1.66 15.78
C GLN H 14 -12.74 2.25 16.82
N CYS H 15 -12.64 3.56 17.03
CA CYS H 15 -13.56 4.23 17.93
C CYS H 15 -14.98 4.17 17.38
N ILE H 16 -15.96 3.99 18.27
CA ILE H 16 -17.35 4.04 17.83
C ILE H 16 -17.66 5.44 17.33
N SER H 17 -18.40 5.51 16.23
CA SER H 17 -18.57 6.79 15.57
C SER H 17 -19.72 7.58 16.22
N PRO H 18 -19.63 8.90 16.22
CA PRO H 18 -20.76 9.71 16.69
C PRO H 18 -22.03 9.50 15.88
N ARG H 19 -21.89 9.16 14.60
CA ARG H 19 -23.06 8.90 13.77
C ARG H 19 -23.78 7.65 14.24
N THR H 20 -23.03 6.60 14.60
CA THR H 20 -23.64 5.37 15.10
C THR H 20 -24.25 5.58 16.49
N LEU H 21 -23.54 6.29 17.36
CA LEU H 21 -24.06 6.57 18.69
C LEU H 21 -25.39 7.33 18.61
N ASN H 22 -25.43 8.38 17.79
CA ASN H 22 -26.64 9.20 17.69
C ASN H 22 -27.77 8.43 17.05
N ALA H 23 -27.47 7.58 16.07
CA ALA H 23 -28.51 6.83 15.39
C ALA H 23 -29.25 5.90 16.35
N TRP H 24 -28.52 5.22 17.23
CA TRP H 24 -29.15 4.31 18.18
C TRP H 24 -29.99 5.07 19.19
N VAL H 25 -29.48 6.22 19.66
CA VAL H 25 -30.21 7.03 20.62
C VAL H 25 -31.55 7.48 20.04
N LYS H 26 -31.53 7.97 18.79
CA LYS H 26 -32.76 8.45 18.18
C LYS H 26 -33.75 7.32 18.00
N VAL H 27 -33.26 6.13 17.67
CA VAL H 27 -34.17 5.02 17.37
C VAL H 27 -35.01 4.70 18.59
N VAL H 28 -34.36 4.71 19.76
CA VAL H 28 -35.09 4.42 20.99
C VAL H 28 -36.05 5.55 21.31
N GLU H 29 -35.65 6.80 21.04
CA GLU H 29 -36.49 7.93 21.37
C GLU H 29 -37.72 8.01 20.49
N GLU H 30 -37.64 7.53 19.26
CA GLU H 30 -38.72 7.63 18.29
C GLU H 30 -39.59 6.37 18.23
N LYS H 31 -38.99 5.19 18.26
CA LYS H 31 -39.72 3.94 18.09
C LYS H 31 -39.79 3.11 19.37
N ALA H 32 -39.30 3.65 20.48
CA ALA H 32 -39.34 2.95 21.78
C ALA H 32 -38.83 1.53 21.68
N PHE H 33 -39.71 0.56 21.95
CA PHE H 33 -39.37 -0.86 21.86
C PHE H 33 -40.32 -1.57 20.90
N SER H 34 -40.60 -0.92 19.78
CA SER H 34 -41.29 -1.58 18.68
C SER H 34 -40.41 -2.70 18.11
N PRO H 35 -41.01 -3.74 17.54
CA PRO H 35 -40.19 -4.88 17.06
C PRO H 35 -39.04 -4.50 16.14
N GLU H 36 -39.19 -3.47 15.30
CA GLU H 36 -38.12 -3.13 14.36
C GLU H 36 -36.92 -2.46 15.04
N VAL H 37 -36.97 -2.24 16.35
CA VAL H 37 -35.84 -1.66 17.06
C VAL H 37 -34.70 -2.68 17.24
N ILE H 38 -35.02 -3.97 17.22
CA ILE H 38 -34.04 -5.01 17.50
C ILE H 38 -33.15 -5.26 16.28
N PRO H 39 -33.70 -5.38 15.05
CA PRO H 39 -32.79 -5.45 13.90
C PRO H 39 -32.00 -4.18 13.68
N MET H 40 -32.53 -3.04 14.12
CA MET H 40 -31.78 -1.79 14.02
C MET H 40 -30.59 -1.79 14.98
N PHE H 41 -30.79 -2.33 16.19
CA PHE H 41 -29.69 -2.43 17.14
C PHE H 41 -28.62 -3.37 16.62
N SER H 42 -29.02 -4.52 16.09
CA SER H 42 -28.05 -5.51 15.62
C SER H 42 -27.21 -4.98 14.48
N ALA H 43 -27.81 -4.15 13.62
CA ALA H 43 -27.08 -3.63 12.46
C ALA H 43 -26.17 -2.47 12.85
N LEU H 44 -26.62 -1.61 13.76
CA LEU H 44 -25.79 -0.51 14.25
C LEU H 44 -24.67 -0.98 15.17
N SER H 45 -24.81 -2.16 15.76
CA SER H 45 -23.76 -2.76 16.59
C SER H 45 -22.92 -3.77 15.82
N CYS H 46 -22.91 -3.67 14.49
CA CYS H 46 -22.16 -4.61 13.66
C CYS H 46 -20.66 -4.44 13.91
N GLY H 47 -20.03 -5.52 14.39
CA GLY H 47 -18.62 -5.49 14.71
C GLY H 47 -18.27 -4.91 16.06
N ALA H 48 -19.27 -4.65 16.91
CA ALA H 48 -19.01 -3.98 18.17
C ALA H 48 -18.33 -4.91 19.16
N THR H 49 -17.49 -4.34 20.01
CA THR H 49 -16.92 -5.03 21.15
C THR H 49 -17.91 -4.99 22.30
N PRO H 50 -17.69 -5.81 23.35
CA PRO H 50 -18.54 -5.68 24.55
C PRO H 50 -18.56 -4.27 25.12
N GLN H 51 -17.43 -3.57 25.08
CA GLN H 51 -17.39 -2.18 25.55
C GLN H 51 -18.31 -1.30 24.71
N ASP H 52 -18.26 -1.46 23.39
CA ASP H 52 -19.15 -0.69 22.52
C ASP H 52 -20.61 -1.00 22.82
N LEU H 53 -20.92 -2.27 23.10
CA LEU H 53 -22.30 -2.63 23.40
C LEU H 53 -22.76 -2.00 24.72
N ASN H 54 -21.90 -2.00 25.73
CA ASN H 54 -22.25 -1.34 26.98
C ASN H 54 -22.40 0.16 26.79
N THR H 55 -21.59 0.75 25.92
CA THR H 55 -21.74 2.16 25.60
C THR H 55 -23.09 2.45 24.97
N MET H 56 -23.50 1.61 24.02
CA MET H 56 -24.81 1.79 23.37
C MET H 56 -25.94 1.66 24.37
N LEU H 57 -25.88 0.66 25.25
CA LEU H 57 -26.95 0.48 26.23
C LEU H 57 -26.97 1.60 27.26
N ASN H 58 -25.79 2.14 27.59
CA ASN H 58 -25.71 3.18 28.62
C ASN H 58 -26.15 4.54 28.13
N THR H 59 -26.20 4.77 26.82
CA THR H 59 -26.60 6.06 26.29
C THR H 59 -28.11 6.19 26.14
N VAL H 60 -28.88 5.15 26.47
CA VAL H 60 -30.33 5.25 26.42
C VAL H 60 -30.80 6.22 27.49
N GLY H 61 -31.70 7.13 27.11
CA GLY H 61 -32.22 8.13 28.02
C GLY H 61 -33.00 7.54 29.19
N GLY H 62 -34.29 7.34 29.00
CA GLY H 62 -35.14 6.74 30.01
C GLY H 62 -35.30 5.24 29.83
N HIS H 63 -36.53 4.74 29.97
CA HIS H 63 -36.84 3.31 29.85
C HIS H 63 -35.96 2.47 30.78
N GLN H 64 -35.61 3.04 31.93
CA GLN H 64 -34.69 2.37 32.85
C GLN H 64 -35.30 1.11 33.47
N ALA H 65 -36.63 0.99 33.48
CA ALA H 65 -37.25 -0.28 33.86
C ALA H 65 -36.89 -1.37 32.87
N ALA H 66 -37.04 -1.08 31.57
CA ALA H 66 -36.67 -2.05 30.55
C ALA H 66 -35.17 -2.32 30.56
N MET H 67 -34.37 -1.29 30.79
CA MET H 67 -32.92 -1.47 30.80
C MET H 67 -32.48 -2.30 32.00
N GLN H 68 -33.17 -2.17 33.13
CA GLN H 68 -32.86 -3.01 34.28
C GLN H 68 -33.25 -4.46 34.02
N MET H 69 -34.41 -4.68 33.39
CA MET H 69 -34.77 -6.02 32.95
C MET H 69 -33.73 -6.58 31.99
N LEU H 70 -33.21 -5.72 31.11
CA LEU H 70 -32.16 -6.14 30.19
C LEU H 70 -30.89 -6.53 30.93
N LYS H 71 -30.55 -5.78 31.98
CA LYS H 71 -29.36 -6.12 32.77
C LYS H 71 -29.55 -7.45 33.49
N GLU H 72 -30.75 -7.69 34.03
CA GLU H 72 -31.02 -8.95 34.73
C GLU H 72 -31.00 -10.12 33.76
N THR H 73 -31.42 -9.92 32.51
CA THR H 73 -31.32 -10.98 31.51
C THR H 73 -29.86 -11.28 31.19
N ILE H 74 -29.01 -10.25 31.14
CA ILE H 74 -27.60 -10.46 30.85
C ILE H 74 -26.93 -11.22 31.98
N ASN H 75 -27.33 -10.95 33.23
CA ASN H 75 -26.77 -11.68 34.37
C ASN H 75 -27.16 -13.16 34.30
N GLU H 76 -28.39 -13.45 33.88
CA GLU H 76 -28.83 -14.84 33.78
C GLU H 76 -28.07 -15.58 32.68
N GLU H 77 -27.91 -14.96 31.52
CA GLU H 77 -27.17 -15.60 30.44
C GLU H 77 -25.69 -15.76 30.77
N ALA H 78 -25.14 -14.82 31.56
CA ALA H 78 -23.74 -14.94 31.95
C ALA H 78 -23.52 -16.09 32.91
N ALA H 79 -24.47 -16.33 33.81
CA ALA H 79 -24.38 -17.48 34.70
C ALA H 79 -24.46 -18.79 33.92
N GLU H 80 -25.31 -18.82 32.88
CA GLU H 80 -25.42 -20.02 32.07
C GLU H 80 -24.13 -20.31 31.31
N TRP H 81 -23.48 -19.26 30.80
CA TRP H 81 -22.19 -19.45 30.14
C TRP H 81 -21.15 -19.99 31.11
N ASP H 82 -21.23 -19.62 32.38
CA ASP H 82 -20.28 -20.13 33.37
C ASP H 82 -20.49 -21.61 33.63
N ARG H 83 -21.71 -22.12 33.42
CA ARG H 83 -21.96 -23.54 33.60
C ARG H 83 -21.46 -24.35 32.40
N LEU H 84 -21.78 -23.90 31.19
CA LEU H 84 -21.48 -24.69 30.00
C LEU H 84 -20.03 -24.57 29.58
N HIS H 85 -19.38 -23.45 29.87
CA HIS H 85 -17.98 -23.21 29.49
C HIS H 85 -17.21 -22.69 30.70
N PRO H 86 -16.95 -23.55 31.69
CA PRO H 86 -16.19 -23.12 32.86
C PRO H 86 -14.74 -22.83 32.50
N VAL H 87 -14.17 -21.85 33.20
CA VAL H 87 -12.78 -21.45 32.95
C VAL H 87 -11.85 -22.42 33.68
N HIS H 88 -10.90 -22.98 32.94
CA HIS H 88 -9.94 -23.89 33.53
C HIS H 88 -8.84 -23.12 34.25
N ALA H 89 -8.03 -23.84 35.01
CA ALA H 89 -6.89 -23.28 35.73
C ALA H 89 -5.60 -23.61 34.99
N GLY H 90 -4.53 -22.90 35.35
CA GLY H 90 -3.23 -23.13 34.78
C GLY H 90 -2.75 -21.99 33.90
N PRO H 91 -1.53 -22.12 33.40
CA PRO H 91 -0.95 -21.06 32.57
C PRO H 91 -1.54 -21.06 31.17
N ILE H 92 -1.40 -19.91 30.50
CA ILE H 92 -1.90 -19.70 29.15
C ILE H 92 -0.76 -19.94 28.17
N ALA H 93 -0.99 -20.84 27.22
CA ALA H 93 0.02 -21.13 26.22
C ALA H 93 0.36 -19.87 25.42
N PRO H 94 1.62 -19.71 25.00
CA PRO H 94 1.99 -18.52 24.23
C PRO H 94 1.25 -18.46 22.90
N GLY H 95 0.84 -17.25 22.52
CA GLY H 95 0.03 -17.06 21.35
C GLY H 95 -1.45 -17.31 21.55
N GLN H 96 -1.85 -17.82 22.71
CA GLN H 96 -3.24 -18.10 23.04
C GLN H 96 -3.74 -17.05 24.04
N MET H 97 -4.95 -17.25 24.55
CA MET H 97 -5.55 -16.33 25.49
C MET H 97 -6.37 -17.11 26.50
N ARG H 98 -6.61 -16.47 27.65
CA ARG H 98 -7.41 -17.08 28.69
C ARG H 98 -8.86 -17.23 28.24
N GLU H 99 -9.52 -18.25 28.77
CA GLU H 99 -10.90 -18.52 28.38
C GLU H 99 -11.82 -17.47 29.00
N PRO H 100 -12.74 -16.89 28.23
CA PRO H 100 -13.58 -15.81 28.76
C PRO H 100 -14.68 -16.33 29.67
N ARG H 101 -14.87 -15.63 30.78
CA ARG H 101 -15.99 -15.88 31.68
C ARG H 101 -17.24 -15.19 31.15
N GLY H 102 -18.35 -15.36 31.88
CA GLY H 102 -19.56 -14.64 31.51
C GLY H 102 -19.43 -13.15 31.68
N SER H 103 -18.73 -12.71 32.73
CA SER H 103 -18.50 -11.29 32.96
C SER H 103 -17.53 -10.70 31.96
N ASP H 104 -16.64 -11.51 31.38
CA ASP H 104 -15.75 -11.00 30.35
C ASP H 104 -16.51 -10.72 29.05
N ILE H 105 -17.48 -11.58 28.71
CA ILE H 105 -18.28 -11.37 27.51
C ILE H 105 -19.16 -10.14 27.68
N ALA H 106 -19.71 -9.94 28.88
CA ALA H 106 -20.52 -8.76 29.17
C ALA H 106 -19.68 -7.50 29.35
N GLY H 107 -18.35 -7.61 29.38
CA GLY H 107 -17.50 -6.45 29.44
C GLY H 107 -17.40 -5.79 30.80
N THR H 108 -17.60 -6.56 31.89
CA THR H 108 -17.49 -6.01 33.23
C THR H 108 -16.16 -6.32 33.90
N THR H 109 -15.50 -7.42 33.51
CA THR H 109 -14.23 -7.80 34.12
C THR H 109 -13.13 -7.99 33.08
N SER H 110 -13.39 -7.67 31.81
CA SER H 110 -12.38 -7.78 30.77
C SER H 110 -11.99 -6.39 30.26
N THR H 111 -10.71 -6.23 29.96
CA THR H 111 -10.22 -4.98 29.41
C THR H 111 -10.57 -4.88 27.92
N LEU H 112 -10.41 -3.68 27.37
CA LEU H 112 -10.64 -3.51 25.94
C LEU H 112 -9.66 -4.36 25.13
N GLN H 113 -8.38 -4.38 25.52
CA GLN H 113 -7.38 -5.12 24.78
C GLN H 113 -7.66 -6.62 24.79
N GLU H 114 -8.16 -7.14 25.92
CA GLU H 114 -8.55 -8.54 25.95
C GLU H 114 -9.69 -8.81 24.98
N GLN H 115 -10.64 -7.88 24.87
CA GLN H 115 -11.72 -8.03 23.89
C GLN H 115 -11.18 -7.97 22.47
N ILE H 116 -10.16 -7.14 22.23
CA ILE H 116 -9.51 -7.11 20.92
C ILE H 116 -8.93 -8.48 20.60
N GLY H 117 -8.17 -9.05 21.54
CA GLY H 117 -7.49 -10.30 21.28
C GLY H 117 -8.43 -11.44 20.98
N TRP H 118 -9.54 -11.52 21.73
CA TRP H 118 -10.50 -12.59 21.48
C TRP H 118 -11.12 -12.47 20.10
N MET H 119 -11.51 -11.26 19.70
CA MET H 119 -12.21 -11.07 18.44
C MET H 119 -11.28 -11.11 17.24
N THR H 120 -10.00 -10.82 17.41
CA THR H 120 -9.03 -10.85 16.32
C THR H 120 -8.20 -12.12 16.29
N HIS H 121 -8.40 -13.03 17.24
CA HIS H 121 -7.65 -14.26 17.28
C HIS H 121 -8.03 -15.16 16.11
N ASN H 122 -7.17 -16.13 15.81
CA ASN H 122 -7.42 -17.11 14.77
C ASN H 122 -7.26 -18.50 15.37
N PRO H 123 -8.36 -19.25 15.59
CA PRO H 123 -9.75 -18.90 15.32
C PRO H 123 -10.33 -17.90 16.32
N PRO H 124 -11.24 -17.04 15.90
CA PRO H 124 -11.75 -16.00 16.80
C PRO H 124 -12.70 -16.57 17.85
N ILE H 125 -12.72 -15.91 18.99
CA ILE H 125 -13.76 -16.12 20.00
C ILE H 125 -14.63 -14.86 19.97
N PRO H 126 -15.80 -14.92 19.34
CA PRO H 126 -16.60 -13.70 19.08
C PRO H 126 -17.38 -13.24 20.30
N VAL H 127 -16.66 -12.67 21.28
CA VAL H 127 -17.31 -12.22 22.51
C VAL H 127 -18.31 -11.11 22.22
N GLY H 128 -18.07 -10.29 21.21
CA GLY H 128 -19.04 -9.28 20.84
C GLY H 128 -20.32 -9.87 20.30
N GLU H 129 -20.21 -10.93 19.49
CA GLU H 129 -21.40 -11.56 18.94
C GLU H 129 -22.14 -12.39 20.00
N ILE H 130 -21.40 -12.99 20.93
CA ILE H 130 -22.04 -13.73 22.02
C ILE H 130 -22.79 -12.78 22.94
N TYR H 131 -22.15 -11.65 23.30
CA TYR H 131 -22.83 -10.66 24.12
C TYR H 131 -24.04 -10.09 23.40
N LYS H 132 -23.92 -9.85 22.09
CA LYS H 132 -25.03 -9.29 21.34
C LYS H 132 -26.23 -10.24 21.32
N ARG H 133 -25.97 -11.56 21.38
CA ARG H 133 -27.08 -12.52 21.47
C ARG H 133 -27.80 -12.40 22.80
N TRP H 134 -27.04 -12.29 23.89
CA TRP H 134 -27.66 -12.11 25.21
C TRP H 134 -28.50 -10.83 25.23
N ILE H 135 -27.99 -9.75 24.66
CA ILE H 135 -28.71 -8.48 24.64
C ILE H 135 -29.99 -8.60 23.83
N ILE H 136 -29.90 -9.23 22.65
CA ILE H 136 -31.07 -9.37 21.79
C ILE H 136 -32.13 -10.24 22.44
N LEU H 137 -31.72 -11.25 23.22
CA LEU H 137 -32.67 -12.02 23.99
C LEU H 137 -33.41 -11.15 25.00
N GLY H 138 -32.69 -10.25 25.67
CA GLY H 138 -33.34 -9.34 26.60
C GLY H 138 -34.26 -8.36 25.90
N LEU H 139 -33.86 -7.87 24.73
CA LEU H 139 -34.71 -6.93 23.99
C LEU H 139 -35.98 -7.61 23.51
N ASN H 140 -35.90 -8.89 23.15
CA ASN H 140 -37.09 -9.63 22.75
C ASN H 140 -38.12 -9.65 23.87
N LYS H 141 -37.68 -9.90 25.10
CA LYS H 141 -38.60 -9.94 26.23
C LYS H 141 -39.16 -8.56 26.56
N ILE H 142 -38.47 -7.49 26.14
CA ILE H 142 -38.99 -6.14 26.38
C ILE H 142 -40.04 -5.78 25.34
N VAL H 143 -39.78 -6.10 24.07
CA VAL H 143 -40.75 -5.86 23.01
C VAL H 143 -42.05 -6.60 23.29
N ARG H 144 -41.94 -7.84 23.78
CA ARG H 144 -43.11 -8.64 24.08
C ARG H 144 -43.92 -8.02 25.21
N MET H 145 -43.25 -7.62 26.30
CA MET H 145 -43.96 -7.06 27.45
C MET H 145 -44.60 -5.71 27.12
N TYR H 146 -44.00 -4.95 26.20
CA TYR H 146 -44.50 -3.62 25.89
C TYR H 146 -45.46 -3.62 24.71
N SER H 147 -45.78 -4.78 24.16
CA SER H 147 -46.82 -4.88 23.15
C SER H 147 -48.16 -4.50 23.78
N PRO H 148 -48.84 -3.46 23.28
CA PRO H 148 -50.05 -2.99 23.97
C PRO H 148 -51.20 -3.97 23.91
N THR H 149 -51.36 -4.70 22.81
CA THR H 149 -52.49 -5.61 22.65
C THR H 149 -51.99 -7.05 22.46
N SER H 150 -52.87 -7.99 22.75
CA SER H 150 -52.63 -9.39 22.50
C SER H 150 -53.12 -9.77 21.11
N ILE H 151 -52.56 -10.88 20.58
CA ILE H 151 -52.96 -11.34 19.26
C ILE H 151 -54.41 -11.80 19.23
N LEU H 152 -54.98 -12.14 20.40
CA LEU H 152 -56.38 -12.55 20.45
C LEU H 152 -57.34 -11.39 20.39
N ASP H 153 -56.89 -10.17 20.70
CA ASP H 153 -57.74 -8.99 20.67
C ASP H 153 -57.73 -8.28 19.32
N ILE H 154 -57.00 -8.81 18.34
CA ILE H 154 -56.95 -8.22 17.01
C ILE H 154 -58.07 -8.83 16.19
N ARG H 155 -59.07 -8.02 15.86
CA ARG H 155 -60.22 -8.48 15.09
C ARG H 155 -60.64 -7.40 14.11
N GLN H 156 -60.99 -7.82 12.90
CA GLN H 156 -61.37 -6.89 11.84
C GLN H 156 -62.69 -6.22 12.18
N GLY H 157 -62.72 -4.89 12.07
CA GLY H 157 -63.91 -4.12 12.32
C GLY H 157 -64.94 -4.29 11.22
N PRO H 158 -66.15 -3.79 11.45
CA PRO H 158 -67.19 -3.91 10.41
C PRO H 158 -66.86 -3.14 9.15
N LYS H 159 -66.36 -1.91 9.28
CA LYS H 159 -66.02 -1.06 8.14
C LYS H 159 -64.52 -0.90 7.98
N GLU H 160 -63.73 -1.87 8.46
CA GLU H 160 -62.29 -1.79 8.33
C GLU H 160 -61.84 -2.61 7.12
N PRO H 161 -61.06 -2.02 6.21
CA PRO H 161 -60.55 -2.80 5.07
C PRO H 161 -59.70 -3.97 5.53
N PHE H 162 -59.71 -5.03 4.73
CA PHE H 162 -59.00 -6.25 5.10
C PHE H 162 -57.49 -6.02 5.16
N ARG H 163 -56.96 -5.09 4.37
CA ARG H 163 -55.53 -4.81 4.42
C ARG H 163 -55.14 -4.18 5.75
N ASP H 164 -55.98 -3.29 6.29
CA ASP H 164 -55.69 -2.68 7.57
C ASP H 164 -55.81 -3.68 8.72
N TYR H 165 -56.63 -4.72 8.54
CA TYR H 165 -56.75 -5.75 9.57
C TYR H 165 -55.50 -6.62 9.61
N VAL H 166 -55.04 -7.08 8.44
CA VAL H 166 -53.84 -7.90 8.38
C VAL H 166 -52.62 -7.13 8.87
N ASP H 167 -52.61 -5.80 8.65
CA ASP H 167 -51.50 -4.98 9.13
C ASP H 167 -51.38 -5.05 10.64
N ARG H 168 -52.47 -4.81 11.37
CA ARG H 168 -52.44 -4.87 12.81
C ARG H 168 -52.24 -6.29 13.33
N PHE H 169 -52.61 -7.30 12.54
CA PHE H 169 -52.47 -8.68 12.98
C PHE H 169 -51.01 -9.10 13.06
N TYR H 170 -50.29 -9.00 11.94
CA TYR H 170 -48.88 -9.39 11.93
C TYR H 170 -47.99 -8.40 12.67
N LYS H 171 -48.43 -7.15 12.81
CA LYS H 171 -47.71 -6.22 13.67
C LYS H 171 -47.68 -6.72 15.11
N THR H 172 -48.85 -7.10 15.63
CA THR H 172 -48.93 -7.67 16.96
C THR H 172 -48.19 -9.00 17.06
N LEU H 173 -48.18 -9.77 15.96
CA LEU H 173 -47.53 -11.07 15.99
C LEU H 173 -46.02 -10.94 16.11
N ARG H 174 -45.43 -9.97 15.41
CA ARG H 174 -43.98 -9.76 15.52
C ARG H 174 -43.58 -9.36 16.93
N ALA H 175 -44.47 -8.68 17.66
CA ALA H 175 -44.16 -8.29 19.03
C ALA H 175 -44.21 -9.49 19.99
N GLU H 176 -45.11 -10.44 19.75
CA GLU H 176 -45.25 -11.57 20.65
C GLU H 176 -44.21 -12.65 20.35
N GLN H 177 -44.14 -13.11 19.10
CA GLN H 177 -43.21 -14.17 18.73
C GLN H 177 -42.31 -13.75 17.57
N ASN H 184 -47.26 -21.04 10.90
CA ASN H 184 -48.25 -21.64 11.79
C ASN H 184 -49.66 -21.54 11.22
N ALA H 185 -50.31 -22.69 11.04
CA ALA H 185 -51.72 -22.68 10.71
C ALA H 185 -52.58 -22.17 11.86
N ALA H 186 -52.02 -22.11 13.06
CA ALA H 186 -52.73 -21.49 14.18
C ALA H 186 -52.96 -20.01 13.92
N THR H 187 -51.93 -19.31 13.41
CA THR H 187 -52.11 -17.91 13.04
C THR H 187 -52.98 -17.78 11.80
N GLU H 188 -52.90 -18.74 10.88
CA GLU H 188 -53.76 -18.72 9.70
C GLU H 188 -55.23 -18.81 10.09
N THR H 189 -55.57 -19.76 10.97
CA THR H 189 -56.95 -19.90 11.40
C THR H 189 -57.40 -18.70 12.24
N LEU H 190 -56.50 -18.18 13.08
CA LEU H 190 -56.86 -17.03 13.91
C LEU H 190 -57.05 -15.77 13.06
N LEU H 191 -56.41 -15.70 11.90
CA LEU H 191 -56.60 -14.55 11.02
C LEU H 191 -58.00 -14.54 10.43
N VAL H 192 -58.45 -15.69 9.91
CA VAL H 192 -59.79 -15.76 9.33
C VAL H 192 -60.85 -15.75 10.44
N GLN H 193 -60.53 -16.31 11.60
CA GLN H 193 -61.49 -16.40 12.69
C GLN H 193 -61.92 -15.03 13.18
N ASN H 194 -60.97 -14.10 13.29
CA ASN H 194 -61.26 -12.76 13.79
C ASN H 194 -61.50 -11.75 12.68
N ALA H 195 -61.78 -12.21 11.47
CA ALA H 195 -62.23 -11.31 10.43
C ALA H 195 -63.71 -10.98 10.63
N ASN H 196 -64.15 -9.90 10.00
CA ASN H 196 -65.55 -9.53 10.07
C ASN H 196 -66.40 -10.60 9.38
N PRO H 197 -67.69 -10.69 9.72
CA PRO H 197 -68.52 -11.77 9.13
C PRO H 197 -68.55 -11.73 7.62
N ASP H 198 -68.33 -10.57 7.00
CA ASP H 198 -68.24 -10.49 5.55
C ASP H 198 -67.03 -11.24 5.02
N CYS H 199 -65.84 -10.64 5.18
CA CYS H 199 -64.62 -11.20 4.60
C CYS H 199 -64.36 -12.63 5.08
N LYS H 200 -64.87 -12.99 6.25
CA LYS H 200 -64.68 -14.35 6.75
C LYS H 200 -65.29 -15.37 5.81
N THR H 201 -66.49 -15.10 5.29
CA THR H 201 -67.17 -16.08 4.44
C THR H 201 -66.57 -16.15 3.05
N ILE H 202 -66.05 -15.05 2.53
CA ILE H 202 -65.47 -15.07 1.18
C ILE H 202 -64.13 -15.80 1.19
N LEU H 203 -63.36 -15.68 2.26
CA LEU H 203 -62.13 -16.47 2.37
C LEU H 203 -62.46 -17.94 2.56
N LYS H 204 -63.47 -18.25 3.38
CA LYS H 204 -63.95 -19.62 3.50
C LYS H 204 -64.39 -20.18 2.16
N ALA H 205 -64.93 -19.33 1.29
CA ALA H 205 -65.32 -19.79 -0.05
C ALA H 205 -64.10 -20.08 -0.90
N LEU H 206 -63.06 -19.26 -0.79
CA LEU H 206 -61.84 -19.47 -1.59
C LEU H 206 -61.20 -20.81 -1.28
N GLY H 207 -61.40 -21.33 -0.07
CA GLY H 207 -60.88 -22.62 0.30
C GLY H 207 -59.64 -22.53 1.15
N PRO H 208 -59.22 -23.65 1.71
CA PRO H 208 -57.99 -23.68 2.52
C PRO H 208 -56.75 -23.65 1.65
N GLY H 209 -55.60 -23.42 2.29
CA GLY H 209 -54.34 -23.38 1.61
C GLY H 209 -54.13 -22.18 0.70
N ALA H 210 -55.04 -21.21 0.71
CA ALA H 210 -54.91 -20.03 -0.12
C ALA H 210 -53.86 -19.08 0.45
N THR H 211 -53.12 -18.43 -0.44
CA THR H 211 -52.08 -17.51 -0.03
C THR H 211 -52.69 -16.20 0.48
N LEU H 212 -51.87 -15.40 1.17
CA LEU H 212 -52.33 -14.11 1.66
C LEU H 212 -52.61 -13.15 0.51
N GLU H 213 -51.84 -13.24 -0.57
CA GLU H 213 -52.11 -12.42 -1.75
C GLU H 213 -53.49 -12.71 -2.32
N GLU H 214 -53.91 -13.97 -2.27
CA GLU H 214 -55.24 -14.34 -2.74
C GLU H 214 -56.31 -13.93 -1.74
N MET H 215 -56.01 -13.99 -0.44
CA MET H 215 -56.99 -13.62 0.57
C MET H 215 -57.26 -12.12 0.56
N MET H 216 -56.23 -11.31 0.34
CA MET H 216 -56.41 -9.87 0.27
C MET H 216 -57.07 -9.43 -1.03
N THR H 217 -56.85 -10.18 -2.11
CA THR H 217 -57.52 -9.87 -3.37
C THR H 217 -59.01 -10.14 -3.28
N ALA H 218 -59.40 -11.24 -2.62
CA ALA H 218 -60.81 -11.59 -2.51
C ALA H 218 -61.57 -10.55 -1.71
N CYS H 219 -61.02 -10.13 -0.58
CA CYS H 219 -61.66 -9.13 0.28
C CYS H 219 -61.24 -7.71 -0.07
N GLN H 220 -60.84 -7.46 -1.31
CA GLN H 220 -60.48 -6.12 -1.78
C GLN H 220 -61.65 -5.15 -1.63
N PRO I 2 -22.56 -5.02 3.30
CA PRO I 2 -22.35 -5.40 1.90
C PRO I 2 -20.94 -5.89 1.61
N ILE I 3 -20.70 -6.32 0.37
CA ILE I 3 -19.39 -6.78 -0.08
C ILE I 3 -18.91 -5.79 -1.12
N VAL I 4 -17.93 -4.97 -0.75
CA VAL I 4 -17.34 -3.97 -1.64
C VAL I 4 -15.85 -4.25 -1.75
N GLN I 5 -15.25 -3.85 -2.88
CA GLN I 5 -13.82 -3.91 -3.00
C GLN I 5 -13.21 -2.65 -2.39
N ASN I 6 -12.22 -2.84 -1.51
CA ASN I 6 -11.72 -1.76 -0.68
C ASN I 6 -10.73 -0.88 -1.44
N LEU I 7 -9.91 -0.14 -0.69
CA LEU I 7 -8.93 0.75 -1.32
C LEU I 7 -7.75 -0.04 -1.89
N GLN I 8 -7.44 -1.20 -1.32
CA GLN I 8 -6.32 -2.02 -1.76
C GLN I 8 -6.67 -2.93 -2.94
N GLY I 9 -7.95 -3.15 -3.21
CA GLY I 9 -8.35 -3.93 -4.37
C GLY I 9 -8.65 -5.38 -4.09
N GLN I 10 -9.68 -5.65 -3.29
CA GLN I 10 -10.15 -7.00 -3.02
C GLN I 10 -11.50 -6.91 -2.32
N MET I 11 -12.33 -7.92 -2.54
CA MET I 11 -13.69 -7.95 -1.99
C MET I 11 -13.63 -8.32 -0.52
N VAL I 12 -14.17 -7.45 0.34
CA VAL I 12 -14.22 -7.67 1.78
C VAL I 12 -15.61 -7.32 2.29
N HIS I 13 -15.93 -7.87 3.46
CA HIS I 13 -17.22 -7.62 4.08
C HIS I 13 -17.20 -6.30 4.85
N GLN I 14 -18.31 -5.58 4.79
CA GLN I 14 -18.44 -4.27 5.42
C GLN I 14 -19.80 -4.18 6.07
N CYS I 15 -19.87 -3.55 7.23
CA CYS I 15 -21.14 -3.34 7.90
C CYS I 15 -22.01 -2.36 7.10
N ILE I 16 -23.33 -2.50 7.27
CA ILE I 16 -24.25 -1.52 6.69
C ILE I 16 -24.06 -0.19 7.41
N SER I 17 -23.96 0.89 6.64
CA SER I 17 -23.77 2.19 7.26
C SER I 17 -25.08 2.68 7.87
N PRO I 18 -25.02 3.48 8.94
CA PRO I 18 -26.25 4.09 9.47
C PRO I 18 -26.99 4.93 8.45
N ARG I 19 -26.28 5.53 7.49
CA ARG I 19 -26.93 6.34 6.47
C ARG I 19 -27.78 5.48 5.54
N THR I 20 -27.27 4.30 5.16
CA THR I 20 -28.05 3.40 4.31
C THR I 20 -29.27 2.87 5.03
N LEU I 21 -29.13 2.51 6.31
CA LEU I 21 -30.26 2.02 7.08
C LEU I 21 -31.35 3.08 7.19
N ASN I 22 -30.98 4.30 7.59
CA ASN I 22 -31.97 5.35 7.77
C ASN I 22 -32.63 5.73 6.45
N ALA I 23 -31.87 5.69 5.35
CA ALA I 23 -32.42 6.05 4.06
C ALA I 23 -33.50 5.08 3.61
N TRP I 24 -33.31 3.78 3.88
CA TRP I 24 -34.32 2.81 3.48
C TRP I 24 -35.57 2.91 4.34
N VAL I 25 -35.41 3.17 5.64
CA VAL I 25 -36.56 3.32 6.51
C VAL I 25 -37.39 4.53 6.10
N LYS I 26 -36.72 5.64 5.75
CA LYS I 26 -37.45 6.86 5.44
C LYS I 26 -38.17 6.76 4.11
N VAL I 27 -37.57 6.11 3.11
CA VAL I 27 -38.22 6.02 1.81
C VAL I 27 -39.49 5.19 1.88
N VAL I 28 -39.58 4.27 2.85
CA VAL I 28 -40.81 3.52 3.05
C VAL I 28 -41.82 4.33 3.84
N GLU I 29 -41.35 5.15 4.79
CA GLU I 29 -42.28 5.98 5.57
C GLU I 29 -42.88 7.10 4.74
N GLU I 30 -42.19 7.53 3.68
CA GLU I 30 -42.63 8.66 2.87
C GLU I 30 -43.33 8.24 1.58
N LYS I 31 -42.80 7.24 0.87
CA LYS I 31 -43.35 6.82 -0.40
C LYS I 31 -44.20 5.56 -0.30
N ALA I 32 -44.29 4.96 0.89
CA ALA I 32 -45.00 3.70 1.09
C ALA I 32 -44.48 2.64 0.13
N PHE I 33 -45.30 2.27 -0.85
CA PHE I 33 -44.91 1.32 -1.89
C PHE I 33 -45.21 1.88 -3.27
N SER I 34 -44.92 3.15 -3.47
CA SER I 34 -44.96 3.75 -4.80
C SER I 34 -43.93 3.05 -5.69
N PRO I 35 -44.15 3.06 -7.01
CA PRO I 35 -43.22 2.32 -7.89
C PRO I 35 -41.76 2.75 -7.76
N GLU I 36 -41.48 4.01 -7.42
CA GLU I 36 -40.11 4.45 -7.28
C GLU I 36 -39.41 3.89 -6.04
N VAL I 37 -40.13 3.13 -5.21
CA VAL I 37 -39.48 2.45 -4.08
C VAL I 37 -38.64 1.29 -4.57
N ILE I 38 -39.03 0.66 -5.69
CA ILE I 38 -38.31 -0.48 -6.25
C ILE I 38 -36.87 -0.10 -6.58
N PRO I 39 -36.61 0.92 -7.42
CA PRO I 39 -35.21 1.21 -7.74
C PRO I 39 -34.42 1.76 -6.57
N MET I 40 -35.08 2.41 -5.61
CA MET I 40 -34.39 2.91 -4.43
C MET I 40 -33.93 1.77 -3.55
N PHE I 41 -34.74 0.72 -3.42
CA PHE I 41 -34.33 -0.45 -2.65
C PHE I 41 -33.13 -1.14 -3.29
N SER I 42 -33.16 -1.29 -4.62
CA SER I 42 -32.08 -1.98 -5.31
C SER I 42 -30.77 -1.20 -5.20
N ALA I 43 -30.84 0.13 -5.22
CA ALA I 43 -29.63 0.93 -5.13
C ALA I 43 -29.07 0.95 -3.71
N LEU I 44 -29.95 1.09 -2.71
CA LEU I 44 -29.52 1.08 -1.32
C LEU I 44 -28.98 -0.27 -0.89
N SER I 45 -29.39 -1.36 -1.55
CA SER I 45 -28.91 -2.70 -1.25
C SER I 45 -27.83 -3.15 -2.23
N CYS I 46 -27.08 -2.21 -2.80
CA CYS I 46 -26.01 -2.54 -3.73
C CYS I 46 -24.90 -3.32 -3.02
N GLY I 47 -24.60 -4.51 -3.56
CA GLY I 47 -23.59 -5.36 -2.96
C GLY I 47 -24.00 -6.03 -1.67
N ALA I 48 -25.28 -6.02 -1.33
CA ALA I 48 -25.72 -6.54 -0.05
C ALA I 48 -25.67 -8.06 0.00
N THR I 49 -25.38 -8.58 1.19
CA THR I 49 -25.46 -10.01 1.45
C THR I 49 -26.90 -10.37 1.79
N PRO I 50 -27.24 -11.67 1.80
CA PRO I 50 -28.57 -12.05 2.28
C PRO I 50 -28.88 -11.56 3.68
N GLN I 51 -27.87 -11.52 4.56
CA GLN I 51 -28.09 -10.99 5.90
C GLN I 51 -28.46 -9.52 5.86
N ASP I 52 -27.79 -8.74 5.00
CA ASP I 52 -28.10 -7.33 4.87
C ASP I 52 -29.51 -7.11 4.33
N LEU I 53 -29.94 -7.95 3.39
CA LEU I 53 -31.28 -7.81 2.82
C LEU I 53 -32.35 -8.09 3.87
N ASN I 54 -32.13 -9.08 4.73
CA ASN I 54 -33.07 -9.36 5.80
C ASN I 54 -33.10 -8.22 6.82
N THR I 55 -31.95 -7.59 7.07
CA THR I 55 -31.91 -6.46 7.98
C THR I 55 -32.75 -5.30 7.45
N MET I 56 -32.59 -4.98 6.17
CA MET I 56 -33.36 -3.88 5.58
C MET I 56 -34.86 -4.16 5.66
N LEU I 57 -35.27 -5.39 5.33
CA LEU I 57 -36.70 -5.71 5.36
C LEU I 57 -37.24 -5.75 6.78
N ASN I 58 -36.39 -6.06 7.76
CA ASN I 58 -36.83 -6.14 9.14
C ASN I 58 -36.94 -4.77 9.81
N THR I 59 -36.28 -3.75 9.29
CA THR I 59 -36.39 -2.41 9.86
C THR I 59 -37.66 -1.67 9.44
N VAL I 60 -38.42 -2.23 8.50
CA VAL I 60 -39.67 -1.59 8.08
C VAL I 60 -40.67 -1.63 9.23
N GLY I 61 -41.23 -0.47 9.56
CA GLY I 61 -42.14 -0.35 10.69
C GLY I 61 -43.48 -0.99 10.45
N GLY I 62 -44.32 -0.34 9.64
CA GLY I 62 -45.66 -0.83 9.35
C GLY I 62 -45.69 -1.76 8.15
N HIS I 63 -46.87 -1.82 7.52
CA HIS I 63 -47.08 -2.57 6.29
C HIS I 63 -46.70 -4.04 6.46
N GLN I 64 -47.03 -4.60 7.62
CA GLN I 64 -46.71 -6.01 7.88
C GLN I 64 -47.55 -6.95 7.03
N ALA I 65 -48.67 -6.48 6.48
CA ALA I 65 -49.42 -7.30 5.53
C ALA I 65 -48.65 -7.46 4.23
N ALA I 66 -48.08 -6.38 3.73
CA ALA I 66 -47.27 -6.45 2.51
C ALA I 66 -45.97 -7.19 2.75
N MET I 67 -45.36 -6.99 3.92
CA MET I 67 -44.15 -7.75 4.27
C MET I 67 -44.45 -9.23 4.40
N GLN I 68 -45.68 -9.59 4.78
CA GLN I 68 -46.06 -11.00 4.82
C GLN I 68 -46.17 -11.58 3.41
N MET I 69 -46.77 -10.81 2.49
CA MET I 69 -46.82 -11.24 1.09
C MET I 69 -45.41 -11.38 0.52
N LEU I 70 -44.52 -10.45 0.84
CA LEU I 70 -43.14 -10.54 0.40
C LEU I 70 -42.47 -11.79 0.98
N LYS I 71 -42.81 -12.14 2.22
CA LYS I 71 -42.22 -13.33 2.84
C LYS I 71 -42.70 -14.60 2.17
N GLU I 72 -43.96 -14.63 1.72
CA GLU I 72 -44.46 -15.80 1.02
C GLU I 72 -43.91 -15.89 -0.40
N THR I 73 -43.68 -14.75 -1.05
CA THR I 73 -43.08 -14.76 -2.39
C THR I 73 -41.65 -15.31 -2.33
N ILE I 74 -40.92 -14.99 -1.27
CA ILE I 74 -39.56 -15.51 -1.11
C ILE I 74 -39.59 -17.03 -0.95
N ASN I 75 -40.62 -17.55 -0.28
CA ASN I 75 -40.73 -19.01 -0.12
C ASN I 75 -41.00 -19.69 -1.46
N GLU I 76 -41.83 -19.07 -2.30
CA GLU I 76 -42.13 -19.65 -3.61
C GLU I 76 -40.88 -19.68 -4.48
N GLU I 77 -40.14 -18.58 -4.53
CA GLU I 77 -38.93 -18.53 -5.35
C GLU I 77 -37.85 -19.45 -4.80
N ALA I 78 -37.76 -19.58 -3.47
CA ALA I 78 -36.80 -20.49 -2.88
C ALA I 78 -37.11 -21.94 -3.26
N ALA I 79 -38.39 -22.29 -3.35
CA ALA I 79 -38.78 -23.63 -3.76
C ALA I 79 -38.46 -23.87 -5.23
N GLU I 80 -38.69 -22.86 -6.08
CA GLU I 80 -38.34 -22.99 -7.49
C GLU I 80 -36.84 -23.20 -7.68
N TRP I 81 -36.03 -22.53 -6.86
CA TRP I 81 -34.58 -22.71 -6.92
C TRP I 81 -34.20 -24.14 -6.58
N ASP I 82 -34.90 -24.75 -5.62
CA ASP I 82 -34.57 -26.11 -5.20
C ASP I 82 -34.89 -27.12 -6.30
N ARG I 83 -35.89 -26.84 -7.14
CA ARG I 83 -36.20 -27.74 -8.25
C ARG I 83 -35.20 -27.58 -9.38
N LEU I 84 -34.83 -26.34 -9.70
CA LEU I 84 -33.92 -26.10 -10.82
C LEU I 84 -32.48 -26.48 -10.47
N HIS I 85 -32.09 -26.30 -9.20
CA HIS I 85 -30.72 -26.53 -8.76
C HIS I 85 -30.73 -27.38 -7.49
N PRO I 86 -30.90 -28.70 -7.63
CA PRO I 86 -30.84 -29.57 -6.45
C PRO I 86 -29.42 -29.77 -5.97
N VAL I 87 -29.26 -29.87 -4.65
CA VAL I 87 -27.95 -30.09 -4.05
C VAL I 87 -27.55 -31.55 -4.26
N HIS I 88 -26.36 -31.75 -4.80
CA HIS I 88 -25.82 -33.09 -5.00
C HIS I 88 -25.10 -33.53 -3.73
N ALA I 89 -25.40 -34.75 -3.28
CA ALA I 89 -24.79 -35.28 -2.07
C ALA I 89 -23.30 -35.56 -2.30
N GLY I 90 -22.61 -35.87 -1.20
CA GLY I 90 -21.20 -36.14 -1.25
C GLY I 90 -20.37 -35.08 -0.56
N PRO I 91 -19.09 -35.36 -0.37
CA PRO I 91 -18.20 -34.39 0.29
C PRO I 91 -17.84 -33.25 -0.65
N ILE I 92 -17.50 -32.12 -0.03
CA ILE I 92 -17.15 -30.90 -0.76
C ILE I 92 -15.66 -30.94 -1.07
N ALA I 93 -15.33 -30.73 -2.35
CA ALA I 93 -13.94 -30.73 -2.77
C ALA I 93 -13.16 -29.63 -2.04
N PRO I 94 -11.90 -29.88 -1.71
CA PRO I 94 -11.12 -28.88 -0.97
C PRO I 94 -10.97 -27.59 -1.77
N GLY I 95 -11.26 -26.46 -1.12
CA GLY I 95 -11.22 -25.17 -1.77
C GLY I 95 -12.52 -24.73 -2.41
N GLN I 96 -13.59 -25.53 -2.29
CA GLN I 96 -14.86 -25.22 -2.90
C GLN I 96 -15.92 -24.98 -1.83
N MET I 97 -17.06 -24.46 -2.27
CA MET I 97 -18.20 -24.18 -1.40
C MET I 97 -19.30 -25.21 -1.66
N ARG I 98 -19.98 -25.61 -0.59
CA ARG I 98 -21.16 -26.45 -0.75
C ARG I 98 -22.23 -25.70 -1.54
N GLU I 99 -23.04 -26.44 -2.26
CA GLU I 99 -24.03 -25.82 -3.12
C GLU I 99 -25.14 -25.19 -2.29
N PRO I 100 -25.56 -23.97 -2.62
CA PRO I 100 -26.60 -23.31 -1.83
C PRO I 100 -27.99 -23.74 -2.27
N ARG I 101 -28.86 -23.92 -1.28
CA ARG I 101 -30.27 -24.19 -1.51
C ARG I 101 -31.06 -22.90 -1.30
N GLY I 102 -32.38 -22.99 -1.50
CA GLY I 102 -33.20 -21.78 -1.44
C GLY I 102 -33.15 -21.09 -0.10
N SER I 103 -33.04 -21.85 0.99
CA SER I 103 -32.98 -21.27 2.32
C SER I 103 -31.63 -20.62 2.61
N ASP I 104 -30.57 -21.04 1.94
CA ASP I 104 -29.28 -20.36 2.07
C ASP I 104 -29.32 -18.99 1.43
N ILE I 105 -29.92 -18.90 0.24
CA ILE I 105 -29.98 -17.61 -0.47
C ILE I 105 -30.84 -16.62 0.31
N ALA I 106 -31.90 -17.10 0.96
CA ALA I 106 -32.75 -16.24 1.77
C ALA I 106 -32.16 -15.92 3.14
N GLY I 107 -31.06 -16.57 3.53
CA GLY I 107 -30.38 -16.26 4.75
C GLY I 107 -30.95 -16.90 6.00
N THR I 108 -31.81 -17.92 5.86
CA THR I 108 -32.42 -18.56 7.02
C THR I 108 -31.60 -19.74 7.55
N THR I 109 -30.86 -20.42 6.68
CA THR I 109 -30.06 -21.58 7.09
C THR I 109 -28.58 -21.43 6.79
N SER I 110 -28.15 -20.28 6.26
CA SER I 110 -26.75 -20.05 5.95
C SER I 110 -26.18 -19.01 6.90
N THR I 111 -24.92 -19.18 7.27
CA THR I 111 -24.24 -18.21 8.12
C THR I 111 -23.67 -17.07 7.27
N LEU I 112 -23.26 -16.00 7.96
CA LEU I 112 -22.65 -14.87 7.26
C LEU I 112 -21.36 -15.29 6.57
N GLN I 113 -20.60 -16.18 7.20
CA GLN I 113 -19.33 -16.61 6.60
C GLN I 113 -19.56 -17.41 5.32
N GLU I 114 -20.64 -18.18 5.26
CA GLU I 114 -20.95 -18.92 4.04
C GLU I 114 -21.39 -17.98 2.92
N GLN I 115 -22.18 -16.96 3.27
CA GLN I 115 -22.62 -15.98 2.27
C GLN I 115 -21.43 -15.24 1.68
N ILE I 116 -20.46 -14.87 2.52
CA ILE I 116 -19.25 -14.24 2.02
C ILE I 116 -18.46 -15.20 1.13
N GLY I 117 -18.44 -16.48 1.52
CA GLY I 117 -17.71 -17.46 0.72
C GLY I 117 -18.27 -17.61 -0.68
N TRP I 118 -19.59 -17.64 -0.82
CA TRP I 118 -20.21 -17.74 -2.14
C TRP I 118 -19.98 -16.47 -2.95
N MET I 119 -20.16 -15.31 -2.32
CA MET I 119 -20.12 -14.05 -3.07
C MET I 119 -18.70 -13.67 -3.46
N THR I 120 -17.69 -14.11 -2.71
CA THR I 120 -16.30 -13.82 -3.03
C THR I 120 -15.58 -15.01 -3.65
N HIS I 121 -16.29 -16.08 -3.96
CA HIS I 121 -15.67 -17.21 -4.64
C HIS I 121 -15.25 -16.83 -6.05
N ASN I 122 -14.39 -17.65 -6.65
CA ASN I 122 -13.92 -17.43 -8.02
C ASN I 122 -14.18 -18.69 -8.84
N PRO I 123 -15.22 -18.70 -9.69
CA PRO I 123 -16.18 -17.62 -9.95
C PRO I 123 -17.19 -17.46 -8.83
N PRO I 124 -17.82 -16.29 -8.70
CA PRO I 124 -18.71 -16.06 -7.55
C PRO I 124 -20.11 -16.61 -7.78
N ILE I 125 -20.68 -17.14 -6.71
CA ILE I 125 -22.09 -17.52 -6.68
C ILE I 125 -22.83 -16.38 -6.01
N PRO I 126 -23.50 -15.51 -6.76
CA PRO I 126 -24.06 -14.26 -6.20
C PRO I 126 -25.39 -14.47 -5.47
N VAL I 127 -25.31 -15.06 -4.28
CA VAL I 127 -26.52 -15.35 -3.50
C VAL I 127 -27.21 -14.05 -3.09
N GLY I 128 -26.46 -12.95 -2.98
CA GLY I 128 -27.08 -11.68 -2.66
C GLY I 128 -27.90 -11.13 -3.81
N GLU I 129 -27.37 -11.22 -5.03
CA GLU I 129 -28.12 -10.76 -6.20
C GLU I 129 -29.27 -11.69 -6.53
N ILE I 130 -29.14 -12.98 -6.24
CA ILE I 130 -30.25 -13.91 -6.45
C ILE I 130 -31.37 -13.61 -5.46
N TYR I 131 -31.02 -13.40 -4.20
CA TYR I 131 -32.03 -13.07 -3.19
C TYR I 131 -32.69 -11.74 -3.49
N LYS I 132 -31.92 -10.75 -3.94
CA LYS I 132 -32.49 -9.45 -4.27
C LYS I 132 -33.50 -9.56 -5.40
N ARG I 133 -33.28 -10.50 -6.33
CA ARG I 133 -34.24 -10.70 -7.40
C ARG I 133 -35.57 -11.22 -6.87
N TRP I 134 -35.52 -12.09 -5.86
CA TRP I 134 -36.75 -12.60 -5.27
C TRP I 134 -37.48 -11.51 -4.50
N ILE I 135 -36.74 -10.65 -3.80
CA ILE I 135 -37.36 -9.56 -3.06
C ILE I 135 -38.03 -8.58 -4.01
N ILE I 136 -37.34 -8.22 -5.09
CA ILE I 136 -37.90 -7.28 -6.06
C ILE I 136 -39.13 -7.87 -6.75
N LEU I 137 -39.13 -9.19 -6.97
CA LEU I 137 -40.30 -9.82 -7.58
C LEU I 137 -41.52 -9.71 -6.66
N GLY I 138 -41.32 -9.87 -5.35
CA GLY I 138 -42.42 -9.73 -4.42
C GLY I 138 -42.81 -8.27 -4.18
N LEU I 139 -41.83 -7.37 -4.23
CA LEU I 139 -42.14 -5.94 -4.06
C LEU I 139 -42.91 -5.39 -5.25
N ASN I 140 -42.62 -5.88 -6.46
CA ASN I 140 -43.39 -5.47 -7.63
C ASN I 140 -44.85 -5.89 -7.48
N LYS I 141 -45.10 -7.07 -6.92
CA LYS I 141 -46.46 -7.49 -6.66
C LYS I 141 -47.13 -6.60 -5.62
N ILE I 142 -46.38 -6.17 -4.60
CA ILE I 142 -46.94 -5.25 -3.60
C ILE I 142 -47.34 -3.94 -4.24
N VAL I 143 -46.57 -3.48 -5.23
CA VAL I 143 -46.88 -2.22 -5.90
C VAL I 143 -48.18 -2.34 -6.70
N ARG I 144 -48.42 -3.50 -7.30
CA ARG I 144 -49.64 -3.67 -8.10
C ARG I 144 -50.88 -3.64 -7.22
N MET I 145 -50.86 -4.39 -6.11
CA MET I 145 -52.02 -4.41 -5.22
C MET I 145 -52.24 -3.06 -4.56
N TYR I 146 -51.20 -2.26 -4.42
CA TYR I 146 -51.31 -0.92 -3.86
C TYR I 146 -51.65 0.13 -4.91
N SER I 147 -51.70 -0.24 -6.18
CA SER I 147 -52.15 0.68 -7.21
C SER I 147 -53.64 0.93 -7.04
N PRO I 148 -54.08 2.16 -6.77
CA PRO I 148 -55.50 2.39 -6.49
C PRO I 148 -56.39 2.28 -7.71
N THR I 149 -55.89 2.64 -8.89
CA THR I 149 -56.70 2.65 -10.10
C THR I 149 -56.07 1.79 -11.18
N SER I 150 -56.91 1.27 -12.06
CA SER I 150 -56.46 0.56 -13.26
C SER I 150 -56.18 1.57 -14.37
N ILE I 151 -55.34 1.15 -15.32
CA ILE I 151 -55.01 2.03 -16.44
C ILE I 151 -56.22 2.23 -17.35
N LEU I 152 -57.13 1.27 -17.38
CA LEU I 152 -58.36 1.43 -18.17
C LEU I 152 -59.22 2.55 -17.63
N ASP I 153 -59.13 2.85 -16.33
CA ASP I 153 -59.95 3.84 -15.67
C ASP I 153 -59.32 5.22 -15.63
N ILE I 154 -58.18 5.40 -16.29
CA ILE I 154 -57.50 6.69 -16.35
C ILE I 154 -58.00 7.44 -17.58
N ARG I 155 -58.81 8.47 -17.37
CA ARG I 155 -59.42 9.22 -18.45
C ARG I 155 -59.22 10.71 -18.25
N GLN I 156 -58.89 11.41 -19.33
CA GLN I 156 -58.72 12.86 -19.27
C GLN I 156 -60.04 13.54 -18.98
N GLY I 157 -60.01 14.49 -18.06
CA GLY I 157 -61.19 15.27 -17.73
C GLY I 157 -61.56 16.21 -18.85
N PRO I 158 -62.78 16.77 -18.80
CA PRO I 158 -63.17 17.73 -19.84
C PRO I 158 -62.24 18.92 -19.96
N LYS I 159 -61.88 19.55 -18.85
CA LYS I 159 -60.99 20.71 -18.85
C LYS I 159 -59.62 20.39 -18.26
N GLU I 160 -59.27 19.13 -18.10
CA GLU I 160 -57.97 18.79 -17.55
C GLU I 160 -56.90 18.99 -18.62
N PRO I 161 -55.78 19.66 -18.31
CA PRO I 161 -54.72 19.80 -19.29
C PRO I 161 -54.17 18.44 -19.72
N PHE I 162 -53.68 18.38 -20.96
CA PHE I 162 -53.20 17.11 -21.49
C PHE I 162 -51.96 16.63 -20.74
N ARG I 163 -51.06 17.55 -20.37
CA ARG I 163 -49.87 17.15 -19.63
C ARG I 163 -50.24 16.52 -18.29
N ASP I 164 -51.28 17.04 -17.64
CA ASP I 164 -51.73 16.44 -16.38
C ASP I 164 -52.31 15.05 -16.60
N TYR I 165 -53.04 14.86 -17.71
CA TYR I 165 -53.60 13.55 -18.00
C TYR I 165 -52.53 12.53 -18.35
N VAL I 166 -51.53 12.95 -19.14
CA VAL I 166 -50.43 12.04 -19.49
C VAL I 166 -49.60 11.72 -18.27
N ASP I 167 -49.50 12.66 -17.31
CA ASP I 167 -48.79 12.38 -16.06
C ASP I 167 -49.47 11.26 -15.29
N ARG I 168 -50.79 11.36 -15.08
CA ARG I 168 -51.51 10.33 -14.35
C ARG I 168 -51.52 9.01 -15.10
N PHE I 169 -51.44 9.06 -16.43
CA PHE I 169 -51.50 7.83 -17.23
C PHE I 169 -50.27 6.97 -17.03
N TYR I 170 -49.08 7.53 -17.28
CA TYR I 170 -47.87 6.74 -17.14
C TYR I 170 -47.53 6.49 -15.67
N LYS I 171 -48.01 7.35 -14.77
CA LYS I 171 -47.87 7.07 -13.34
C LYS I 171 -48.60 5.78 -12.96
N THR I 172 -49.82 5.61 -13.47
CA THR I 172 -50.58 4.39 -13.20
C THR I 172 -50.00 3.20 -13.95
N LEU I 173 -49.55 3.42 -15.19
CA LEU I 173 -48.96 2.34 -15.98
C LEU I 173 -47.69 1.80 -15.34
N ARG I 174 -46.94 2.65 -14.65
CA ARG I 174 -45.69 2.23 -14.01
C ARG I 174 -45.97 1.30 -12.83
N ALA I 175 -47.08 1.49 -12.14
CA ALA I 175 -47.42 0.63 -11.02
C ALA I 175 -47.97 -0.72 -11.47
N GLU I 176 -48.64 -0.76 -12.62
CA GLU I 176 -49.22 -2.00 -13.10
C GLU I 176 -48.16 -2.94 -13.68
N GLN I 177 -47.21 -2.39 -14.43
CA GLN I 177 -46.15 -3.20 -15.02
C GLN I 177 -45.07 -3.51 -13.99
N ALA I 186 -49.31 -1.50 -26.33
CA ALA I 186 -50.66 -1.08 -26.64
C ALA I 186 -51.04 0.15 -25.82
N THR I 187 -50.08 0.66 -25.04
CA THR I 187 -50.35 1.80 -24.17
C THR I 187 -50.78 3.02 -24.96
N GLU I 188 -50.24 3.18 -26.18
CA GLU I 188 -50.55 4.37 -26.98
C GLU I 188 -51.98 4.34 -27.49
N THR I 189 -52.52 3.15 -27.78
CA THR I 189 -53.93 3.07 -28.16
C THR I 189 -54.83 3.46 -27.00
N LEU I 190 -54.46 3.06 -25.78
CA LEU I 190 -55.24 3.40 -24.59
C LEU I 190 -55.08 4.85 -24.20
N LEU I 191 -54.02 5.52 -24.66
CA LEU I 191 -53.81 6.92 -24.33
C LEU I 191 -54.74 7.83 -25.12
N VAL I 192 -54.84 7.61 -26.44
CA VAL I 192 -55.73 8.44 -27.25
C VAL I 192 -57.18 8.05 -27.03
N GLN I 193 -57.44 6.79 -26.70
CA GLN I 193 -58.81 6.34 -26.49
C GLN I 193 -59.42 6.97 -25.25
N ASN I 194 -58.62 7.17 -24.20
CA ASN I 194 -59.09 7.73 -22.95
C ASN I 194 -58.90 9.24 -22.85
N ALA I 195 -58.56 9.90 -23.96
CA ALA I 195 -58.48 11.35 -23.97
C ALA I 195 -59.85 11.97 -24.18
N ASN I 196 -59.99 13.24 -23.81
CA ASN I 196 -61.26 13.92 -23.99
C ASN I 196 -61.58 14.06 -25.47
N PRO I 197 -62.86 14.22 -25.82
CA PRO I 197 -63.23 14.23 -27.24
C PRO I 197 -62.50 15.28 -28.07
N ASP I 198 -62.15 16.42 -27.47
CA ASP I 198 -61.47 17.47 -28.23
C ASP I 198 -60.07 17.02 -28.66
N CYS I 199 -59.22 16.69 -27.67
CA CYS I 199 -57.85 16.30 -28.00
C CYS I 199 -57.79 14.95 -28.69
N LYS I 200 -58.76 14.07 -28.41
CA LYS I 200 -58.75 12.74 -29.03
C LYS I 200 -58.85 12.84 -30.55
N THR I 201 -59.68 13.75 -31.04
CA THR I 201 -59.81 13.91 -32.49
C THR I 201 -58.54 14.52 -33.09
N ILE I 202 -57.92 15.47 -32.39
CA ILE I 202 -56.70 16.07 -32.88
C ILE I 202 -55.58 15.03 -32.98
N LEU I 203 -55.45 14.21 -31.94
CA LEU I 203 -54.44 13.15 -31.98
C LEU I 203 -54.76 12.12 -33.05
N LYS I 204 -56.05 11.85 -33.27
CA LYS I 204 -56.45 10.89 -34.30
C LYS I 204 -56.01 11.36 -35.69
N ALA I 205 -56.03 12.66 -35.92
CA ALA I 205 -55.62 13.23 -37.20
C ALA I 205 -54.15 13.61 -37.24
N LEU I 206 -53.42 13.45 -36.13
CA LEU I 206 -52.01 13.80 -36.11
C LEU I 206 -51.18 12.87 -36.99
N GLY I 207 -51.66 11.65 -37.22
CA GLY I 207 -50.92 10.67 -37.97
C GLY I 207 -50.31 9.62 -37.05
N PRO I 208 -50.85 8.40 -37.11
CA PRO I 208 -50.35 7.33 -36.23
C PRO I 208 -48.85 7.13 -36.39
N GLY I 209 -48.19 6.94 -35.25
CA GLY I 209 -46.74 6.90 -35.21
C GLY I 209 -46.09 8.18 -34.75
N ALA I 210 -46.83 9.06 -34.07
CA ALA I 210 -46.31 10.33 -33.62
C ALA I 210 -45.64 10.20 -32.26
N THR I 211 -44.65 11.04 -32.03
CA THR I 211 -43.97 11.06 -30.74
C THR I 211 -44.86 11.69 -29.68
N LEU I 212 -44.58 11.36 -28.41
CA LEU I 212 -45.33 11.94 -27.32
C LEU I 212 -45.20 13.46 -27.30
N GLU I 213 -44.02 13.97 -27.66
CA GLU I 213 -43.82 15.42 -27.74
C GLU I 213 -44.76 16.05 -28.75
N GLU I 214 -44.97 15.40 -29.89
CA GLU I 214 -45.89 15.92 -30.89
C GLU I 214 -47.33 15.85 -30.40
N MET I 215 -47.68 14.80 -29.66
CA MET I 215 -49.03 14.68 -29.14
C MET I 215 -49.31 15.66 -28.01
N MET I 216 -48.28 16.17 -27.35
CA MET I 216 -48.47 17.15 -26.29
C MET I 216 -48.41 18.57 -26.82
N THR I 217 -47.57 18.85 -27.83
CA THR I 217 -47.56 20.17 -28.44
C THR I 217 -48.83 20.44 -29.21
N ALA I 218 -49.53 19.39 -29.65
CA ALA I 218 -50.75 19.59 -30.42
C ALA I 218 -51.94 19.89 -29.52
N CYS I 219 -51.99 19.26 -28.34
CA CYS I 219 -53.05 19.50 -27.36
C CYS I 219 -52.60 20.42 -26.23
N GLN I 220 -51.69 21.35 -26.52
CA GLN I 220 -51.17 22.28 -25.53
C GLN I 220 -52.26 23.16 -24.97
N PRO J 2 -20.90 3.97 -9.65
CA PRO J 2 -20.01 4.63 -10.61
C PRO J 2 -18.60 4.05 -10.61
N ILE J 3 -17.82 4.42 -11.62
CA ILE J 3 -16.44 3.95 -11.76
C ILE J 3 -15.52 5.06 -11.26
N VAL J 4 -14.77 4.77 -10.19
CA VAL J 4 -13.83 5.71 -9.60
C VAL J 4 -12.43 5.10 -9.63
N GLN J 5 -11.46 5.91 -9.24
CA GLN J 5 -10.06 5.50 -9.26
C GLN J 5 -9.69 4.88 -7.92
N ASN J 6 -9.08 3.70 -7.97
CA ASN J 6 -8.62 3.01 -6.79
C ASN J 6 -7.22 3.48 -6.42
N LEU J 7 -6.79 3.09 -5.22
CA LEU J 7 -5.44 3.44 -4.76
C LEU J 7 -4.37 2.62 -5.45
N GLN J 8 -4.76 1.63 -6.26
CA GLN J 8 -3.86 0.96 -7.18
C GLN J 8 -3.95 1.51 -8.59
N GLY J 9 -4.39 2.76 -8.74
CA GLY J 9 -4.48 3.40 -10.03
C GLY J 9 -5.45 2.76 -11.00
N GLN J 10 -6.24 1.80 -10.52
CA GLN J 10 -7.15 1.04 -11.36
C GLN J 10 -8.58 1.56 -11.21
N MET J 11 -9.26 1.69 -12.34
CA MET J 11 -10.65 2.12 -12.31
C MET J 11 -11.54 0.97 -11.82
N VAL J 12 -12.17 1.16 -10.67
CA VAL J 12 -12.96 0.13 -10.01
C VAL J 12 -14.39 0.63 -9.82
N HIS J 13 -15.29 -0.31 -9.62
CA HIS J 13 -16.70 0.00 -9.44
C HIS J 13 -17.01 0.27 -7.98
N GLN J 14 -17.89 1.24 -7.74
CA GLN J 14 -18.34 1.63 -6.42
C GLN J 14 -19.84 1.78 -6.44
N CYS J 15 -20.51 1.37 -5.37
CA CYS J 15 -21.95 1.53 -5.28
C CYS J 15 -22.33 3.00 -5.25
N ILE J 16 -23.47 3.32 -5.87
CA ILE J 16 -23.97 4.69 -5.82
C ILE J 16 -24.32 5.04 -4.38
N SER J 17 -23.87 6.21 -3.93
CA SER J 17 -24.01 6.54 -2.52
C SER J 17 -25.43 6.97 -2.19
N PRO J 18 -25.89 6.68 -0.97
CA PRO J 18 -27.24 7.14 -0.57
C PRO J 18 -27.40 8.64 -0.61
N ARG J 19 -26.32 9.40 -0.37
CA ARG J 19 -26.43 10.86 -0.40
C ARG J 19 -26.60 11.37 -1.82
N THR J 20 -25.99 10.70 -2.80
CA THR J 20 -26.17 11.10 -4.20
C THR J 20 -27.61 10.82 -4.66
N LEU J 21 -28.14 9.66 -4.31
CA LEU J 21 -29.53 9.33 -4.65
C LEU J 21 -30.48 10.33 -4.03
N ASN J 22 -30.34 10.59 -2.73
CA ASN J 22 -31.21 11.55 -2.06
C ASN J 22 -31.06 12.94 -2.66
N ALA J 23 -29.83 13.32 -3.02
CA ALA J 23 -29.61 14.64 -3.61
C ALA J 23 -30.34 14.80 -4.93
N TRP J 24 -30.31 13.77 -5.78
CA TRP J 24 -30.98 13.86 -7.08
C TRP J 24 -32.49 13.86 -6.92
N VAL J 25 -33.01 13.05 -5.99
CA VAL J 25 -34.46 13.00 -5.78
C VAL J 25 -34.98 14.34 -5.30
N LYS J 26 -34.27 14.96 -4.36
CA LYS J 26 -34.75 16.23 -3.79
C LYS J 26 -34.66 17.38 -4.78
N VAL J 27 -33.64 17.37 -5.65
CA VAL J 27 -33.51 18.44 -6.65
C VAL J 27 -34.73 18.47 -7.56
N VAL J 28 -35.22 17.30 -7.98
CA VAL J 28 -36.41 17.25 -8.81
C VAL J 28 -37.64 17.66 -8.01
N GLU J 29 -37.72 17.25 -6.75
CA GLU J 29 -38.88 17.55 -5.92
C GLU J 29 -39.00 19.04 -5.61
N GLU J 30 -37.92 19.80 -5.74
CA GLU J 30 -37.90 21.20 -5.35
C GLU J 30 -37.69 22.16 -6.50
N LYS J 31 -36.96 21.75 -7.54
CA LYS J 31 -36.74 22.59 -8.72
C LYS J 31 -37.54 22.16 -9.94
N ALA J 32 -38.19 20.99 -9.90
CA ALA J 32 -38.93 20.43 -11.03
C ALA J 32 -37.98 20.31 -12.21
N PHE J 33 -38.20 21.02 -13.32
CA PHE J 33 -37.32 20.96 -14.47
C PHE J 33 -36.86 22.36 -14.87
N SER J 34 -36.50 23.17 -13.88
CA SER J 34 -35.85 24.45 -14.15
C SER J 34 -34.46 24.19 -14.75
N PRO J 35 -33.91 25.15 -15.49
CA PRO J 35 -32.68 24.87 -16.25
C PRO J 35 -31.50 24.44 -15.38
N GLU J 36 -31.43 24.86 -14.12
CA GLU J 36 -30.31 24.45 -13.28
C GLU J 36 -30.37 22.99 -12.86
N VAL J 37 -31.44 22.27 -13.23
CA VAL J 37 -31.50 20.85 -12.95
C VAL J 37 -30.52 20.07 -13.82
N ILE J 38 -30.32 20.53 -15.06
CA ILE J 38 -29.44 19.85 -16.02
C ILE J 38 -28.02 19.77 -15.49
N PRO J 39 -27.36 20.88 -15.12
CA PRO J 39 -25.98 20.75 -14.63
C PRO J 39 -25.88 20.01 -13.31
N MET J 40 -26.94 20.01 -12.50
CA MET J 40 -26.90 19.27 -11.25
C MET J 40 -26.98 17.77 -11.49
N PHE J 41 -27.76 17.35 -12.50
CA PHE J 41 -27.81 15.93 -12.84
C PHE J 41 -26.48 15.44 -13.38
N SER J 42 -25.85 16.24 -14.26
CA SER J 42 -24.58 15.85 -14.82
C SER J 42 -23.50 15.71 -13.75
N ALA J 43 -23.55 16.58 -12.73
CA ALA J 43 -22.53 16.53 -11.68
C ALA J 43 -22.78 15.37 -10.73
N LEU J 44 -24.05 15.11 -10.39
CA LEU J 44 -24.38 14.01 -9.49
C LEU J 44 -24.18 12.64 -10.13
N SER J 45 -24.11 12.57 -11.46
CA SER J 45 -23.89 11.34 -12.19
C SER J 45 -22.47 11.25 -12.73
N CYS J 46 -21.53 11.94 -12.08
CA CYS J 46 -20.13 11.91 -12.52
C CYS J 46 -19.57 10.51 -12.36
N GLY J 47 -19.05 9.96 -13.45
CA GLY J 47 -18.52 8.61 -13.46
C GLY J 47 -19.55 7.51 -13.45
N ALA J 48 -20.82 7.84 -13.68
CA ALA J 48 -21.88 6.85 -13.54
C ALA J 48 -21.90 5.87 -14.71
N THR J 49 -22.22 4.63 -14.41
CA THR J 49 -22.46 3.62 -15.43
C THR J 49 -23.88 3.80 -15.99
N PRO J 50 -24.18 3.17 -17.12
CA PRO J 50 -25.58 3.18 -17.60
C PRO J 50 -26.56 2.67 -16.56
N GLN J 51 -26.17 1.67 -15.76
CA GLN J 51 -27.04 1.19 -14.69
C GLN J 51 -27.32 2.29 -13.68
N ASP J 52 -26.30 3.07 -13.32
CA ASP J 52 -26.49 4.15 -12.37
C ASP J 52 -27.40 5.24 -12.93
N LEU J 53 -27.25 5.54 -14.21
CA LEU J 53 -28.11 6.56 -14.84
C LEU J 53 -29.57 6.12 -14.85
N ASN J 54 -29.82 4.83 -15.11
CA ASN J 54 -31.19 4.33 -15.06
C ASN J 54 -31.74 4.38 -13.64
N THR J 55 -30.89 4.06 -12.65
CA THR J 55 -31.32 4.15 -11.25
C THR J 55 -31.73 5.57 -10.89
N MET J 56 -30.95 6.57 -11.34
CA MET J 56 -31.28 7.95 -11.04
C MET J 56 -32.60 8.36 -11.69
N LEU J 57 -32.79 7.98 -12.96
CA LEU J 57 -34.03 8.35 -13.64
C LEU J 57 -35.24 7.63 -13.06
N ASN J 58 -35.03 6.41 -12.54
CA ASN J 58 -36.13 5.64 -11.98
C ASN J 58 -36.57 6.12 -10.60
N THR J 59 -35.71 6.85 -9.88
CA THR J 59 -36.11 7.34 -8.57
C THR J 59 -37.02 8.56 -8.64
N VAL J 60 -37.32 9.05 -9.84
CA VAL J 60 -38.27 10.15 -10.00
C VAL J 60 -39.68 9.56 -9.96
N GLY J 61 -40.50 10.06 -9.05
CA GLY J 61 -41.85 9.55 -8.86
C GLY J 61 -42.85 10.02 -9.89
N GLY J 62 -43.13 11.31 -9.89
CA GLY J 62 -44.04 11.91 -10.85
C GLY J 62 -43.33 12.39 -12.09
N HIS J 63 -43.94 13.37 -12.76
CA HIS J 63 -43.41 13.93 -14.01
C HIS J 63 -43.23 12.84 -15.06
N GLN J 64 -44.04 11.78 -14.98
CA GLN J 64 -43.88 10.63 -15.87
C GLN J 64 -44.16 10.99 -17.32
N ALA J 65 -44.94 12.03 -17.58
CA ALA J 65 -45.09 12.50 -18.96
C ALA J 65 -43.76 13.00 -19.50
N ALA J 66 -43.04 13.79 -18.71
CA ALA J 66 -41.71 14.25 -19.12
C ALA J 66 -40.73 13.08 -19.19
N MET J 67 -40.88 12.11 -18.29
CA MET J 67 -39.98 10.95 -18.29
C MET J 67 -40.20 10.08 -19.51
N GLN J 68 -41.45 9.92 -19.94
CA GLN J 68 -41.73 9.16 -21.16
C GLN J 68 -41.14 9.85 -22.38
N MET J 69 -41.15 11.18 -22.40
CA MET J 69 -40.46 11.92 -23.46
C MET J 69 -38.97 11.63 -23.41
N LEU J 70 -38.40 11.53 -22.22
CA LEU J 70 -36.99 11.20 -22.08
C LEU J 70 -36.69 9.80 -22.59
N LYS J 71 -37.63 8.86 -22.40
CA LYS J 71 -37.46 7.52 -22.94
C LYS J 71 -37.40 7.55 -24.46
N GLU J 72 -38.35 8.27 -25.09
CA GLU J 72 -38.42 8.28 -26.54
C GLU J 72 -37.21 8.98 -27.16
N THR J 73 -36.67 9.99 -26.48
CA THR J 73 -35.45 10.62 -26.98
C THR J 73 -34.26 9.68 -26.88
N ILE J 74 -34.21 8.87 -25.83
CA ILE J 74 -33.15 7.87 -25.70
C ILE J 74 -33.29 6.82 -26.79
N ASN J 75 -34.53 6.47 -27.15
CA ASN J 75 -34.74 5.48 -28.21
C ASN J 75 -34.25 6.00 -29.56
N GLU J 76 -34.47 7.30 -29.84
CA GLU J 76 -34.01 7.88 -31.10
C GLU J 76 -32.49 7.88 -31.18
N GLU J 77 -31.83 8.29 -30.09
CA GLU J 77 -30.36 8.34 -30.09
C GLU J 77 -29.76 6.94 -30.15
N ALA J 78 -30.44 5.94 -29.59
CA ALA J 78 -29.95 4.57 -29.70
C ALA J 78 -30.05 4.06 -31.14
N ALA J 79 -31.16 4.38 -31.82
CA ALA J 79 -31.30 3.97 -33.21
C ALA J 79 -30.27 4.67 -34.10
N GLU J 80 -29.97 5.93 -33.80
CA GLU J 80 -28.94 6.64 -34.56
C GLU J 80 -27.57 6.02 -34.33
N TRP J 81 -27.28 5.59 -33.10
CA TRP J 81 -26.01 4.96 -32.80
C TRP J 81 -25.84 3.66 -33.58
N ASP J 82 -26.94 2.93 -33.80
CA ASP J 82 -26.84 1.67 -34.54
C ASP J 82 -26.49 1.89 -36.01
N ARG J 83 -26.92 3.02 -36.57
CA ARG J 83 -26.53 3.35 -37.94
C ARG J 83 -25.03 3.63 -38.03
N LEU J 84 -24.54 4.58 -37.22
CA LEU J 84 -23.17 5.03 -37.36
C LEU J 84 -22.16 3.95 -36.97
N HIS J 85 -22.55 3.04 -36.07
CA HIS J 85 -21.65 2.00 -35.55
C HIS J 85 -22.37 0.67 -35.58
N PRO J 86 -22.41 0.01 -36.74
CA PRO J 86 -23.02 -1.33 -36.81
C PRO J 86 -22.19 -2.35 -36.06
N VAL J 87 -22.87 -3.26 -35.37
CA VAL J 87 -22.20 -4.30 -34.60
C VAL J 87 -21.68 -5.36 -35.56
N HIS J 88 -20.36 -5.42 -35.73
CA HIS J 88 -19.75 -6.41 -36.60
C HIS J 88 -19.95 -7.80 -36.01
N ALA J 89 -20.68 -8.65 -36.73
CA ALA J 89 -20.97 -10.00 -36.24
C ALA J 89 -19.71 -10.86 -36.27
N GLY J 90 -19.69 -11.85 -35.39
CA GLY J 90 -18.57 -12.76 -35.30
C GLY J 90 -18.10 -12.95 -33.88
N PRO J 91 -17.12 -13.84 -33.68
CA PRO J 91 -16.58 -14.07 -32.34
C PRO J 91 -15.73 -12.89 -31.87
N ILE J 92 -15.60 -12.79 -30.55
CA ILE J 92 -14.87 -11.71 -29.90
C ILE J 92 -13.46 -12.21 -29.60
N ALA J 93 -12.45 -11.42 -29.98
CA ALA J 93 -11.08 -11.79 -29.72
C ALA J 93 -10.84 -11.90 -28.21
N PRO J 94 -9.99 -12.85 -27.78
CA PRO J 94 -9.75 -13.01 -26.34
C PRO J 94 -9.14 -11.75 -25.73
N GLY J 95 -9.66 -11.36 -24.57
CA GLY J 95 -9.24 -10.16 -23.90
C GLY J 95 -9.96 -8.90 -24.32
N GLN J 96 -10.71 -8.94 -25.41
CA GLN J 96 -11.42 -7.78 -25.93
C GLN J 96 -12.90 -7.87 -25.58
N MET J 97 -13.60 -6.75 -25.79
CA MET J 97 -15.03 -6.64 -25.52
C MET J 97 -15.82 -6.61 -26.82
N ARG J 98 -17.04 -7.12 -26.75
CA ARG J 98 -17.95 -7.04 -27.89
C ARG J 98 -18.34 -5.57 -28.12
N GLU J 99 -18.69 -5.26 -29.37
CA GLU J 99 -19.06 -3.90 -29.70
C GLU J 99 -20.43 -3.57 -29.12
N PRO J 100 -20.60 -2.41 -28.47
CA PRO J 100 -21.87 -2.10 -27.82
C PRO J 100 -22.89 -1.56 -28.81
N ARG J 101 -24.13 -2.01 -28.65
CA ARG J 101 -25.25 -1.49 -29.43
C ARG J 101 -25.89 -0.32 -28.68
N GLY J 102 -26.82 0.35 -29.34
CA GLY J 102 -27.53 1.44 -28.69
C GLY J 102 -28.28 0.99 -27.45
N SER J 103 -28.86 -0.21 -27.50
CA SER J 103 -29.53 -0.76 -26.33
C SER J 103 -28.54 -1.11 -25.23
N ASP J 104 -27.29 -1.45 -25.59
CA ASP J 104 -26.27 -1.69 -24.57
C ASP J 104 -25.89 -0.42 -23.85
N ILE J 105 -25.80 0.70 -24.58
CA ILE J 105 -25.45 1.97 -23.96
C ILE J 105 -26.57 2.46 -23.05
N ALA J 106 -27.83 2.28 -23.47
CA ALA J 106 -28.97 2.65 -22.64
C ALA J 106 -29.14 1.75 -21.44
N GLY J 107 -28.38 0.65 -21.34
CA GLY J 107 -28.45 -0.21 -20.19
C GLY J 107 -29.61 -1.16 -20.15
N THR J 108 -30.23 -1.46 -21.30
CA THR J 108 -31.39 -2.35 -21.33
C THR J 108 -31.05 -3.74 -21.82
N THR J 109 -29.88 -3.96 -22.42
CA THR J 109 -29.46 -5.28 -22.87
C THR J 109 -28.04 -5.62 -22.44
N SER J 110 -27.40 -4.77 -21.64
CA SER J 110 -26.03 -5.01 -21.19
C SER J 110 -26.01 -5.19 -19.69
N THR J 111 -25.15 -6.11 -19.23
CA THR J 111 -24.99 -6.33 -17.80
C THR J 111 -24.06 -5.26 -17.21
N LEU J 112 -24.01 -5.23 -15.87
CA LEU J 112 -23.11 -4.30 -15.20
C LEU J 112 -21.65 -4.63 -15.49
N GLN J 113 -21.32 -5.93 -15.52
CA GLN J 113 -19.94 -6.32 -15.80
C GLN J 113 -19.53 -5.96 -17.22
N GLU J 114 -20.46 -6.00 -18.17
CA GLU J 114 -20.14 -5.56 -19.53
C GLU J 114 -19.90 -4.05 -19.56
N GLN J 115 -20.72 -3.29 -18.84
CA GLN J 115 -20.53 -1.84 -18.77
C GLN J 115 -19.20 -1.49 -18.13
N ILE J 116 -18.82 -2.20 -17.06
CA ILE J 116 -17.53 -1.97 -16.43
C ILE J 116 -16.40 -2.34 -17.38
N GLY J 117 -16.60 -3.40 -18.17
CA GLY J 117 -15.58 -3.80 -19.13
C GLY J 117 -15.32 -2.75 -20.19
N TRP J 118 -16.39 -2.11 -20.68
CA TRP J 118 -16.22 -1.06 -21.69
C TRP J 118 -15.55 0.16 -21.09
N MET J 119 -16.00 0.59 -19.91
CA MET J 119 -15.54 1.86 -19.35
C MET J 119 -14.10 1.76 -18.83
N THR J 120 -13.65 0.57 -18.46
CA THR J 120 -12.29 0.40 -17.95
C THR J 120 -11.35 -0.25 -18.97
N HIS J 121 -11.82 -0.50 -20.19
CA HIS J 121 -10.95 -1.00 -21.24
C HIS J 121 -9.92 0.06 -21.62
N ASN J 122 -8.88 -0.38 -22.32
CA ASN J 122 -7.85 0.54 -22.83
C ASN J 122 -7.70 0.34 -24.32
N PRO J 123 -8.16 1.28 -25.16
CA PRO J 123 -8.82 2.55 -24.80
C PRO J 123 -10.24 2.34 -24.31
N PRO J 124 -10.73 3.24 -23.45
CA PRO J 124 -12.07 3.07 -22.89
C PRO J 124 -13.16 3.45 -23.89
N ILE J 125 -14.21 2.63 -23.91
CA ILE J 125 -15.46 2.96 -24.59
C ILE J 125 -16.41 3.52 -23.54
N PRO J 126 -16.62 4.84 -23.51
CA PRO J 126 -17.38 5.46 -22.40
C PRO J 126 -18.89 5.40 -22.59
N VAL J 127 -19.46 4.22 -22.35
CA VAL J 127 -20.90 4.04 -22.48
C VAL J 127 -21.65 4.88 -21.47
N GLY J 128 -21.02 5.19 -20.33
CA GLY J 128 -21.68 6.04 -19.35
C GLY J 128 -21.79 7.48 -19.79
N GLU J 129 -20.78 7.98 -20.49
CA GLU J 129 -20.82 9.36 -20.96
C GLU J 129 -21.62 9.49 -22.26
N ILE J 130 -21.62 8.46 -23.10
CA ILE J 130 -22.45 8.48 -24.30
C ILE J 130 -23.93 8.44 -23.92
N TYR J 131 -24.28 7.62 -22.93
CA TYR J 131 -25.65 7.58 -22.45
C TYR J 131 -26.05 8.90 -21.80
N LYS J 132 -25.17 9.45 -20.97
CA LYS J 132 -25.48 10.71 -20.29
C LYS J 132 -25.71 11.84 -21.29
N ARG J 133 -24.98 11.82 -22.42
CA ARG J 133 -25.21 12.82 -23.46
C ARG J 133 -26.62 12.70 -24.03
N TRP J 134 -27.12 11.47 -24.18
CA TRP J 134 -28.48 11.27 -24.67
C TRP J 134 -29.51 11.76 -23.66
N ILE J 135 -29.26 11.52 -22.37
CA ILE J 135 -30.21 11.92 -21.33
C ILE J 135 -30.31 13.44 -21.27
N ILE J 136 -29.17 14.13 -21.38
CA ILE J 136 -29.18 15.59 -21.33
C ILE J 136 -29.90 16.16 -22.55
N LEU J 137 -29.81 15.50 -23.70
CA LEU J 137 -30.55 15.96 -24.87
C LEU J 137 -32.05 15.92 -24.64
N GLY J 138 -32.55 14.81 -24.08
CA GLY J 138 -33.98 14.71 -23.81
C GLY J 138 -34.42 15.65 -22.71
N LEU J 139 -33.63 15.77 -21.64
CA LEU J 139 -33.99 16.64 -20.54
C LEU J 139 -34.00 18.11 -20.94
N ASN J 140 -33.15 18.50 -21.89
CA ASN J 140 -33.19 19.88 -22.40
C ASN J 140 -34.50 20.15 -23.13
N LYS J 141 -34.99 19.17 -23.89
CA LYS J 141 -36.29 19.30 -24.54
C LYS J 141 -37.39 19.46 -23.51
N ILE J 142 -37.27 18.79 -22.36
CA ILE J 142 -38.26 18.90 -21.31
C ILE J 142 -38.26 20.32 -20.73
N VAL J 143 -37.08 20.91 -20.58
CA VAL J 143 -37.00 22.27 -20.03
C VAL J 143 -37.64 23.27 -20.98
N ARG J 144 -37.53 23.04 -22.29
CA ARG J 144 -38.09 23.99 -23.25
C ARG J 144 -39.60 23.88 -23.39
N MET J 145 -40.19 22.74 -23.01
CA MET J 145 -41.64 22.64 -22.96
C MET J 145 -42.20 23.14 -21.63
N TYR J 146 -41.51 22.85 -20.52
CA TYR J 146 -41.90 23.36 -19.22
C TYR J 146 -41.68 24.85 -19.07
N SER J 147 -41.00 25.49 -20.01
CA SER J 147 -40.79 26.93 -19.97
C SER J 147 -42.13 27.65 -20.06
N PRO J 148 -42.54 28.39 -19.03
CA PRO J 148 -43.90 28.96 -19.02
C PRO J 148 -44.05 30.18 -19.92
N THR J 149 -43.04 31.04 -19.98
CA THR J 149 -43.14 32.32 -20.66
C THR J 149 -42.06 32.42 -21.73
N SER J 150 -42.42 33.03 -22.86
CA SER J 150 -41.47 33.31 -23.92
C SER J 150 -40.66 34.56 -23.58
N ILE J 151 -39.47 34.65 -24.18
CA ILE J 151 -38.56 35.77 -23.91
C ILE J 151 -39.17 37.09 -24.36
N LEU J 152 -40.02 37.06 -25.40
CA LEU J 152 -40.63 38.29 -25.91
C LEU J 152 -41.67 38.88 -24.97
N ASP J 153 -42.09 38.15 -23.95
CA ASP J 153 -43.13 38.60 -23.03
C ASP J 153 -42.57 39.16 -21.74
N ILE J 154 -41.26 39.38 -21.66
CA ILE J 154 -40.63 39.95 -20.47
C ILE J 154 -40.45 41.45 -20.72
N ARG J 155 -41.10 42.26 -19.89
CA ARG J 155 -41.07 43.71 -20.04
C ARG J 155 -41.01 44.35 -18.67
N GLN J 156 -40.08 45.30 -18.50
CA GLN J 156 -39.92 45.97 -17.21
C GLN J 156 -41.15 46.78 -16.86
N GLY J 157 -41.63 46.64 -15.64
CA GLY J 157 -42.76 47.40 -15.16
C GLY J 157 -42.38 48.85 -14.90
N PRO J 158 -43.38 49.72 -14.78
CA PRO J 158 -43.08 51.16 -14.58
C PRO J 158 -42.33 51.44 -13.30
N LYS J 159 -42.54 50.63 -12.25
CA LYS J 159 -41.87 50.84 -10.98
C LYS J 159 -40.90 49.70 -10.62
N GLU J 160 -40.75 48.72 -11.50
CA GLU J 160 -39.90 47.57 -11.18
C GLU J 160 -38.43 47.96 -11.28
N PRO J 161 -37.62 47.63 -10.27
CA PRO J 161 -36.19 47.92 -10.36
C PRO J 161 -35.56 47.18 -11.54
N PHE J 162 -34.60 47.85 -12.18
CA PHE J 162 -33.96 47.28 -13.36
C PHE J 162 -33.28 45.96 -13.03
N ARG J 163 -32.68 45.85 -11.84
CA ARG J 163 -32.05 44.61 -11.42
C ARG J 163 -33.03 43.44 -11.48
N ASP J 164 -34.25 43.63 -10.96
CA ASP J 164 -35.24 42.56 -10.99
C ASP J 164 -35.72 42.27 -12.41
N TYR J 165 -35.76 43.29 -13.28
CA TYR J 165 -36.15 43.07 -14.67
C TYR J 165 -35.14 42.18 -15.39
N VAL J 166 -33.84 42.48 -15.23
CA VAL J 166 -32.81 41.68 -15.86
C VAL J 166 -32.80 40.27 -15.28
N ASP J 167 -33.20 40.12 -14.02
CA ASP J 167 -33.34 38.78 -13.43
C ASP J 167 -34.36 37.95 -14.20
N ARG J 168 -35.54 38.53 -14.44
CA ARG J 168 -36.57 37.81 -15.17
C ARG J 168 -36.18 37.56 -16.62
N PHE J 169 -35.39 38.46 -17.20
CA PHE J 169 -35.02 38.36 -18.61
C PHE J 169 -34.13 37.15 -18.86
N TYR J 170 -33.00 37.07 -18.16
CA TYR J 170 -32.06 35.98 -18.42
C TYR J 170 -32.51 34.66 -17.81
N LYS J 171 -33.35 34.71 -16.77
CA LYS J 171 -33.95 33.49 -16.26
C LYS J 171 -34.79 32.81 -17.33
N THR J 172 -35.61 33.59 -18.03
CA THR J 172 -36.40 33.05 -19.14
C THR J 172 -35.50 32.63 -20.30
N LEU J 173 -34.42 33.37 -20.53
CA LEU J 173 -33.54 33.07 -21.65
C LEU J 173 -32.81 31.74 -21.48
N ARG J 174 -32.47 31.37 -20.24
CA ARG J 174 -31.81 30.10 -20.00
C ARG J 174 -32.74 28.92 -20.27
N ALA J 175 -34.05 29.10 -20.04
CA ALA J 175 -34.98 28.00 -20.27
C ALA J 175 -35.23 27.77 -21.75
N GLU J 176 -35.26 28.84 -22.55
CA GLU J 176 -35.55 28.71 -23.97
C GLU J 176 -34.35 28.19 -24.76
N GLN J 177 -33.14 28.50 -24.31
CA GLN J 177 -31.94 27.93 -24.93
C GLN J 177 -31.42 26.75 -24.13
N ASN J 184 -24.43 37.80 -27.20
CA ASN J 184 -25.33 37.92 -28.33
C ASN J 184 -25.92 39.33 -28.40
N ALA J 185 -25.62 40.04 -29.47
CA ALA J 185 -26.08 41.43 -29.61
C ALA J 185 -27.61 41.48 -29.66
N ALA J 186 -28.25 40.51 -30.32
CA ALA J 186 -29.69 40.54 -30.49
C ALA J 186 -30.42 40.50 -29.15
N THR J 187 -29.95 39.66 -28.22
CA THR J 187 -30.59 39.59 -26.91
C THR J 187 -30.43 40.89 -26.14
N GLU J 188 -29.35 41.64 -26.40
CA GLU J 188 -29.20 42.93 -25.75
C GLU J 188 -30.24 43.94 -26.23
N THR J 189 -30.55 43.93 -27.53
CA THR J 189 -31.55 44.85 -28.06
C THR J 189 -32.90 44.61 -27.42
N LEU J 190 -33.28 43.35 -27.25
CA LEU J 190 -34.57 43.04 -26.63
C LEU J 190 -34.60 43.44 -25.16
N LEU J 191 -33.44 43.40 -24.50
CA LEU J 191 -33.37 43.82 -23.10
C LEU J 191 -33.64 45.31 -22.96
N VAL J 192 -33.02 46.12 -23.81
CA VAL J 192 -33.21 47.57 -23.73
C VAL J 192 -34.60 47.94 -24.23
N GLN J 193 -35.06 47.32 -25.31
CA GLN J 193 -36.35 47.67 -25.89
C GLN J 193 -37.49 47.41 -24.92
N ASN J 194 -37.49 46.26 -24.28
CA ASN J 194 -38.57 45.87 -23.38
C ASN J 194 -38.44 46.48 -21.99
N ALA J 195 -37.46 47.37 -21.78
CA ALA J 195 -37.39 48.14 -20.55
C ALA J 195 -38.33 49.34 -20.65
N ASN J 196 -38.59 49.96 -19.49
CA ASN J 196 -39.52 51.07 -19.48
C ASN J 196 -38.87 52.31 -20.12
N PRO J 197 -39.68 53.20 -20.69
CA PRO J 197 -39.11 54.37 -21.38
C PRO J 197 -38.27 55.26 -20.48
N ASP J 198 -38.56 55.30 -19.17
CA ASP J 198 -37.68 55.98 -18.23
C ASP J 198 -36.24 55.52 -18.39
N CYS J 199 -36.03 54.20 -18.24
CA CYS J 199 -34.69 53.66 -18.26
C CYS J 199 -34.12 53.67 -19.67
N LYS J 200 -34.97 53.49 -20.67
CA LYS J 200 -34.48 53.42 -22.05
C LYS J 200 -33.72 54.68 -22.44
N THR J 201 -34.15 55.83 -21.91
CA THR J 201 -33.46 57.08 -22.21
C THR J 201 -32.07 57.12 -21.58
N ILE J 202 -31.96 56.69 -20.32
CA ILE J 202 -30.66 56.65 -19.66
C ILE J 202 -29.73 55.67 -20.37
N LEU J 203 -30.28 54.64 -21.00
CA LEU J 203 -29.46 53.64 -21.67
C LEU J 203 -29.05 54.10 -23.07
N LYS J 204 -30.01 54.66 -23.83
CA LYS J 204 -29.70 55.12 -25.18
C LYS J 204 -28.69 56.26 -25.18
N ALA J 205 -28.50 56.94 -24.05
CA ALA J 205 -27.52 58.01 -23.94
C ALA J 205 -26.21 57.56 -23.31
N LEU J 206 -26.14 56.32 -22.81
CA LEU J 206 -24.89 55.84 -22.21
C LEU J 206 -23.79 55.68 -23.26
N GLY J 207 -24.16 55.27 -24.47
CA GLY J 207 -23.19 55.02 -25.51
C GLY J 207 -23.15 53.57 -25.92
N PRO J 208 -22.75 53.31 -27.16
CA PRO J 208 -22.69 51.92 -27.64
C PRO J 208 -21.65 51.11 -26.89
N GLY J 209 -21.87 49.80 -26.83
CA GLY J 209 -20.95 48.91 -26.16
C GLY J 209 -20.96 49.02 -24.64
N ALA J 210 -22.11 49.37 -24.07
CA ALA J 210 -22.23 49.46 -22.61
C ALA J 210 -22.39 48.07 -22.02
N THR J 211 -21.55 47.74 -21.06
CA THR J 211 -21.65 46.45 -20.38
C THR J 211 -22.94 46.37 -19.57
N LEU J 212 -23.31 45.15 -19.20
CA LEU J 212 -24.49 44.97 -18.36
C LEU J 212 -24.31 45.63 -17.00
N GLU J 213 -23.07 45.67 -16.50
CA GLU J 213 -22.82 46.35 -15.24
C GLU J 213 -23.08 47.85 -15.34
N GLU J 214 -22.57 48.47 -16.41
CA GLU J 214 -22.80 49.90 -16.60
C GLU J 214 -24.27 50.20 -16.83
N MET J 215 -25.01 49.29 -17.48
CA MET J 215 -26.43 49.51 -17.70
C MET J 215 -27.21 49.42 -16.39
N MET J 216 -26.88 48.46 -15.53
CA MET J 216 -27.60 48.31 -14.27
C MET J 216 -27.24 49.42 -13.28
N THR J 217 -25.97 49.85 -13.28
CA THR J 217 -25.57 50.95 -12.40
C THR J 217 -26.27 52.25 -12.79
N ALA J 218 -26.46 52.46 -14.10
CA ALA J 218 -27.12 53.69 -14.56
C ALA J 218 -28.60 53.70 -14.21
N CYS J 219 -29.25 52.54 -14.23
CA CYS J 219 -30.69 52.45 -13.99
C CYS J 219 -31.02 51.99 -12.58
N GLN J 220 -30.15 52.29 -11.61
CA GLN J 220 -30.38 51.89 -10.23
C GLN J 220 -31.45 52.76 -9.59
N PRO K 2 -12.65 17.94 -8.89
CA PRO K 2 -11.37 18.64 -8.74
C PRO K 2 -10.17 17.72 -8.94
N ILE K 3 -8.97 18.28 -8.75
CA ILE K 3 -7.73 17.52 -8.86
C ILE K 3 -7.03 17.63 -7.51
N VAL K 4 -7.02 16.54 -6.76
CA VAL K 4 -6.41 16.49 -5.44
C VAL K 4 -5.35 15.39 -5.42
N GLN K 5 -4.60 15.37 -4.33
CA GLN K 5 -3.54 14.38 -4.14
C GLN K 5 -4.09 13.18 -3.38
N ASN K 6 -3.76 11.98 -3.85
CA ASN K 6 -4.14 10.76 -3.17
C ASN K 6 -3.54 10.73 -1.76
N LEU K 7 -3.93 9.70 -1.01
CA LEU K 7 -3.24 9.44 0.25
C LEU K 7 -1.91 8.73 0.04
N GLN K 8 -1.44 8.73 -1.22
CA GLN K 8 -0.17 8.14 -1.58
C GLN K 8 0.81 9.14 -2.20
N GLY K 9 0.32 10.26 -2.72
CA GLY K 9 1.18 11.26 -3.31
C GLY K 9 1.14 11.29 -4.83
N GLN K 10 -0.06 11.23 -5.41
CA GLN K 10 -0.24 11.37 -6.85
C GLN K 10 -1.44 12.27 -7.09
N MET K 11 -1.39 13.02 -8.18
CA MET K 11 -2.48 13.93 -8.56
C MET K 11 -3.54 13.16 -9.35
N VAL K 12 -4.73 13.06 -8.77
CA VAL K 12 -5.81 12.27 -9.33
C VAL K 12 -7.05 13.14 -9.45
N HIS K 13 -7.89 12.84 -10.43
CA HIS K 13 -9.14 13.56 -10.65
C HIS K 13 -10.26 12.89 -9.86
N GLN K 14 -11.06 13.70 -9.17
CA GLN K 14 -12.22 13.22 -8.45
C GLN K 14 -13.45 14.02 -8.86
N CYS K 15 -14.62 13.44 -8.62
CA CYS K 15 -15.86 14.13 -8.88
C CYS K 15 -16.14 15.17 -7.79
N ILE K 16 -16.98 16.14 -8.13
CA ILE K 16 -17.43 17.09 -7.12
C ILE K 16 -18.39 16.37 -6.17
N SER K 17 -18.14 16.51 -4.87
CA SER K 17 -18.97 15.82 -3.90
C SER K 17 -20.37 16.42 -3.86
N PRO K 18 -21.40 15.60 -3.62
CA PRO K 18 -22.75 16.15 -3.44
C PRO K 18 -22.86 17.15 -2.31
N ARG K 19 -21.96 17.08 -1.32
CA ARG K 19 -21.98 18.05 -0.23
C ARG K 19 -21.42 19.40 -0.68
N THR K 20 -20.42 19.39 -1.56
CA THR K 20 -19.88 20.64 -2.07
C THR K 20 -20.87 21.34 -2.99
N LEU K 21 -21.54 20.58 -3.86
CA LEU K 21 -22.54 21.16 -4.75
C LEU K 21 -23.67 21.80 -3.95
N ASN K 22 -24.20 21.08 -2.95
CA ASN K 22 -25.29 21.61 -2.15
C ASN K 22 -24.85 22.80 -1.32
N ALA K 23 -23.59 22.83 -0.88
CA ALA K 23 -23.10 23.94 -0.07
C ALA K 23 -23.01 25.22 -0.88
N TRP K 24 -22.52 25.13 -2.11
CA TRP K 24 -22.41 26.33 -2.94
C TRP K 24 -23.78 26.83 -3.36
N VAL K 25 -24.73 25.93 -3.59
CA VAL K 25 -26.10 26.35 -3.88
C VAL K 25 -26.73 27.00 -2.67
N LYS K 26 -26.42 26.50 -1.47
CA LYS K 26 -27.07 26.99 -0.27
C LYS K 26 -26.58 28.38 0.12
N VAL K 27 -25.28 28.64 -0.06
CA VAL K 27 -24.74 29.95 0.32
C VAL K 27 -25.26 31.03 -0.63
N VAL K 28 -25.57 30.69 -1.88
CA VAL K 28 -26.12 31.67 -2.79
C VAL K 28 -27.57 31.99 -2.42
N GLU K 29 -28.33 30.99 -2.00
CA GLU K 29 -29.72 31.21 -1.66
C GLU K 29 -29.89 31.94 -0.32
N GLU K 30 -28.97 31.71 0.61
CA GLU K 30 -29.10 32.26 1.96
C GLU K 30 -28.31 33.54 2.18
N LYS K 31 -27.21 33.74 1.46
CA LYS K 31 -26.37 34.91 1.64
C LYS K 31 -26.42 35.88 0.47
N ALA K 32 -27.13 35.55 -0.60
CA ALA K 32 -27.18 36.37 -1.81
C ALA K 32 -25.77 36.65 -2.33
N PHE K 33 -25.34 37.91 -2.23
CA PHE K 33 -24.00 38.31 -2.65
C PHE K 33 -23.36 39.19 -1.59
N SER K 34 -23.45 38.75 -0.33
CA SER K 34 -22.69 39.37 0.73
C SER K 34 -21.20 39.09 0.52
N PRO K 35 -20.32 39.92 1.10
CA PRO K 35 -18.88 39.73 0.87
C PRO K 35 -18.36 38.35 1.23
N GLU K 36 -18.95 37.68 2.22
CA GLU K 36 -18.46 36.36 2.63
C GLU K 36 -18.80 35.26 1.63
N VAL K 37 -19.51 35.58 0.54
CA VAL K 37 -19.79 34.59 -0.48
C VAL K 37 -18.54 34.26 -1.29
N ILE K 38 -17.67 35.25 -1.51
CA ILE K 38 -16.49 35.07 -2.34
C ILE K 38 -15.48 34.13 -1.67
N PRO K 39 -15.09 34.33 -0.41
CA PRO K 39 -14.18 33.35 0.22
C PRO K 39 -14.81 31.98 0.37
N MET K 40 -16.14 31.90 0.43
CA MET K 40 -16.79 30.60 0.46
C MET K 40 -16.67 29.90 -0.88
N PHE K 41 -16.80 30.65 -1.98
CA PHE K 41 -16.65 30.06 -3.30
C PHE K 41 -15.23 29.58 -3.54
N SER K 42 -14.23 30.40 -3.17
CA SER K 42 -12.85 30.03 -3.40
C SER K 42 -12.48 28.76 -2.65
N ALA K 43 -13.06 28.56 -1.46
CA ALA K 43 -12.72 27.41 -0.64
C ALA K 43 -13.49 26.17 -1.05
N LEU K 44 -14.73 26.33 -1.52
CA LEU K 44 -15.50 25.20 -2.06
C LEU K 44 -15.02 24.77 -3.44
N SER K 45 -14.26 25.62 -4.14
CA SER K 45 -13.69 25.28 -5.43
C SER K 45 -12.20 24.96 -5.35
N CYS K 46 -11.74 24.51 -4.18
CA CYS K 46 -10.32 24.16 -4.02
C CYS K 46 -9.95 23.01 -4.94
N GLY K 47 -8.93 23.23 -5.77
CA GLY K 47 -8.48 22.24 -6.72
C GLY K 47 -9.38 22.04 -7.92
N ALA K 48 -10.34 22.94 -8.15
CA ALA K 48 -11.31 22.75 -9.21
C ALA K 48 -10.69 22.95 -10.58
N THR K 49 -11.24 22.22 -11.56
CA THR K 49 -10.93 22.43 -12.97
C THR K 49 -11.90 23.44 -13.55
N PRO K 50 -11.63 23.94 -14.76
CA PRO K 50 -12.62 24.81 -15.42
C PRO K 50 -14.00 24.18 -15.55
N GLN K 51 -14.06 22.87 -15.80
CA GLN K 51 -15.36 22.19 -15.88
C GLN K 51 -16.07 22.23 -14.53
N ASP K 52 -15.32 22.03 -13.44
CA ASP K 52 -15.92 22.11 -12.11
C ASP K 52 -16.44 23.51 -11.81
N LEU K 53 -15.66 24.53 -12.15
CA LEU K 53 -16.10 25.91 -11.91
C LEU K 53 -17.36 26.22 -12.70
N ASN K 54 -17.43 25.79 -13.95
CA ASN K 54 -18.65 25.97 -14.73
C ASN K 54 -19.83 25.22 -14.12
N THR K 55 -19.56 24.05 -13.52
CA THR K 55 -20.62 23.30 -12.87
C THR K 55 -21.19 24.05 -11.68
N MET K 56 -20.31 24.62 -10.85
CA MET K 56 -20.78 25.37 -9.69
C MET K 56 -21.59 26.60 -10.11
N LEU K 57 -21.11 27.33 -11.12
CA LEU K 57 -21.81 28.53 -11.55
C LEU K 57 -23.15 28.19 -12.21
N ASN K 58 -23.23 27.06 -12.90
CA ASN K 58 -24.46 26.69 -13.60
C ASN K 58 -25.54 26.17 -12.67
N THR K 59 -25.18 25.72 -11.47
CA THR K 59 -26.19 25.27 -10.52
C THR K 59 -26.86 26.43 -9.79
N VAL K 60 -26.39 27.66 -9.98
CA VAL K 60 -27.06 28.82 -9.42
C VAL K 60 -28.37 29.03 -10.18
N GLY K 61 -29.48 28.94 -9.48
CA GLY K 61 -30.79 29.04 -10.10
C GLY K 61 -31.20 30.46 -10.45
N GLY K 62 -31.17 31.35 -9.47
CA GLY K 62 -31.55 32.73 -9.66
C GLY K 62 -30.36 33.65 -9.84
N HIS K 63 -30.60 34.94 -9.61
CA HIS K 63 -29.56 35.96 -9.71
C HIS K 63 -28.90 35.94 -11.09
N GLN K 64 -29.69 35.64 -12.11
CA GLN K 64 -29.14 35.49 -13.46
C GLN K 64 -28.66 36.81 -14.04
N ALA K 65 -29.12 37.94 -13.51
CA ALA K 65 -28.52 39.22 -13.88
C ALA K 65 -27.07 39.29 -13.41
N ALA K 66 -26.81 38.84 -12.17
CA ALA K 66 -25.44 38.82 -11.66
C ALA K 66 -24.59 37.80 -12.41
N MET K 67 -25.18 36.64 -12.74
CA MET K 67 -24.42 35.61 -13.44
C MET K 67 -24.07 36.05 -14.86
N GLN K 68 -24.93 36.83 -15.51
CA GLN K 68 -24.58 37.36 -16.82
C GLN K 68 -23.46 38.40 -16.71
N MET K 69 -23.46 39.17 -15.62
CA MET K 69 -22.36 40.11 -15.38
C MET K 69 -21.05 39.36 -15.20
N LEU K 70 -21.06 38.30 -14.39
CA LEU K 70 -19.88 37.46 -14.24
C LEU K 70 -19.46 36.85 -15.57
N LYS K 71 -20.44 36.45 -16.38
CA LYS K 71 -20.15 35.87 -17.69
C LYS K 71 -19.45 36.88 -18.59
N GLU K 72 -19.83 38.15 -18.50
CA GLU K 72 -19.16 39.17 -19.31
C GLU K 72 -17.77 39.49 -18.76
N THR K 73 -17.60 39.42 -17.43
CA THR K 73 -16.27 39.62 -16.85
C THR K 73 -15.30 38.53 -17.30
N ILE K 74 -15.79 37.30 -17.40
CA ILE K 74 -14.95 36.19 -17.85
C ILE K 74 -14.50 36.39 -19.29
N ASN K 75 -15.40 36.90 -20.14
CA ASN K 75 -15.03 37.16 -21.52
C ASN K 75 -14.03 38.29 -21.64
N GLU K 76 -14.10 39.29 -20.76
CA GLU K 76 -13.10 40.36 -20.76
C GLU K 76 -11.72 39.80 -20.42
N GLU K 77 -11.64 38.96 -19.38
CA GLU K 77 -10.35 38.43 -18.96
C GLU K 77 -9.79 37.44 -19.98
N ALA K 78 -10.67 36.63 -20.60
CA ALA K 78 -10.21 35.68 -21.61
C ALA K 78 -9.65 36.42 -22.82
N ALA K 79 -10.16 37.61 -23.12
CA ALA K 79 -9.61 38.40 -24.22
C ALA K 79 -8.24 38.97 -23.86
N GLU K 80 -8.05 39.34 -22.59
CA GLU K 80 -6.74 39.83 -22.16
C GLU K 80 -5.70 38.72 -22.20
N TRP K 81 -6.05 37.53 -21.72
CA TRP K 81 -5.12 36.39 -21.77
C TRP K 81 -4.68 36.10 -23.19
N ASP K 82 -5.56 36.29 -24.17
CA ASP K 82 -5.16 36.09 -25.56
C ASP K 82 -4.21 37.18 -26.03
N ARG K 83 -4.40 38.41 -25.53
CA ARG K 83 -3.56 39.52 -25.95
C ARG K 83 -2.16 39.42 -25.36
N LEU K 84 -2.03 38.85 -24.16
CA LEU K 84 -0.74 38.76 -23.49
C LEU K 84 0.01 37.48 -23.83
N HIS K 85 -0.59 36.56 -24.59
CA HIS K 85 0.08 35.33 -24.99
C HIS K 85 -0.10 35.05 -26.49
N PRO K 86 0.25 36.02 -27.35
CA PRO K 86 -0.06 35.84 -28.78
C PRO K 86 0.75 34.74 -29.45
N MET K 97 4.53 22.63 -26.64
CA MET K 97 3.15 22.32 -26.27
C MET K 97 2.20 23.44 -26.66
N ARG K 98 1.01 23.09 -27.13
CA ARG K 98 -0.01 24.08 -27.45
C ARG K 98 -0.47 24.77 -26.17
N GLU K 99 -0.21 26.07 -26.08
CA GLU K 99 -0.56 26.81 -24.88
C GLU K 99 -2.03 27.21 -24.91
N PRO K 100 -2.68 27.23 -23.73
CA PRO K 100 -4.14 27.39 -23.71
C PRO K 100 -4.58 28.79 -24.12
N ARG K 101 -5.75 28.84 -24.76
CA ARG K 101 -6.42 30.09 -25.07
C ARG K 101 -7.30 30.52 -23.90
N GLY K 102 -7.84 31.73 -23.99
CA GLY K 102 -8.74 32.21 -22.96
C GLY K 102 -9.99 31.37 -22.86
N SER K 103 -10.52 30.91 -23.99
CA SER K 103 -11.67 30.03 -23.99
C SER K 103 -11.34 28.63 -23.48
N ASP K 104 -10.07 28.23 -23.54
CA ASP K 104 -9.66 26.96 -22.94
C ASP K 104 -9.65 27.06 -21.41
N ILE K 105 -9.28 28.22 -20.87
CA ILE K 105 -9.27 28.40 -19.43
C ILE K 105 -10.69 28.50 -18.90
N ALA K 106 -11.59 29.09 -19.68
CA ALA K 106 -12.99 29.21 -19.28
C ALA K 106 -13.78 27.91 -19.49
N GLY K 107 -13.20 26.93 -20.18
CA GLY K 107 -13.86 25.65 -20.36
C GLY K 107 -14.88 25.61 -21.46
N THR K 108 -14.85 26.54 -22.40
CA THR K 108 -15.81 26.56 -23.50
C THR K 108 -15.30 25.84 -24.74
N THR K 109 -13.99 25.80 -24.95
CA THR K 109 -13.39 25.11 -26.09
C THR K 109 -12.36 24.07 -25.68
N SER K 110 -12.32 23.70 -24.40
CA SER K 110 -11.36 22.71 -23.90
C SER K 110 -12.10 21.54 -23.27
N THR K 111 -11.55 20.35 -23.44
CA THR K 111 -12.12 19.15 -22.85
C THR K 111 -11.56 18.92 -21.45
N LEU K 112 -12.20 18.02 -20.71
CA LEU K 112 -11.72 17.67 -19.38
C LEU K 112 -10.33 17.03 -19.45
N GLN K 113 -10.03 16.31 -20.52
CA GLN K 113 -8.73 15.68 -20.65
C GLN K 113 -7.64 16.71 -20.90
N GLU K 114 -7.95 17.76 -21.67
CA GLU K 114 -7.00 18.84 -21.87
C GLU K 114 -6.80 19.65 -20.61
N GLN K 115 -7.88 19.88 -19.85
CA GLN K 115 -7.77 20.61 -18.59
C GLN K 115 -6.92 19.85 -17.59
N ILE K 116 -7.12 18.53 -17.49
CA ILE K 116 -6.33 17.71 -16.56
C ILE K 116 -4.86 17.74 -16.95
N GLY K 117 -4.56 17.71 -18.24
CA GLY K 117 -3.18 17.68 -18.69
C GLY K 117 -2.43 18.96 -18.37
N TRP K 118 -3.11 20.11 -18.49
CA TRP K 118 -2.45 21.39 -18.20
C TRP K 118 -2.10 21.51 -16.73
N MET K 119 -3.01 21.10 -15.84
CA MET K 119 -2.80 21.26 -14.40
C MET K 119 -1.82 20.25 -13.83
N THR K 120 -1.45 19.21 -14.58
CA THR K 120 -0.50 18.21 -14.11
C THR K 120 0.72 18.10 -15.04
N HIS K 121 1.03 19.15 -15.77
CA HIS K 121 2.14 19.13 -16.72
C HIS K 121 3.45 19.43 -16.01
N ASN K 122 4.57 19.38 -16.77
CA ASN K 122 5.88 19.53 -16.14
C ASN K 122 6.10 20.96 -15.64
N PRO K 123 5.97 22.01 -16.44
CA PRO K 123 5.67 23.32 -15.88
C PRO K 123 4.16 23.53 -15.86
N PRO K 124 3.51 23.27 -14.73
CA PRO K 124 2.04 23.18 -14.73
C PRO K 124 1.40 24.51 -15.06
N ILE K 125 0.52 24.49 -16.07
CA ILE K 125 -0.36 25.62 -16.37
C ILE K 125 -1.63 25.42 -15.53
N PRO K 126 -1.88 26.25 -14.52
CA PRO K 126 -3.06 26.08 -13.65
C PRO K 126 -4.30 26.79 -14.19
N VAL K 127 -4.90 26.18 -15.21
CA VAL K 127 -6.09 26.77 -15.83
C VAL K 127 -7.23 26.90 -14.82
N GLY K 128 -7.26 26.03 -13.81
CA GLY K 128 -8.29 26.14 -12.80
C GLY K 128 -8.11 27.37 -11.93
N GLU K 129 -6.88 27.66 -11.51
CA GLU K 129 -6.61 28.83 -10.69
C GLU K 129 -6.71 30.12 -11.51
N ILE K 130 -6.36 30.07 -12.79
CA ILE K 130 -6.48 31.25 -13.64
C ILE K 130 -7.95 31.57 -13.88
N TYR K 131 -8.77 30.54 -14.14
CA TYR K 131 -10.20 30.75 -14.32
C TYR K 131 -10.84 31.26 -13.03
N LYS K 132 -10.48 30.66 -11.89
CA LYS K 132 -11.05 31.09 -10.62
C LYS K 132 -10.68 32.54 -10.33
N ARG K 133 -9.47 32.96 -10.72
CA ARG K 133 -9.07 34.34 -10.51
C ARG K 133 -9.92 35.29 -11.33
N TRP K 134 -10.40 34.86 -12.50
CA TRP K 134 -11.32 35.67 -13.29
C TRP K 134 -12.71 35.68 -12.67
N ILE K 135 -13.15 34.53 -12.14
CA ILE K 135 -14.48 34.44 -11.55
C ILE K 135 -14.57 35.28 -10.28
N ILE K 136 -13.53 35.22 -9.45
CA ILE K 136 -13.48 36.04 -8.24
C ILE K 136 -13.47 37.52 -8.60
N LEU K 137 -12.79 37.88 -9.70
CA LEU K 137 -12.82 39.27 -10.15
C LEU K 137 -14.24 39.69 -10.50
N GLY K 138 -15.01 38.80 -11.13
CA GLY K 138 -16.40 39.12 -11.43
C GLY K 138 -17.28 39.13 -10.21
N LEU K 139 -16.99 38.28 -9.23
CA LEU K 139 -17.77 38.27 -8.00
C LEU K 139 -17.55 39.55 -7.19
N ASN K 140 -16.32 40.08 -7.21
CA ASN K 140 -16.06 41.35 -6.55
C ASN K 140 -16.95 42.46 -7.09
N LYS K 141 -17.15 42.49 -8.41
CA LYS K 141 -18.01 43.51 -9.01
C LYS K 141 -19.47 43.28 -8.66
N ILE K 142 -19.88 42.03 -8.47
CA ILE K 142 -21.27 41.74 -8.11
C ILE K 142 -21.55 42.19 -6.68
N VAL K 143 -20.60 41.93 -5.76
CA VAL K 143 -20.78 42.34 -4.37
C VAL K 143 -20.86 43.86 -4.26
N ARG K 144 -19.99 44.56 -4.99
CA ARG K 144 -20.02 46.02 -5.01
C ARG K 144 -21.36 46.54 -5.53
N MET K 145 -21.87 45.92 -6.59
CA MET K 145 -23.16 46.33 -7.16
C MET K 145 -24.29 46.13 -6.15
N TYR K 146 -24.30 44.98 -5.46
CA TYR K 146 -25.38 44.65 -4.55
C TYR K 146 -25.30 45.40 -3.23
N SER K 147 -24.21 46.11 -2.97
CA SER K 147 -24.12 46.92 -1.76
C SER K 147 -25.16 48.03 -1.84
N PRO K 148 -26.11 48.10 -0.90
CA PRO K 148 -27.22 49.06 -1.02
C PRO K 148 -26.78 50.51 -0.86
N THR K 149 -26.04 50.78 0.20
CA THR K 149 -25.66 52.15 0.56
C THR K 149 -24.17 52.36 0.37
N SER K 150 -23.79 53.62 0.12
CA SER K 150 -22.40 54.00 -0.01
C SER K 150 -21.79 54.23 1.38
N ILE K 151 -20.47 54.10 1.45
CA ILE K 151 -19.76 54.25 2.72
C ILE K 151 -19.89 55.69 3.24
N LEU K 152 -20.09 56.65 2.34
CA LEU K 152 -20.26 58.03 2.77
C LEU K 152 -21.60 58.25 3.47
N ASP K 153 -22.60 57.44 3.15
CA ASP K 153 -23.94 57.58 3.73
C ASP K 153 -24.15 56.68 4.95
N ILE K 154 -23.10 56.11 5.51
CA ILE K 154 -23.19 55.31 6.72
C ILE K 154 -22.92 56.25 7.90
N ARG K 155 -23.98 56.63 8.61
CA ARG K 155 -23.86 57.52 9.75
C ARG K 155 -24.52 56.90 10.97
N GLN K 156 -23.95 57.16 12.13
CA GLN K 156 -24.46 56.59 13.38
C GLN K 156 -25.77 57.28 13.75
N GLY K 157 -26.78 56.48 14.11
CA GLY K 157 -28.05 56.98 14.54
C GLY K 157 -27.93 57.73 15.85
N PRO K 158 -28.96 58.52 16.19
CA PRO K 158 -28.90 59.28 17.45
C PRO K 158 -28.80 58.39 18.69
N LYS K 159 -29.50 57.26 18.69
CA LYS K 159 -29.46 56.31 19.79
C LYS K 159 -28.83 54.97 19.39
N GLU K 160 -28.32 54.87 18.17
CA GLU K 160 -27.71 53.63 17.74
C GLU K 160 -26.41 53.39 18.50
N PRO K 161 -26.19 52.21 19.06
CA PRO K 161 -24.92 51.94 19.75
C PRO K 161 -23.74 52.03 18.78
N PHE K 162 -22.59 52.43 19.32
CA PHE K 162 -21.42 52.64 18.47
C PHE K 162 -21.01 51.35 17.77
N ARG K 163 -21.09 50.21 18.46
CA ARG K 163 -20.67 48.95 17.86
C ARG K 163 -21.55 48.57 16.68
N ASP K 164 -22.86 48.83 16.77
CA ASP K 164 -23.74 48.55 15.64
C ASP K 164 -23.46 49.47 14.48
N TYR K 165 -22.99 50.69 14.74
CA TYR K 165 -22.61 51.60 13.67
C TYR K 165 -21.32 51.15 12.99
N VAL K 166 -20.35 50.68 13.78
CA VAL K 166 -19.10 50.18 13.21
C VAL K 166 -19.33 48.91 12.42
N ASP K 167 -20.31 48.09 12.84
CA ASP K 167 -20.66 46.89 12.08
C ASP K 167 -21.10 47.25 10.68
N ARG K 168 -22.04 48.21 10.55
CA ARG K 168 -22.50 48.61 9.23
C ARG K 168 -21.42 49.35 8.46
N PHE K 169 -20.53 50.05 9.15
CA PHE K 169 -19.46 50.79 8.49
C PHE K 169 -18.52 49.84 7.76
N TYR K 170 -17.91 48.93 8.50
CA TYR K 170 -16.90 48.03 7.91
C TYR K 170 -17.52 46.96 7.02
N LYS K 171 -18.81 46.63 7.22
CA LYS K 171 -19.48 45.74 6.28
C LYS K 171 -19.64 46.42 4.92
N THR K 172 -20.08 47.68 4.93
CA THR K 172 -20.20 48.44 3.68
C THR K 172 -18.83 48.68 3.06
N LEU K 173 -17.83 49.01 3.87
CA LEU K 173 -16.49 49.26 3.36
C LEU K 173 -15.93 48.02 2.66
N ARG K 174 -16.17 46.84 3.24
CA ARG K 174 -15.65 45.61 2.63
C ARG K 174 -16.36 45.31 1.32
N ALA K 175 -17.67 45.54 1.26
CA ALA K 175 -18.42 45.29 0.03
C ALA K 175 -17.94 46.18 -1.11
N GLU K 176 -17.38 47.34 -0.79
CA GLU K 176 -16.92 48.29 -1.80
C GLU K 176 -15.49 48.02 -2.25
N GLN K 177 -14.64 47.51 -1.36
CA GLN K 177 -13.25 47.23 -1.71
C GLN K 177 -13.10 45.82 -2.27
N ASN K 184 -7.36 53.94 4.33
CA ASN K 184 -7.03 53.60 5.71
C ASN K 184 -7.13 54.82 6.62
N ALA K 185 -6.27 55.82 6.37
CA ALA K 185 -6.33 57.04 7.15
C ALA K 185 -7.63 57.79 6.90
N ALA K 186 -8.08 57.86 5.64
CA ALA K 186 -9.37 58.47 5.35
C ALA K 186 -10.51 57.63 5.90
N THR K 187 -10.33 56.31 6.00
CA THR K 187 -11.34 55.47 6.62
C THR K 187 -11.52 55.82 8.09
N GLU K 188 -10.41 55.93 8.82
CA GLU K 188 -10.49 56.29 10.24
C GLU K 188 -11.09 57.68 10.43
N THR K 189 -10.73 58.63 9.56
CA THR K 189 -11.30 59.96 9.65
C THR K 189 -12.80 59.94 9.37
N LEU K 190 -13.23 59.11 8.43
CA LEU K 190 -14.64 59.02 8.10
C LEU K 190 -15.43 58.31 9.20
N LEU K 191 -14.80 57.38 9.92
CA LEU K 191 -15.50 56.67 10.98
C LEU K 191 -15.87 57.61 12.12
N VAL K 192 -14.95 58.51 12.50
CA VAL K 192 -15.27 59.50 13.52
C VAL K 192 -16.22 60.54 12.96
N GLN K 193 -16.00 60.95 11.69
CA GLN K 193 -16.77 62.04 11.10
C GLN K 193 -18.26 61.70 11.02
N ASN K 194 -18.59 60.44 10.75
CA ASN K 194 -19.98 60.03 10.58
C ASN K 194 -20.60 59.44 11.84
N ALA K 195 -19.85 59.38 12.94
CA ALA K 195 -20.45 59.04 14.21
C ALA K 195 -21.36 60.17 14.68
N ASN K 196 -22.22 59.87 15.66
CA ASN K 196 -23.08 60.91 16.19
C ASN K 196 -22.25 61.90 17.00
N PRO K 197 -22.74 63.12 17.20
CA PRO K 197 -21.92 64.14 17.88
C PRO K 197 -21.42 63.73 19.25
N ASP K 198 -22.18 62.94 20.02
CA ASP K 198 -21.77 62.59 21.37
C ASP K 198 -20.54 61.69 21.36
N CYS K 199 -20.61 60.57 20.63
CA CYS K 199 -19.45 59.69 20.53
C CYS K 199 -18.31 60.36 19.78
N LYS K 200 -18.63 61.18 18.77
CA LYS K 200 -17.58 61.88 18.02
C LYS K 200 -16.74 62.77 18.92
N THR K 201 -17.39 63.48 19.84
CA THR K 201 -16.64 64.31 20.79
C THR K 201 -15.73 63.46 21.66
N ILE K 202 -16.22 62.30 22.09
CA ILE K 202 -15.40 61.40 22.91
C ILE K 202 -14.24 60.85 22.09
N LEU K 203 -14.48 60.53 20.83
CA LEU K 203 -13.43 60.00 19.96
C LEU K 203 -12.34 61.04 19.72
N LYS K 204 -12.73 62.25 19.33
CA LYS K 204 -11.74 63.31 19.09
C LYS K 204 -11.01 63.68 20.38
N ALA K 205 -11.68 63.57 21.53
CA ALA K 205 -11.03 63.87 22.79
C ALA K 205 -10.06 62.77 23.22
N LEU K 206 -10.18 61.58 22.64
CA LEU K 206 -9.28 60.49 23.00
C LEU K 206 -7.84 60.81 22.62
N GLY K 207 -7.64 61.36 21.41
CA GLY K 207 -6.32 61.59 20.90
C GLY K 207 -6.00 60.68 19.73
N PRO K 208 -5.13 61.12 18.83
CA PRO K 208 -4.83 60.32 17.63
C PRO K 208 -4.10 59.04 17.99
N GLY K 209 -4.03 58.15 17.01
CA GLY K 209 -3.39 56.85 17.19
C GLY K 209 -4.18 55.87 18.00
N ALA K 210 -5.48 56.12 18.23
CA ALA K 210 -6.30 55.24 19.03
C ALA K 210 -6.75 54.03 18.22
N THR K 211 -6.66 52.86 18.83
CA THR K 211 -7.13 51.63 18.20
C THR K 211 -8.65 51.56 18.25
N LEU K 212 -9.22 50.74 17.35
CA LEU K 212 -10.66 50.56 17.34
C LEU K 212 -11.16 49.99 18.67
N GLU K 213 -10.34 49.18 19.34
CA GLU K 213 -10.70 48.69 20.66
C GLU K 213 -10.90 49.84 21.63
N GLU K 214 -9.94 50.79 21.67
CA GLU K 214 -10.06 51.94 22.55
C GLU K 214 -11.24 52.82 22.15
N MET K 215 -11.52 52.91 20.85
CA MET K 215 -12.60 53.76 20.37
C MET K 215 -13.96 53.25 20.85
N MET K 216 -14.25 51.97 20.62
CA MET K 216 -15.54 51.42 21.02
C MET K 216 -15.65 51.27 22.53
N THR K 217 -14.52 51.07 23.23
CA THR K 217 -14.54 51.14 24.68
C THR K 217 -14.97 52.52 25.15
N ALA K 218 -14.47 53.57 24.47
CA ALA K 218 -14.79 54.93 24.86
C ALA K 218 -16.25 55.30 24.62
N CYS K 219 -16.93 54.61 23.70
CA CYS K 219 -18.32 54.87 23.39
C CYS K 219 -19.20 53.67 23.75
N GLN K 220 -18.88 53.02 24.87
CA GLN K 220 -19.67 51.87 25.31
C GLN K 220 -21.09 52.26 25.69
N GLY K 221 -21.25 53.37 26.40
CA GLY K 221 -22.57 53.85 26.80
C GLY K 221 -23.36 52.88 27.64
N PRO L 2 -5.54 22.42 5.35
CA PRO L 2 -4.56 22.14 6.40
C PRO L 2 -3.48 21.17 5.96
N ILE L 3 -2.51 20.90 6.84
CA ILE L 3 -1.42 19.98 6.58
C ILE L 3 -1.67 18.73 7.43
N VAL L 4 -1.90 17.61 6.79
CA VAL L 4 -2.21 16.35 7.46
C VAL L 4 -1.16 15.31 7.09
N GLN L 5 -1.21 14.17 7.77
CA GLN L 5 -0.22 13.11 7.60
C GLN L 5 -0.66 12.15 6.50
N ASN L 6 0.30 11.78 5.64
CA ASN L 6 0.03 10.87 4.53
C ASN L 6 0.29 9.43 4.97
N LEU L 7 -0.12 8.49 4.12
CA LEU L 7 0.19 7.08 4.38
C LEU L 7 1.66 6.77 4.15
N GLN L 8 2.40 7.67 3.49
CA GLN L 8 3.83 7.55 3.32
C GLN L 8 4.60 8.35 4.35
N GLY L 9 3.95 8.80 5.41
CA GLY L 9 4.62 9.52 6.46
C GLY L 9 4.96 10.96 6.15
N GLN L 10 4.55 11.47 4.99
CA GLN L 10 4.85 12.83 4.57
C GLN L 10 3.69 13.75 4.91
N MET L 11 3.99 14.93 5.47
CA MET L 11 2.98 15.92 5.76
C MET L 11 2.62 16.64 4.46
N VAL L 12 1.38 16.47 3.99
CA VAL L 12 0.93 16.99 2.71
C VAL L 12 -0.23 17.96 2.95
N HIS L 13 -0.48 18.79 1.94
CA HIS L 13 -1.55 19.76 2.01
C HIS L 13 -2.88 19.15 1.62
N GLN L 14 -3.95 19.65 2.24
CA GLN L 14 -5.30 19.17 1.99
C GLN L 14 -6.24 20.36 1.93
N CYS L 15 -7.20 20.32 1.02
CA CYS L 15 -8.22 21.36 0.96
C CYS L 15 -9.04 21.36 2.25
N ILE L 16 -9.40 22.56 2.71
CA ILE L 16 -10.26 22.66 3.88
C ILE L 16 -11.64 22.10 3.53
N SER L 17 -12.27 21.43 4.50
CA SER L 17 -13.45 20.71 4.08
C SER L 17 -14.70 21.59 4.18
N PRO L 18 -15.69 21.32 3.33
CA PRO L 18 -16.95 22.07 3.42
C PRO L 18 -17.62 21.97 4.79
N ARG L 19 -17.56 20.80 5.42
CA ARG L 19 -18.16 20.65 6.73
C ARG L 19 -17.43 21.49 7.78
N THR L 20 -16.09 21.56 7.69
CA THR L 20 -15.34 22.39 8.61
C THR L 20 -15.68 23.87 8.44
N LEU L 21 -15.78 24.33 7.20
CA LEU L 21 -16.16 25.71 6.94
C LEU L 21 -17.55 26.02 7.47
N ASN L 22 -18.53 25.17 7.15
CA ASN L 22 -19.89 25.40 7.60
C ASN L 22 -19.98 25.40 9.11
N ALA L 23 -19.21 24.52 9.77
CA ALA L 23 -19.24 24.44 11.22
C ALA L 23 -18.75 25.74 11.85
N TRP L 24 -17.71 26.36 11.29
CA TRP L 24 -17.21 27.62 11.83
C TRP L 24 -18.17 28.77 11.55
N VAL L 25 -18.90 28.72 10.44
CA VAL L 25 -19.91 29.75 10.18
C VAL L 25 -21.08 29.60 11.14
N LYS L 26 -21.45 28.36 11.47
CA LYS L 26 -22.61 28.14 12.33
C LYS L 26 -22.34 28.63 13.75
N VAL L 27 -21.15 28.35 14.29
CA VAL L 27 -20.87 28.70 15.68
C VAL L 27 -20.83 30.21 15.86
N VAL L 28 -20.36 30.95 14.85
CA VAL L 28 -20.37 32.41 14.96
C VAL L 28 -21.79 32.95 14.86
N GLU L 29 -22.61 32.38 13.97
CA GLU L 29 -23.98 32.86 13.82
C GLU L 29 -24.83 32.54 15.04
N GLU L 30 -24.58 31.41 15.69
CA GLU L 30 -25.41 30.95 16.79
C GLU L 30 -24.90 31.45 18.14
N LYS L 31 -23.59 31.48 18.35
CA LYS L 31 -23.01 31.82 19.65
C LYS L 31 -22.38 33.20 19.69
N ALA L 32 -22.38 33.94 18.57
CA ALA L 32 -21.72 35.24 18.48
C ALA L 32 -20.27 35.14 18.94
N PHE L 33 -19.97 35.75 20.09
CA PHE L 33 -18.63 35.68 20.66
C PHE L 33 -18.70 35.33 22.14
N SER L 34 -19.51 34.32 22.45
CA SER L 34 -19.47 33.71 23.77
C SER L 34 -18.11 33.05 23.97
N PRO L 35 -17.66 32.90 25.22
CA PRO L 35 -16.30 32.37 25.45
C PRO L 35 -16.02 31.02 24.79
N GLU L 36 -17.05 30.19 24.59
CA GLU L 36 -16.82 28.88 24.01
C GLU L 36 -16.52 28.92 22.51
N VAL L 37 -16.61 30.09 21.88
CA VAL L 37 -16.31 30.20 20.46
C VAL L 37 -14.81 30.00 20.22
N ILE L 38 -13.98 30.47 21.14
CA ILE L 38 -12.52 30.41 20.97
C ILE L 38 -12.01 28.97 20.96
N PRO L 39 -12.37 28.11 21.92
CA PRO L 39 -11.92 26.72 21.81
C PRO L 39 -12.47 26.00 20.59
N MET L 40 -13.67 26.39 20.13
CA MET L 40 -14.21 25.79 18.91
C MET L 40 -13.41 26.21 17.69
N PHE L 41 -12.96 27.46 17.64
CA PHE L 41 -12.13 27.92 16.54
C PHE L 41 -10.78 27.20 16.53
N SER L 42 -10.17 27.05 17.70
CA SER L 42 -8.84 26.46 17.77
C SER L 42 -8.85 25.00 17.32
N ALA L 43 -9.96 24.31 17.51
CA ALA L 43 -10.07 22.90 17.12
C ALA L 43 -10.52 22.72 15.68
N LEU L 44 -11.37 23.62 15.16
CA LEU L 44 -11.72 23.57 13.76
C LEU L 44 -10.57 24.01 12.86
N SER L 45 -9.60 24.74 13.39
CA SER L 45 -8.43 25.19 12.65
C SER L 45 -7.21 24.31 12.91
N CYS L 46 -7.43 23.08 13.36
CA CYS L 46 -6.33 22.17 13.64
C CYS L 46 -5.57 21.82 12.36
N GLY L 47 -4.28 22.14 12.34
CA GLY L 47 -3.45 21.90 11.17
C GLY L 47 -3.51 22.98 10.11
N ALA L 48 -4.19 24.08 10.38
CA ALA L 48 -4.47 25.07 9.34
C ALA L 48 -3.22 25.84 8.94
N THR L 49 -3.14 26.18 7.67
CA THR L 49 -2.15 27.11 7.16
C THR L 49 -2.65 28.54 7.39
N PRO L 50 -1.77 29.54 7.23
CA PRO L 50 -2.27 30.93 7.27
C PRO L 50 -3.36 31.20 6.27
N GLN L 51 -3.30 30.56 5.10
CA GLN L 51 -4.37 30.74 4.11
C GLN L 51 -5.69 30.17 4.61
N ASP L 52 -5.65 29.01 5.28
CA ASP L 52 -6.87 28.44 5.84
C ASP L 52 -7.45 29.32 6.94
N LEU L 53 -6.58 29.92 7.76
CA LEU L 53 -7.07 30.78 8.83
C LEU L 53 -7.74 32.02 8.27
N ASN L 54 -7.14 32.62 7.23
CA ASN L 54 -7.76 33.77 6.58
C ASN L 54 -9.09 33.40 5.93
N THR L 55 -9.19 32.17 5.40
CA THR L 55 -10.44 31.72 4.80
C THR L 55 -11.56 31.66 5.84
N MET L 56 -11.26 31.07 7.01
CA MET L 56 -12.26 30.96 8.06
C MET L 56 -12.69 32.33 8.57
N LEU L 57 -11.74 33.24 8.78
CA LEU L 57 -12.09 34.58 9.23
C LEU L 57 -12.90 35.33 8.19
N ASN L 58 -12.64 35.08 6.89
CA ASN L 58 -13.35 35.79 5.85
C ASN L 58 -14.79 35.31 5.68
N THR L 59 -15.07 34.06 6.04
CA THR L 59 -16.44 33.55 5.92
C THR L 59 -17.36 34.08 7.01
N VAL L 60 -16.81 34.76 8.03
CA VAL L 60 -17.65 35.38 9.04
C VAL L 60 -18.48 36.47 8.38
N GLY L 61 -19.81 36.37 8.53
CA GLY L 61 -20.71 37.34 7.95
C GLY L 61 -20.59 38.71 8.58
N GLY L 62 -21.52 39.05 9.46
CA GLY L 62 -21.48 40.33 10.16
C GLY L 62 -20.37 40.41 11.18
N HIS L 63 -20.63 41.11 12.29
CA HIS L 63 -19.64 41.30 13.35
C HIS L 63 -18.35 41.91 12.80
N GLN L 64 -18.46 42.71 11.74
CA GLN L 64 -17.27 43.26 11.11
C GLN L 64 -16.54 44.26 11.99
N ALA L 65 -17.20 44.79 13.02
CA ALA L 65 -16.50 45.61 14.01
C ALA L 65 -15.51 44.77 14.80
N ALA L 66 -15.95 43.59 15.24
CA ALA L 66 -15.04 42.67 15.93
C ALA L 66 -13.97 42.14 15.00
N MET L 67 -14.34 41.86 13.74
CA MET L 67 -13.36 41.36 12.78
C MET L 67 -12.29 42.40 12.47
N GLN L 68 -12.69 43.66 12.36
CA GLN L 68 -11.72 44.74 12.16
C GLN L 68 -10.80 44.84 13.36
N MET L 69 -11.34 44.67 14.58
CA MET L 69 -10.51 44.67 15.77
C MET L 69 -9.56 43.48 15.80
N LEU L 70 -10.01 42.33 15.28
CA LEU L 70 -9.12 41.19 15.11
C LEU L 70 -8.00 41.51 14.12
N LYS L 71 -8.33 42.24 13.05
CA LYS L 71 -7.34 42.61 12.04
C LYS L 71 -6.27 43.53 12.63
N GLU L 72 -6.68 44.42 13.54
CA GLU L 72 -5.71 45.33 14.15
C GLU L 72 -4.83 44.59 15.16
N THR L 73 -5.39 43.64 15.89
CA THR L 73 -4.59 42.83 16.81
C THR L 73 -3.53 42.04 16.06
N ILE L 74 -3.87 41.52 14.87
CA ILE L 74 -2.90 40.79 14.07
C ILE L 74 -1.76 41.71 13.63
N ASN L 75 -2.08 42.98 13.33
CA ASN L 75 -1.03 43.93 12.94
C ASN L 75 -0.10 44.20 14.11
N GLU L 76 -0.64 44.33 15.33
CA GLU L 76 0.20 44.55 16.49
C GLU L 76 1.16 43.39 16.72
N GLU L 77 0.66 42.16 16.59
CA GLU L 77 1.50 40.99 16.82
C GLU L 77 2.50 40.79 15.68
N ALA L 78 2.11 41.13 14.46
CA ALA L 78 3.03 41.02 13.32
C ALA L 78 4.15 42.05 13.44
N ALA L 79 3.83 43.28 13.86
CA ALA L 79 4.86 44.28 14.07
C ALA L 79 5.78 43.90 15.23
N GLU L 80 5.21 43.29 16.28
CA GLU L 80 6.02 42.84 17.41
C GLU L 80 6.93 41.70 17.00
N TRP L 81 6.44 40.81 16.12
CA TRP L 81 7.29 39.75 15.59
C TRP L 81 8.46 40.31 14.79
N ASP L 82 8.26 41.45 14.12
CA ASP L 82 9.34 42.00 13.30
C ASP L 82 10.46 42.56 14.15
N ARG L 83 10.15 43.30 15.20
CA ARG L 83 11.20 43.91 16.02
C ARG L 83 11.88 42.91 16.93
N LEU L 84 11.21 41.79 17.25
CA LEU L 84 11.84 40.73 18.02
C LEU L 84 12.63 39.75 17.15
N HIS L 85 12.37 39.74 15.84
CA HIS L 85 13.13 38.98 14.86
C HIS L 85 13.63 39.97 13.82
N PRO L 86 14.74 40.65 14.09
CA PRO L 86 15.19 41.70 13.17
C PRO L 86 15.76 41.13 11.88
N VAL L 87 15.57 41.88 10.78
CA VAL L 87 16.13 41.52 9.50
C VAL L 87 17.57 42.03 9.43
N HIS L 88 18.52 41.20 9.85
CA HIS L 88 19.92 41.60 9.93
C HIS L 88 20.71 41.01 8.77
N ALA L 89 21.83 41.67 8.47
CA ALA L 89 22.71 41.23 7.39
C ALA L 89 23.84 40.39 8.00
N GLY L 90 24.90 40.19 7.22
CA GLY L 90 26.00 39.34 7.64
C GLY L 90 26.15 38.14 6.74
N PRO L 91 27.31 37.47 6.80
CA PRO L 91 27.54 36.30 5.93
C PRO L 91 26.46 35.24 6.04
N ILE L 92 25.67 35.12 4.97
CA ILE L 92 24.58 34.16 4.92
C ILE L 92 25.13 32.81 4.45
N ALA L 93 24.92 31.78 5.26
CA ALA L 93 25.30 30.44 4.85
C ALA L 93 24.59 30.07 3.56
N PRO L 94 25.24 29.28 2.69
CA PRO L 94 24.66 29.04 1.35
C PRO L 94 23.23 28.52 1.38
N GLY L 95 22.87 27.68 2.34
CA GLY L 95 21.53 27.13 2.40
C GLY L 95 20.67 27.70 3.51
N GLN L 96 20.97 28.93 3.93
CA GLN L 96 20.18 29.58 4.98
C GLN L 96 18.76 29.85 4.48
N MET L 97 17.78 29.29 5.17
CA MET L 97 16.39 29.45 4.77
C MET L 97 15.91 30.86 5.11
N ARG L 98 15.05 31.39 4.24
CA ARG L 98 14.46 32.72 4.44
C ARG L 98 13.37 32.62 5.49
N GLU L 99 13.62 33.18 6.67
CA GLU L 99 12.66 33.15 7.75
C GLU L 99 11.52 34.13 7.47
N PRO L 100 10.34 33.88 8.03
CA PRO L 100 9.17 34.68 7.66
C PRO L 100 9.10 36.01 8.40
N ARG L 101 8.58 37.01 7.69
CA ARG L 101 8.19 38.27 8.29
C ARG L 101 6.86 38.12 9.02
N GLY L 102 6.46 39.19 9.71
CA GLY L 102 5.15 39.19 10.35
C GLY L 102 4.03 39.09 9.33
N SER L 103 4.20 39.72 8.17
CA SER L 103 3.20 39.67 7.12
C SER L 103 3.18 38.32 6.40
N ASP L 104 4.25 37.54 6.53
CA ASP L 104 4.25 36.18 5.99
C ASP L 104 3.43 35.23 6.86
N ILE L 105 3.57 35.35 8.18
CA ILE L 105 2.80 34.51 9.09
C ILE L 105 1.31 34.78 8.94
N ALA L 106 0.95 36.05 8.75
CA ALA L 106 -0.45 36.44 8.59
C ALA L 106 -0.99 36.17 7.19
N GLY L 107 -0.14 35.71 6.27
CA GLY L 107 -0.62 35.34 4.95
C GLY L 107 -0.89 36.47 3.99
N THR L 108 -0.38 37.68 4.26
CA THR L 108 -0.57 38.79 3.35
C THR L 108 0.51 38.86 2.28
N THR L 109 1.74 38.47 2.61
CA THR L 109 2.87 38.54 1.68
C THR L 109 3.49 37.18 1.40
N SER L 110 2.76 36.10 1.68
CA SER L 110 3.29 34.74 1.51
C SER L 110 2.31 33.91 0.70
N THR L 111 2.84 33.10 -0.21
CA THR L 111 2.03 32.17 -0.98
C THR L 111 1.79 30.90 -0.17
N LEU L 112 0.86 30.08 -0.66
CA LEU L 112 0.59 28.80 0.00
C LEU L 112 1.82 27.91 -0.02
N GLN L 113 2.58 27.94 -1.10
CA GLN L 113 3.78 27.12 -1.19
C GLN L 113 4.80 27.53 -0.14
N GLU L 114 5.02 28.83 0.04
CA GLU L 114 5.94 29.30 1.06
C GLU L 114 5.47 28.93 2.46
N GLN L 115 4.16 29.02 2.70
CA GLN L 115 3.61 28.64 4.00
C GLN L 115 3.85 27.17 4.30
N ILE L 116 3.68 26.30 3.29
CA ILE L 116 3.92 24.88 3.48
C ILE L 116 5.41 24.62 3.67
N GLY L 117 6.26 25.35 2.95
CA GLY L 117 7.70 25.17 3.09
C GLY L 117 8.21 25.48 4.48
N TRP L 118 7.56 26.41 5.18
CA TRP L 118 7.93 26.69 6.56
C TRP L 118 7.37 25.64 7.52
N MET L 119 6.13 25.21 7.30
CA MET L 119 5.48 24.29 8.22
C MET L 119 6.05 22.88 8.13
N THR L 120 6.73 22.53 7.03
CA THR L 120 7.26 21.19 6.84
C THR L 120 8.79 21.18 6.74
N HIS L 121 9.46 22.18 7.28
CA HIS L 121 10.90 22.29 7.18
C HIS L 121 11.58 21.52 8.33
N ASN L 122 12.90 21.40 8.23
CA ASN L 122 13.72 20.71 9.23
C ASN L 122 14.87 21.63 9.63
N PRO L 123 14.77 22.31 10.78
CA PRO L 123 13.66 22.33 11.74
C PRO L 123 12.51 23.20 11.26
N PRO L 124 11.27 22.88 11.63
CA PRO L 124 10.13 23.61 11.09
C PRO L 124 9.88 24.94 11.79
N ILE L 125 9.22 25.82 11.06
CA ILE L 125 8.71 27.08 11.59
C ILE L 125 7.19 27.06 11.44
N PRO L 126 6.45 26.82 12.53
CA PRO L 126 4.97 26.66 12.45
C PRO L 126 4.23 27.97 12.29
N VAL L 127 4.26 28.52 11.08
CA VAL L 127 3.63 29.81 10.82
C VAL L 127 2.12 29.73 11.00
N GLY L 128 1.54 28.55 10.83
CA GLY L 128 0.11 28.40 11.09
C GLY L 128 -0.23 28.45 12.56
N GLU L 129 0.64 27.88 13.40
CA GLU L 129 0.42 27.92 14.84
C GLU L 129 0.73 29.30 15.41
N ILE L 130 1.74 29.98 14.87
CA ILE L 130 2.05 31.34 15.30
C ILE L 130 0.88 32.27 14.97
N TYR L 131 0.36 32.16 13.74
CA TYR L 131 -0.78 32.98 13.34
C TYR L 131 -2.00 32.65 14.18
N LYS L 132 -2.26 31.36 14.42
CA LYS L 132 -3.40 30.98 15.24
C LYS L 132 -3.30 31.57 16.65
N ARG L 133 -2.08 31.70 17.17
CA ARG L 133 -1.91 32.31 18.48
C ARG L 133 -2.29 33.79 18.45
N TRP L 134 -1.90 34.50 17.38
CA TRP L 134 -2.28 35.90 17.24
C TRP L 134 -3.79 36.05 17.12
N ILE L 135 -4.44 35.15 16.39
CA ILE L 135 -5.88 35.25 16.19
C ILE L 135 -6.63 34.99 17.50
N ILE L 136 -6.13 34.04 18.30
CA ILE L 136 -6.79 33.74 19.58
C ILE L 136 -6.64 34.90 20.54
N LEU L 137 -5.48 35.56 20.54
CA LEU L 137 -5.30 36.74 21.40
C LEU L 137 -6.22 37.86 20.99
N GLY L 138 -6.65 37.90 19.73
CA GLY L 138 -7.61 38.87 19.28
C GLY L 138 -9.02 38.47 19.63
N LEU L 139 -9.31 37.16 19.56
CA LEU L 139 -10.63 36.67 19.93
C LEU L 139 -10.90 36.85 21.43
N ASN L 140 -9.86 36.74 22.25
CA ASN L 140 -10.02 36.99 23.68
C ASN L 140 -10.46 38.43 23.95
N LYS L 141 -9.87 39.38 23.21
CA LYS L 141 -10.28 40.78 23.33
C LYS L 141 -11.74 40.95 22.93
N ILE L 142 -12.18 40.25 21.89
CA ILE L 142 -13.55 40.40 21.40
C ILE L 142 -14.55 39.86 22.42
N VAL L 143 -14.23 38.72 23.04
CA VAL L 143 -15.14 38.10 24.00
C VAL L 143 -15.35 39.01 25.20
N ARG L 144 -14.29 39.70 25.64
CA ARG L 144 -14.43 40.64 26.74
C ARG L 144 -15.26 41.85 26.33
N MET L 145 -15.01 42.38 25.13
CA MET L 145 -15.79 43.51 24.63
C MET L 145 -17.27 43.16 24.52
N TYR L 146 -17.58 41.93 24.10
CA TYR L 146 -18.94 41.48 23.93
C TYR L 146 -19.60 41.06 25.23
N SER L 147 -18.87 41.03 26.34
CA SER L 147 -19.45 40.67 27.63
C SER L 147 -20.39 41.78 28.08
N PRO L 148 -21.70 41.53 28.20
CA PRO L 148 -22.65 42.63 28.44
C PRO L 148 -22.66 43.16 29.87
N THR L 149 -22.00 42.48 30.82
CA THR L 149 -22.05 42.90 32.21
C THR L 149 -20.70 42.64 32.87
N SER L 150 -20.29 43.56 33.74
CA SER L 150 -19.06 43.40 34.51
C SER L 150 -19.27 42.38 35.63
N ILE L 151 -18.15 41.86 36.14
CA ILE L 151 -18.21 40.86 37.20
C ILE L 151 -18.71 41.44 38.51
N LEU L 152 -18.60 42.76 38.69
CA LEU L 152 -19.08 43.37 39.92
C LEU L 152 -20.59 43.58 39.93
N ASP L 153 -21.25 43.49 38.77
CA ASP L 153 -22.67 43.76 38.66
C ASP L 153 -23.51 42.49 38.59
N ILE L 154 -22.89 41.32 38.76
CA ILE L 154 -23.62 40.05 38.76
C ILE L 154 -24.10 39.80 40.19
N ARG L 155 -25.35 40.16 40.47
CA ARG L 155 -25.91 40.07 41.80
C ARG L 155 -27.07 39.11 41.80
N GLN L 156 -27.11 38.23 42.80
CA GLN L 156 -28.20 37.27 42.91
C GLN L 156 -29.50 37.98 43.22
N GLY L 157 -30.54 37.67 42.45
CA GLY L 157 -31.85 38.25 42.66
C GLY L 157 -32.50 37.76 43.93
N PRO L 158 -33.64 38.35 44.29
CA PRO L 158 -34.34 37.93 45.52
C PRO L 158 -34.82 36.49 45.46
N LYS L 159 -35.49 36.12 44.37
CA LYS L 159 -36.03 34.78 44.20
C LYS L 159 -35.23 33.98 43.18
N GLU L 160 -33.98 34.35 42.93
CA GLU L 160 -33.17 33.60 41.96
C GLU L 160 -32.43 32.47 42.67
N PRO L 161 -32.51 31.24 42.16
CA PRO L 161 -31.76 30.15 42.78
C PRO L 161 -30.26 30.39 42.72
N PHE L 162 -29.55 29.83 43.71
CA PHE L 162 -28.10 30.04 43.79
C PHE L 162 -27.39 29.47 42.57
N ARG L 163 -27.94 28.41 41.97
CA ARG L 163 -27.30 27.81 40.80
C ARG L 163 -27.31 28.76 39.62
N ASP L 164 -28.45 29.39 39.34
CA ASP L 164 -28.53 30.35 38.24
C ASP L 164 -27.63 31.54 38.47
N TYR L 165 -27.43 31.93 39.73
CA TYR L 165 -26.54 33.05 40.04
C TYR L 165 -25.10 32.70 39.76
N VAL L 166 -24.67 31.50 40.19
CA VAL L 166 -23.28 31.08 39.95
C VAL L 166 -23.06 30.83 38.46
N ASP L 167 -24.10 30.34 37.76
CA ASP L 167 -23.99 30.17 36.31
C ASP L 167 -23.62 31.47 35.62
N ARG L 168 -24.35 32.54 35.93
CA ARG L 168 -24.04 33.84 35.34
C ARG L 168 -22.72 34.40 35.87
N PHE L 169 -22.38 34.10 37.11
CA PHE L 169 -21.15 34.62 37.70
C PHE L 169 -19.92 34.12 36.95
N TYR L 170 -19.80 32.80 36.79
CA TYR L 170 -18.62 32.24 36.17
C TYR L 170 -18.65 32.36 34.65
N LYS L 171 -19.83 32.44 34.05
CA LYS L 171 -19.90 32.75 32.62
C LYS L 171 -19.34 34.15 32.35
N THR L 172 -19.68 35.11 33.21
CA THR L 172 -19.13 36.46 33.09
C THR L 172 -17.63 36.47 33.42
N LEU L 173 -17.23 35.76 34.46
CA LEU L 173 -15.82 35.73 34.84
C LEU L 173 -14.96 35.13 33.73
N ARG L 174 -15.49 34.12 33.04
CA ARG L 174 -14.73 33.49 31.96
C ARG L 174 -14.57 34.44 30.78
N ALA L 175 -15.62 35.21 30.47
CA ALA L 175 -15.55 36.15 29.35
C ALA L 175 -14.59 37.30 29.60
N GLU L 176 -14.29 37.62 30.86
CA GLU L 176 -13.39 38.72 31.18
C GLU L 176 -11.95 38.31 31.37
N GLN L 177 -11.68 37.10 31.86
CA GLN L 177 -10.32 36.61 31.98
C GLN L 177 -9.90 35.87 30.71
N ALA L 186 -10.31 35.91 46.46
CA ALA L 186 -10.58 36.98 45.51
C ALA L 186 -11.94 36.79 44.85
N THR L 187 -12.04 35.83 43.93
CA THR L 187 -13.30 35.57 43.26
C THR L 187 -14.30 34.92 44.21
N GLU L 188 -13.84 34.13 45.16
CA GLU L 188 -14.75 33.52 46.12
C GLU L 188 -15.36 34.56 47.05
N THR L 189 -14.62 35.62 47.36
CA THR L 189 -15.18 36.67 48.22
C THR L 189 -16.23 37.46 47.48
N LEU L 190 -16.01 37.73 46.19
CA LEU L 190 -17.03 38.43 45.40
C LEU L 190 -18.27 37.56 45.21
N LEU L 191 -18.09 36.25 45.10
CA LEU L 191 -19.23 35.35 44.92
C LEU L 191 -20.14 35.37 46.15
N VAL L 192 -19.55 35.31 47.35
CA VAL L 192 -20.37 35.35 48.56
C VAL L 192 -20.91 36.75 48.80
N GLN L 193 -20.15 37.78 48.41
CA GLN L 193 -20.55 39.15 48.73
C GLN L 193 -21.79 39.56 47.96
N ASN L 194 -21.90 39.14 46.70
CA ASN L 194 -22.98 39.58 45.82
C ASN L 194 -24.15 38.60 45.77
N ALA L 195 -24.20 37.64 46.69
CA ALA L 195 -25.41 36.86 46.87
C ALA L 195 -26.39 37.62 47.74
N ASN L 196 -27.67 37.24 47.66
CA ASN L 196 -28.68 37.89 48.48
C ASN L 196 -28.40 37.60 49.96
N PRO L 197 -28.88 38.46 50.86
CA PRO L 197 -28.45 38.35 52.27
C PRO L 197 -28.83 37.03 52.94
N ASP L 198 -30.03 36.50 52.67
CA ASP L 198 -30.47 35.31 53.40
C ASP L 198 -29.65 34.09 53.05
N CYS L 199 -29.21 33.96 51.79
CA CYS L 199 -28.31 32.86 51.43
C CYS L 199 -26.87 33.17 51.81
N LYS L 200 -26.46 34.44 51.68
CA LYS L 200 -25.09 34.81 52.01
C LYS L 200 -24.73 34.48 53.45
N THR L 201 -25.70 34.59 54.36
CA THR L 201 -25.46 34.25 55.75
C THR L 201 -25.02 32.79 55.89
N ILE L 202 -25.63 31.90 55.11
CA ILE L 202 -25.26 30.49 55.15
C ILE L 202 -23.85 30.25 54.61
N LEU L 203 -23.35 31.15 53.76
CA LEU L 203 -21.98 31.02 53.27
C LEU L 203 -20.97 31.40 54.35
N LYS L 204 -21.17 32.55 55.01
CA LYS L 204 -20.32 32.89 56.13
C LYS L 204 -20.50 31.91 57.29
N ALA L 205 -21.71 31.36 57.44
CA ALA L 205 -21.94 30.36 58.47
C ALA L 205 -21.26 29.04 58.13
N LEU L 206 -21.12 28.74 56.85
CA LEU L 206 -20.31 27.60 56.42
C LEU L 206 -18.82 27.84 56.67
N GLY L 207 -18.43 29.08 56.96
CA GLY L 207 -17.05 29.40 57.23
C GLY L 207 -16.25 29.49 55.95
N PRO L 208 -14.94 29.65 56.08
CA PRO L 208 -14.07 29.70 54.90
C PRO L 208 -13.67 28.30 54.44
N GLY L 209 -13.04 28.26 53.27
CA GLY L 209 -12.55 27.00 52.72
C GLY L 209 -13.60 26.10 52.14
N ALA L 210 -14.83 26.59 51.96
CA ALA L 210 -15.91 25.77 51.45
C ALA L 210 -15.80 25.62 49.93
N THR L 211 -15.91 24.38 49.45
CA THR L 211 -15.91 24.13 48.02
C THR L 211 -17.18 24.69 47.38
N LEU L 212 -17.17 24.81 46.05
CA LEU L 212 -18.38 25.23 45.36
C LEU L 212 -19.48 24.20 45.48
N GLU L 213 -19.12 22.92 45.68
CA GLU L 213 -20.13 21.89 45.91
C GLU L 213 -20.81 22.10 47.25
N GLU L 214 -20.04 22.20 48.33
CA GLU L 214 -20.61 22.56 49.62
C GLU L 214 -21.29 23.92 49.57
N MET L 215 -20.89 24.77 48.63
CA MET L 215 -21.46 26.11 48.54
C MET L 215 -22.86 26.06 47.95
N MET L 216 -23.06 25.30 46.87
CA MET L 216 -24.34 25.25 46.19
C MET L 216 -25.35 24.35 46.89
N THR L 217 -24.89 23.39 47.70
CA THR L 217 -25.82 22.57 48.47
C THR L 217 -26.49 23.38 49.57
N ALA L 218 -25.74 24.32 50.17
CA ALA L 218 -26.27 25.07 51.31
C ALA L 218 -27.45 25.94 50.90
N CYS L 219 -27.37 26.60 49.75
CA CYS L 219 -28.45 27.45 49.25
C CYS L 219 -29.28 26.77 48.17
N GLN L 220 -29.38 25.45 48.21
CA GLN L 220 -30.16 24.73 47.20
C GLN L 220 -31.65 24.96 47.37
N GLY L 221 -32.12 25.10 48.62
CA GLY L 221 -33.52 25.34 48.88
C GLY L 221 -33.81 26.74 49.41
#